data_6K8T
#
_entry.id   6K8T
#
_cell.length_a   110.472
_cell.length_b   116.244
_cell.length_c   134.093
_cell.angle_alpha   90.000
_cell.angle_beta   90.000
_cell.angle_gamma   90.000
#
_symmetry.space_group_name_H-M   'P 21 21 21'
#
loop_
_entity.id
_entity.type
_entity.pdbx_description
1 polymer 'NAD-dependent epimerase/dehydratase:Short-chain dehydrogenase/reductase SDR'
2 non-polymer 'COENZYME A'
3 non-polymer GLYCEROL
4 non-polymer 'SULFATE ION'
5 water water
#
_entity_poly.entity_id   1
_entity_poly.type   'polypeptide(L)'
_entity_poly.pdbx_seq_one_letter_code
;MGSSHHHHHHSSGLVPRGSHMGEATGARKAMPGFSENITGLHLGKVALITGGSAGIGGQVARLLALAGGKVMMVARRESE
LAVARARIVSELEDIGFAGVERRVQTLANVDVSNFESLKGAVDATLKAFGRIDYLINNAGVAGAEDMVVDMGVDAWDYTL
DANLVSNYFLMHHVAPLMKAQGSGYILNVSSYFGGEKYLAVAYPNRADYAVSKAGQRAMVESMARYLGPEVQFNAIAPGP
VDGDRLSGTGGKPGLFERRGKLILENKRLNAVHAAAIKAIRRGVRVEAVLARLARNDTVKMSHDTNNPRELRELALACAR
EGDGTCTWDQYLLTPQIAAALVSRLRQAGLFLDAPEWSERPVTEDGDWLLRVPPEDAPFLPADKIAAEAKKVGGGVLSKL
YLGKMPTEHDVAQATVFFLADRAVSGETFMPSGGLSVERSTTERELFGSPKQERLDQMRGKTVWIIGEHLVDYLAETARA
FIEDCHAANVVLITRTAEGFDAVEAQLDEDVAQSLTSLVVSSDIEAAMDEALSQWGRPTTILSTPFTALPGKLFEAQDPL
TPDEFREVVADNLTHHFRVSRRASLYDDCQLVLTSPDVAMGDKSPAFALANFIKTTLHAFTATLAVENERLVHDVPVNQI
NLTRRVQSEEPRDLDEHLEEVRRFARAVLLVGAPLPDAEDSRYRARIYRGMSMTV
;
_entity_poly.pdbx_strand_id   A,B
#
# COMPACT_ATOMS: atom_id res chain seq x y z
N PHE A 34 -10.61 18.72 36.06
CA PHE A 34 -11.61 19.08 34.99
C PHE A 34 -10.85 19.52 33.72
N SER A 35 -10.03 20.56 33.88
CA SER A 35 -8.96 21.01 32.94
C SER A 35 -8.07 19.84 32.49
N GLU A 36 -7.70 18.93 33.42
CA GLU A 36 -6.62 17.91 33.26
C GLU A 36 -7.14 16.48 33.33
N ASN A 37 -8.44 16.29 33.53
CA ASN A 37 -8.99 14.94 33.75
C ASN A 37 -9.18 14.17 32.42
N ILE A 38 -8.34 13.17 32.21
CA ILE A 38 -8.48 12.24 31.05
C ILE A 38 -8.37 10.82 31.62
N THR A 39 -8.84 10.62 32.86
CA THR A 39 -8.80 9.28 33.51
C THR A 39 -9.73 8.31 32.78
N GLY A 40 -10.80 8.79 32.16
CA GLY A 40 -11.74 7.87 31.53
C GLY A 40 -11.03 7.05 30.47
N LEU A 41 -9.91 7.57 29.97
CA LEU A 41 -9.17 6.85 28.92
C LEU A 41 -8.59 5.52 29.42
N HIS A 42 -7.85 5.49 30.53
CA HIS A 42 -7.16 4.23 30.93
C HIS A 42 -7.35 3.82 32.40
N LEU A 43 -8.42 4.22 33.06
CA LEU A 43 -8.51 3.93 34.51
C LEU A 43 -8.39 2.43 34.78
N GLY A 44 -7.46 2.06 35.66
CA GLY A 44 -7.26 0.66 36.09
C GLY A 44 -6.57 -0.23 35.06
N LYS A 45 -6.24 0.25 33.87
CA LYS A 45 -5.55 -0.58 32.86
C LYS A 45 -4.08 -0.71 33.26
N VAL A 46 -3.55 -1.92 33.19
CA VAL A 46 -2.16 -2.25 33.56
C VAL A 46 -1.28 -2.38 32.30
N ALA A 47 -0.21 -1.59 32.26
CA ALA A 47 0.73 -1.62 31.13
C ALA A 47 2.13 -2.06 31.58
N LEU A 48 2.75 -2.93 30.80
CA LEU A 48 4.20 -3.22 30.88
C LEU A 48 4.92 -2.51 29.72
N ILE A 49 5.85 -1.64 30.08
CA ILE A 49 6.56 -0.78 29.10
C ILE A 49 8.05 -1.07 29.19
N THR A 50 8.64 -1.58 28.11
CA THR A 50 10.09 -1.83 28.00
C THR A 50 10.78 -0.51 27.61
N GLY A 51 11.99 -0.33 28.09
CA GLY A 51 12.69 0.97 28.00
C GLY A 51 11.85 2.07 28.63
N GLY A 52 11.23 1.82 29.79
CA GLY A 52 10.19 2.69 30.37
C GLY A 52 10.76 3.85 31.20
N SER A 53 12.06 4.08 31.22
CA SER A 53 12.72 5.06 32.14
C SER A 53 13.05 6.39 31.45
N ALA A 54 12.97 6.48 30.12
CA ALA A 54 13.45 7.66 29.37
C ALA A 54 12.79 7.65 28.00
N GLY A 55 12.95 8.74 27.25
CA GLY A 55 12.47 8.86 25.86
C GLY A 55 10.98 8.65 25.77
N ILE A 56 10.54 8.16 24.64
CA ILE A 56 9.11 7.81 24.40
C ILE A 56 8.57 6.89 25.51
N GLY A 57 9.30 5.85 25.90
CA GLY A 57 8.80 4.86 26.87
C GLY A 57 8.46 5.50 28.21
N GLY A 58 9.36 6.36 28.67
CA GLY A 58 9.19 7.17 29.90
C GLY A 58 7.96 8.04 29.84
N GLN A 59 7.73 8.70 28.70
CA GLN A 59 6.58 9.62 28.54
C GLN A 59 5.30 8.81 28.41
N VAL A 60 5.35 7.63 27.77
CA VAL A 60 4.15 6.75 27.72
C VAL A 60 3.80 6.31 29.13
N ALA A 61 4.79 5.92 29.97
CA ALA A 61 4.53 5.47 31.36
C ALA A 61 3.86 6.61 32.14
N ARG A 62 4.37 7.83 31.99
CA ARG A 62 3.83 9.03 32.68
C ARG A 62 2.39 9.30 32.23
N LEU A 63 2.14 9.38 30.91
CA LEU A 63 0.80 9.74 30.42
C LEU A 63 -0.21 8.63 30.71
N LEU A 64 0.15 7.35 30.62
CA LEU A 64 -0.79 6.29 31.00
C LEU A 64 -1.15 6.46 32.47
N ALA A 65 -0.19 6.78 33.33
CA ALA A 65 -0.48 6.91 34.78
C ALA A 65 -1.42 8.11 35.00
N LEU A 66 -1.18 9.24 34.34
CA LEU A 66 -2.01 10.46 34.47
C LEU A 66 -3.43 10.15 33.96
N ALA A 67 -3.54 9.19 33.05
CA ALA A 67 -4.84 8.77 32.46
C ALA A 67 -5.45 7.61 33.26
N GLY A 68 -4.91 7.35 34.46
CA GLY A 68 -5.49 6.43 35.45
C GLY A 68 -4.96 5.02 35.33
N GLY A 69 -4.02 4.80 34.41
CA GLY A 69 -3.39 3.49 34.22
C GLY A 69 -2.43 3.18 35.34
N LYS A 70 -2.16 1.90 35.50
CA LYS A 70 -1.09 1.34 36.36
C LYS A 70 0.05 0.92 35.45
N VAL A 71 1.29 1.19 35.85
CA VAL A 71 2.41 0.92 34.93
C VAL A 71 3.51 0.18 35.67
N MET A 72 4.08 -0.80 34.97
CA MET A 72 5.35 -1.46 35.30
C MET A 72 6.37 -1.00 34.27
N MET A 73 7.28 -0.13 34.69
CA MET A 73 8.32 0.47 33.87
C MET A 73 9.56 -0.41 34.01
N VAL A 74 10.10 -0.90 32.90
CA VAL A 74 11.31 -1.77 32.98
C VAL A 74 12.40 -1.23 32.10
N ALA A 75 13.63 -1.38 32.58
CA ALA A 75 14.82 -0.83 31.90
C ALA A 75 16.04 -1.43 32.62
N ARG A 76 17.23 -1.09 32.17
CA ARG A 76 18.47 -1.62 32.75
C ARG A 76 18.76 -0.91 34.09
N ARG A 77 18.76 0.43 34.15
CA ARG A 77 19.38 1.18 35.30
C ARG A 77 18.32 1.53 36.36
N GLU A 78 18.50 0.98 37.57
CA GLU A 78 17.66 1.31 38.74
C GLU A 78 17.58 2.84 38.89
N SER A 79 18.71 3.54 38.78
CA SER A 79 18.80 4.99 39.13
C SER A 79 17.86 5.80 38.22
N GLU A 80 17.84 5.50 36.94
CA GLU A 80 17.01 6.22 35.93
C GLU A 80 15.55 5.85 36.15
N LEU A 81 15.27 4.58 36.38
CA LEU A 81 13.89 4.15 36.70
C LEU A 81 13.36 4.90 37.92
N ALA A 82 14.16 5.02 38.99
CA ALA A 82 13.65 5.61 40.27
C ALA A 82 13.33 7.09 40.04
N VAL A 83 14.12 7.80 39.23
CA VAL A 83 13.88 9.23 38.93
C VAL A 83 12.54 9.32 38.15
N ALA A 84 12.39 8.55 37.07
CA ALA A 84 11.14 8.55 36.27
C ALA A 84 9.95 8.25 37.16
N ARG A 85 10.00 7.18 37.97
CA ARG A 85 8.87 6.77 38.83
C ARG A 85 8.56 7.89 39.82
N ALA A 86 9.59 8.49 40.42
CA ALA A 86 9.39 9.52 41.46
C ALA A 86 8.65 10.71 40.85
N ARG A 87 9.10 11.13 39.67
CA ARG A 87 8.52 12.28 38.95
C ARG A 87 7.04 11.99 38.63
N ILE A 88 6.72 10.76 38.26
CA ILE A 88 5.33 10.40 37.89
C ILE A 88 4.49 10.43 39.17
N VAL A 89 4.97 9.76 40.22
CA VAL A 89 4.27 9.65 41.53
C VAL A 89 4.00 11.06 42.07
N SER A 90 5.02 11.92 42.02
CA SER A 90 4.91 13.33 42.47
C SER A 90 3.78 14.02 41.68
N GLU A 91 3.79 13.93 40.36
CA GLU A 91 2.76 14.56 39.50
C GLU A 91 1.37 13.97 39.76
N LEU A 92 1.26 12.65 39.95
CA LEU A 92 -0.05 12.03 40.28
C LEU A 92 -0.54 12.70 41.57
N GLU A 93 0.20 12.60 42.69
CA GLU A 93 -0.13 13.25 43.99
C GLU A 93 -0.68 14.67 43.74
N ASP A 94 0.05 15.51 42.98
CA ASP A 94 -0.32 16.92 42.66
C ASP A 94 -1.62 17.03 41.86
N ILE A 95 -2.09 15.97 41.21
CA ILE A 95 -3.36 15.98 40.41
C ILE A 95 -4.47 15.35 41.26
N GLY A 96 -4.15 14.91 42.48
CA GLY A 96 -5.12 14.48 43.50
C GLY A 96 -5.45 13.00 43.41
N PHE A 97 -4.52 12.16 42.94
CA PHE A 97 -4.70 10.69 42.96
C PHE A 97 -4.44 10.19 44.39
N ALA A 98 -4.98 9.01 44.73
CA ALA A 98 -4.80 8.27 46.01
C ALA A 98 -4.19 6.89 45.74
N GLY A 99 -3.59 6.27 46.78
CA GLY A 99 -2.86 5.00 46.68
C GLY A 99 -1.87 5.03 45.53
N VAL A 100 -1.16 6.15 45.36
CA VAL A 100 -0.35 6.50 44.16
C VAL A 100 0.95 5.68 44.10
N GLU A 101 1.54 5.34 45.23
CA GLU A 101 2.75 4.49 45.31
C GLU A 101 2.53 3.23 44.47
N ARG A 102 1.37 2.59 44.70
CA ARG A 102 1.04 1.23 44.23
C ARG A 102 0.78 1.24 42.71
N ARG A 103 0.56 2.40 42.10
CA ARG A 103 0.03 2.57 40.71
C ARG A 103 1.21 2.57 39.72
N VAL A 104 2.40 2.93 40.19
CA VAL A 104 3.60 3.10 39.31
C VAL A 104 4.73 2.27 39.90
N GLN A 105 5.12 1.19 39.24
CA GLN A 105 6.18 0.27 39.72
C GLN A 105 7.26 0.12 38.66
N THR A 106 8.41 -0.39 39.08
CA THR A 106 9.62 -0.50 38.24
C THR A 106 10.27 -1.86 38.43
N LEU A 107 10.97 -2.30 37.41
CA LEU A 107 11.94 -3.41 37.55
C LEU A 107 13.18 -3.06 36.75
N ALA A 108 14.32 -3.16 37.43
CA ALA A 108 15.64 -2.85 36.86
C ALA A 108 16.31 -4.10 36.33
N ASN A 109 17.42 -3.93 35.62
CA ASN A 109 18.23 -5.05 35.03
C ASN A 109 17.39 -5.78 33.98
N VAL A 110 16.45 -5.09 33.33
CA VAL A 110 15.65 -5.73 32.24
C VAL A 110 16.22 -5.17 30.94
N ASP A 111 16.82 -6.07 30.19
CA ASP A 111 17.57 -5.81 28.96
C ASP A 111 16.89 -6.67 27.86
N VAL A 112 16.49 -6.06 26.75
CA VAL A 112 15.81 -6.81 25.64
C VAL A 112 16.73 -7.85 24.98
N SER A 113 18.04 -7.74 25.11
CA SER A 113 18.93 -8.82 24.62
C SER A 113 19.02 -9.95 25.65
N ASN A 114 18.38 -9.84 26.82
CA ASN A 114 18.40 -10.93 27.85
C ASN A 114 16.98 -11.40 28.06
N PHE A 115 16.60 -12.48 27.40
CA PHE A 115 15.17 -12.91 27.35
C PHE A 115 14.69 -13.35 28.73
N GLU A 116 15.55 -13.97 29.54
CA GLU A 116 15.21 -14.28 30.96
C GLU A 116 14.78 -13.02 31.72
N SER A 117 15.43 -11.87 31.53
CA SER A 117 15.06 -10.63 32.24
C SER A 117 13.68 -10.15 31.76
N LEU A 118 13.30 -10.44 30.51
CA LEU A 118 11.97 -10.07 29.97
C LEU A 118 10.91 -10.91 30.65
N LYS A 119 11.17 -12.21 30.81
CA LYS A 119 10.22 -13.09 31.51
C LYS A 119 10.04 -12.52 32.92
N GLY A 120 11.15 -12.15 33.56
CA GLY A 120 11.06 -11.55 34.90
C GLY A 120 10.15 -10.34 34.91
N ALA A 121 10.16 -9.54 33.83
CA ALA A 121 9.33 -8.32 33.74
C ALA A 121 7.84 -8.67 33.66
N VAL A 122 7.47 -9.72 32.93
CA VAL A 122 6.06 -10.17 32.89
C VAL A 122 5.66 -10.60 34.31
N ASP A 123 6.49 -11.42 34.95
CA ASP A 123 6.21 -11.99 36.32
C ASP A 123 5.98 -10.83 37.30
N ALA A 124 6.78 -9.78 37.24
CA ALA A 124 6.75 -8.63 38.17
C ALA A 124 5.45 -7.86 37.94
N THR A 125 5.03 -7.72 36.68
CA THR A 125 3.76 -7.04 36.35
C THR A 125 2.64 -7.83 37.01
N LEU A 126 2.64 -9.17 36.86
CA LEU A 126 1.53 -10.03 37.39
C LEU A 126 1.53 -9.98 38.94
N LYS A 127 2.71 -9.99 39.53
CA LYS A 127 2.90 -9.93 41.00
C LYS A 127 2.33 -8.61 41.52
N ALA A 128 2.65 -7.48 40.86
CA ALA A 128 2.27 -6.11 41.28
C ALA A 128 0.78 -5.85 41.03
N PHE A 129 0.19 -6.32 39.92
CA PHE A 129 -1.10 -5.77 39.44
C PHE A 129 -2.14 -6.87 39.20
N GLY A 130 -1.77 -8.15 39.16
CA GLY A 130 -2.73 -9.25 39.02
C GLY A 130 -3.09 -9.53 37.56
N ARG A 131 -2.59 -8.75 36.62
CA ARG A 131 -3.02 -8.91 35.21
C ARG A 131 -2.10 -8.05 34.33
N ILE A 132 -2.17 -8.21 33.01
CA ILE A 132 -1.52 -7.25 32.10
C ILE A 132 -2.55 -6.93 31.03
N ASP A 133 -2.82 -5.65 30.82
CA ASP A 133 -3.77 -5.19 29.78
C ASP A 133 -2.98 -4.83 28.50
N TYR A 134 -1.94 -4.01 28.64
CA TYR A 134 -1.16 -3.44 27.53
C TYR A 134 0.30 -3.90 27.64
N LEU A 135 0.86 -4.32 26.54
CA LEU A 135 2.31 -4.57 26.40
C LEU A 135 2.81 -3.52 25.40
N ILE A 136 3.72 -2.67 25.83
CA ILE A 136 4.30 -1.61 24.98
C ILE A 136 5.73 -2.02 24.62
N ASN A 137 5.93 -2.62 23.44
CA ASN A 137 7.29 -3.07 23.00
C ASN A 137 8.07 -1.85 22.52
N ASN A 138 8.75 -1.15 23.40
CA ASN A 138 9.37 0.16 23.11
C ASN A 138 10.90 0.06 23.08
N ALA A 139 11.52 -0.75 23.92
CA ALA A 139 13.02 -0.77 24.00
C ALA A 139 13.61 -1.18 22.64
N GLY A 140 14.76 -0.64 22.29
CA GLY A 140 15.44 -1.01 21.03
C GLY A 140 16.87 -0.50 21.05
N VAL A 141 17.67 -0.93 20.09
CA VAL A 141 19.11 -0.55 19.93
C VAL A 141 19.24 -0.01 18.52
N ALA A 142 20.26 0.80 18.28
CA ALA A 142 20.54 1.40 16.97
C ALA A 142 21.17 0.34 16.03
N GLY A 143 21.90 -0.62 16.58
CA GLY A 143 22.51 -1.72 15.79
C GLY A 143 23.87 -1.35 15.23
N ALA A 144 24.29 -2.01 14.13
CA ALA A 144 25.71 -2.07 13.71
C ALA A 144 26.13 -0.75 13.07
N GLU A 145 25.21 -0.02 12.39
CA GLU A 145 25.58 1.26 11.70
C GLU A 145 26.77 1.01 10.78
N ASP A 146 26.67 -0.04 9.96
CA ASP A 146 27.65 -0.43 8.94
C ASP A 146 26.88 -0.74 7.66
N MET A 147 27.53 -0.58 6.51
CA MET A 147 27.06 -1.21 5.25
C MET A 147 27.03 -2.73 5.41
N VAL A 148 26.07 -3.34 4.73
CA VAL A 148 25.93 -4.81 4.77
C VAL A 148 27.30 -5.51 4.50
N VAL A 149 28.07 -5.09 3.49
CA VAL A 149 29.35 -5.81 3.17
C VAL A 149 30.34 -5.66 4.32
N ASP A 150 30.16 -4.72 5.24
CA ASP A 150 31.13 -4.51 6.37
C ASP A 150 30.56 -5.05 7.68
N MET A 151 29.29 -5.45 7.72
CA MET A 151 28.59 -5.79 8.97
C MET A 151 28.93 -7.23 9.40
N GLY A 152 29.26 -7.43 10.66
CA GLY A 152 29.40 -8.78 11.20
C GLY A 152 28.08 -9.44 11.47
N VAL A 153 28.07 -10.79 11.42
CA VAL A 153 26.88 -11.62 11.72
C VAL A 153 26.48 -11.42 13.18
N ASP A 154 27.43 -11.35 14.12
CA ASP A 154 27.09 -11.14 15.55
C ASP A 154 26.39 -9.79 15.76
N ALA A 155 26.83 -8.75 15.06
CA ALA A 155 26.24 -7.40 15.21
C ALA A 155 24.80 -7.42 14.66
N TRP A 156 24.59 -8.02 13.47
CA TRP A 156 23.25 -8.26 12.88
C TRP A 156 22.38 -9.02 13.87
N ASP A 157 22.88 -10.13 14.36
CA ASP A 157 22.09 -10.99 15.26
C ASP A 157 21.71 -10.21 16.52
N TYR A 158 22.65 -9.44 17.06
CA TYR A 158 22.38 -8.62 18.26
C TYR A 158 21.18 -7.67 18.03
N THR A 159 21.16 -6.98 16.89
CA THR A 159 20.07 -6.06 16.52
C THR A 159 18.74 -6.82 16.42
N LEU A 160 18.70 -7.89 15.63
CA LEU A 160 17.42 -8.63 15.38
C LEU A 160 16.93 -9.23 16.69
N ASP A 161 17.82 -9.72 17.54
CA ASP A 161 17.39 -10.33 18.84
C ASP A 161 16.81 -9.26 19.74
N ALA A 162 17.48 -8.11 19.85
CA ALA A 162 17.09 -7.02 20.78
C ALA A 162 15.83 -6.33 20.31
N ASN A 163 15.71 -6.09 19.00
CA ASN A 163 14.63 -5.21 18.45
C ASN A 163 13.43 -6.03 17.97
N LEU A 164 13.59 -7.29 17.58
CA LEU A 164 12.52 -8.04 16.86
C LEU A 164 12.19 -9.30 17.66
N VAL A 165 13.15 -10.15 17.89
CA VAL A 165 12.84 -11.43 18.57
C VAL A 165 12.36 -11.16 20.00
N SER A 166 12.90 -10.13 20.66
CA SER A 166 12.50 -9.72 22.02
C SER A 166 11.01 -9.42 22.02
N ASN A 167 10.52 -8.78 20.97
CA ASN A 167 9.08 -8.44 20.88
C ASN A 167 8.25 -9.73 20.79
N TYR A 168 8.70 -10.70 20.01
CA TYR A 168 7.97 -11.98 19.88
C TYR A 168 8.02 -12.74 21.20
N PHE A 169 9.19 -12.75 21.85
CA PHE A 169 9.34 -13.38 23.19
C PHE A 169 8.22 -12.89 24.13
N LEU A 170 8.08 -11.58 24.23
CA LEU A 170 7.06 -10.99 25.15
C LEU A 170 5.67 -11.28 24.65
N MET A 171 5.41 -11.17 23.34
CA MET A 171 4.11 -11.56 22.75
C MET A 171 3.74 -12.99 23.15
N HIS A 172 4.69 -13.92 23.02
CA HIS A 172 4.52 -15.35 23.31
C HIS A 172 4.03 -15.55 24.76
N HIS A 173 4.60 -14.81 25.70
CA HIS A 173 4.27 -14.95 27.15
C HIS A 173 2.98 -14.21 27.50
N VAL A 174 2.67 -13.04 26.89
CA VAL A 174 1.55 -12.20 27.36
C VAL A 174 0.29 -12.55 26.59
N ALA A 175 0.38 -13.02 25.35
CA ALA A 175 -0.83 -13.26 24.53
C ALA A 175 -1.79 -14.22 25.26
N PRO A 176 -1.33 -15.36 25.81
CA PRO A 176 -2.22 -16.30 26.48
C PRO A 176 -2.89 -15.70 27.71
N LEU A 177 -2.18 -14.83 28.41
CA LEU A 177 -2.73 -14.14 29.61
C LEU A 177 -3.89 -13.25 29.11
N MET A 178 -3.65 -12.51 28.06
CA MET A 178 -4.67 -11.56 27.53
C MET A 178 -5.87 -12.33 26.97
N LYS A 179 -5.64 -13.41 26.24
CA LYS A 179 -6.75 -14.18 25.65
C LYS A 179 -7.60 -14.79 26.77
N ALA A 180 -6.98 -15.24 27.84
CA ALA A 180 -7.66 -15.86 29.01
C ALA A 180 -8.57 -14.81 29.69
N GLN A 181 -8.14 -13.56 29.84
CA GLN A 181 -8.98 -12.55 30.51
C GLN A 181 -9.99 -11.94 29.51
N GLY A 182 -9.81 -12.16 28.22
CA GLY A 182 -10.79 -11.78 27.19
C GLY A 182 -10.41 -10.49 26.50
N SER A 183 -9.29 -9.84 26.88
CA SER A 183 -8.93 -8.50 26.30
C SER A 183 -7.43 -8.27 26.46
N GLY A 184 -6.86 -7.48 25.55
CA GLY A 184 -5.48 -6.98 25.70
C GLY A 184 -5.11 -6.09 24.54
N TYR A 185 -3.98 -5.43 24.66
CA TYR A 185 -3.40 -4.58 23.59
C TYR A 185 -1.90 -4.81 23.60
N ILE A 186 -1.33 -5.16 22.43
CA ILE A 186 0.14 -5.16 22.19
C ILE A 186 0.44 -4.06 21.19
N LEU A 187 1.35 -3.17 21.55
CA LEU A 187 1.79 -2.04 20.70
C LEU A 187 3.27 -2.12 20.48
N ASN A 188 3.67 -2.26 19.21
CA ASN A 188 5.11 -2.33 18.87
C ASN A 188 5.58 -0.94 18.43
N VAL A 189 6.66 -0.48 19.05
CA VAL A 189 7.20 0.85 18.66
C VAL A 189 8.21 0.58 17.54
N SER A 190 7.74 0.74 16.31
CA SER A 190 8.56 0.57 15.09
C SER A 190 9.14 1.92 14.69
N SER A 191 9.58 2.04 13.44
CA SER A 191 10.11 3.33 12.95
C SER A 191 9.61 3.56 11.53
N TYR A 192 9.41 4.83 11.20
CA TYR A 192 9.11 5.23 9.81
C TYR A 192 10.05 4.51 8.85
N PHE A 193 11.28 4.34 9.26
CA PHE A 193 12.37 3.80 8.40
C PHE A 193 12.37 2.26 8.43
N GLY A 194 11.34 1.66 9.04
CA GLY A 194 11.01 0.26 8.75
C GLY A 194 9.99 0.10 7.64
N GLY A 195 9.61 1.21 7.00
CA GLY A 195 8.65 1.19 5.88
C GLY A 195 7.20 1.28 6.31
N GLU A 196 6.30 1.07 5.36
CA GLU A 196 4.86 0.99 5.64
C GLU A 196 4.27 -0.10 4.74
N LYS A 197 3.00 -0.43 4.98
CA LYS A 197 2.39 -1.58 4.26
C LYS A 197 2.45 -1.32 2.77
N TYR A 198 3.00 -2.30 2.03
CA TYR A 198 3.15 -2.37 0.55
C TYR A 198 4.26 -1.45 0.03
N LEU A 199 4.95 -0.70 0.89
CA LEU A 199 5.98 0.26 0.40
C LEU A 199 7.19 0.21 1.32
N ALA A 200 8.23 -0.45 0.84
CA ALA A 200 9.50 -0.57 1.59
C ALA A 200 10.29 0.74 1.52
N VAL A 201 11.25 0.91 2.43
CA VAL A 201 12.11 2.13 2.40
C VAL A 201 13.57 1.71 2.64
N ALA A 202 14.48 2.24 1.83
CA ALA A 202 15.92 1.96 2.04
C ALA A 202 16.40 2.74 3.26
N TYR A 203 17.19 2.10 4.11
CA TYR A 203 17.85 2.80 5.25
C TYR A 203 19.32 2.44 5.15
N PRO A 204 20.06 3.06 4.22
CA PRO A 204 21.47 2.73 3.98
C PRO A 204 22.31 2.90 5.26
N ASN A 205 23.16 1.92 5.52
CA ASN A 205 24.07 1.85 6.68
C ASN A 205 23.34 1.28 7.88
N ARG A 206 22.02 1.02 7.75
CA ARG A 206 21.19 0.59 8.91
C ARG A 206 20.34 -0.66 8.58
N ALA A 207 20.81 -1.59 7.76
CA ALA A 207 20.00 -2.71 7.23
C ALA A 207 19.48 -3.58 8.37
N ASP A 208 20.30 -3.82 9.39
CA ASP A 208 19.91 -4.64 10.57
C ASP A 208 18.74 -3.97 11.26
N TYR A 209 18.91 -2.68 11.53
CA TYR A 209 17.90 -1.88 12.24
C TYR A 209 16.62 -1.84 11.39
N ALA A 210 16.74 -1.55 10.11
CA ALA A 210 15.59 -1.40 9.21
C ALA A 210 14.79 -2.70 9.18
N VAL A 211 15.47 -3.84 8.99
CA VAL A 211 14.83 -5.18 9.02
C VAL A 211 14.13 -5.37 10.35
N SER A 212 14.75 -4.98 11.48
CA SER A 212 14.11 -5.22 12.81
C SER A 212 12.83 -4.38 12.91
N LYS A 213 12.87 -3.13 12.47
CA LYS A 213 11.73 -2.21 12.56
C LYS A 213 10.63 -2.70 11.60
N ALA A 214 11.00 -3.04 10.39
CA ALA A 214 10.06 -3.61 9.40
C ALA A 214 9.40 -4.85 9.99
N GLY A 215 10.19 -5.69 10.66
CA GLY A 215 9.69 -6.93 11.28
C GLY A 215 8.65 -6.67 12.36
N GLN A 216 8.85 -5.63 13.18
CA GLN A 216 7.84 -5.25 14.20
C GLN A 216 6.50 -4.90 13.57
N ARG A 217 6.53 -4.20 12.43
CA ARG A 217 5.31 -3.80 11.69
C ARG A 217 4.71 -5.05 11.01
N ALA A 218 5.55 -5.85 10.34
CA ALA A 218 5.14 -7.06 9.61
C ALA A 218 4.48 -8.04 10.56
N MET A 219 4.89 -8.08 11.82
CA MET A 219 4.20 -8.94 12.81
C MET A 219 2.75 -8.45 12.99
N VAL A 220 2.56 -7.14 13.11
CA VAL A 220 1.22 -6.52 13.27
C VAL A 220 0.38 -6.85 12.04
N GLU A 221 0.92 -6.71 10.84
CA GLU A 221 0.17 -6.87 9.57
C GLU A 221 -0.27 -8.34 9.43
N SER A 222 0.61 -9.28 9.76
CA SER A 222 0.43 -10.72 9.39
C SER A 222 -0.10 -11.51 10.57
N MET A 223 0.12 -11.05 11.81
CA MET A 223 -0.22 -11.88 13.01
C MET A 223 -1.45 -11.36 13.78
N ALA A 224 -1.94 -10.13 13.55
CA ALA A 224 -3.09 -9.57 14.28
C ALA A 224 -4.27 -10.53 14.21
N ARG A 225 -4.47 -11.18 13.07
CA ARG A 225 -5.60 -12.12 12.88
C ARG A 225 -5.57 -13.17 14.00
N TYR A 226 -4.40 -13.63 14.37
CA TYR A 226 -4.26 -14.74 15.33
C TYR A 226 -4.32 -14.20 16.76
N LEU A 227 -4.01 -12.92 16.99
CA LEU A 227 -4.06 -12.35 18.35
C LEU A 227 -5.50 -11.95 18.65
N GLY A 228 -6.30 -11.68 17.61
CA GLY A 228 -7.73 -11.46 17.77
C GLY A 228 -8.44 -12.78 18.12
N PRO A 229 -9.72 -12.77 18.54
CA PRO A 229 -10.48 -11.54 18.71
C PRO A 229 -10.15 -10.72 19.96
N GLU A 230 -9.43 -11.28 20.92
CA GLU A 230 -9.28 -10.65 22.26
C GLU A 230 -8.29 -9.47 22.24
N VAL A 231 -7.22 -9.58 21.48
CA VAL A 231 -6.03 -8.72 21.60
C VAL A 231 -5.93 -7.85 20.35
N GLN A 232 -5.87 -6.54 20.58
CA GLN A 232 -5.56 -5.58 19.53
C GLN A 232 -4.05 -5.60 19.36
N PHE A 233 -3.58 -5.57 18.12
CA PHE A 233 -2.13 -5.61 17.84
C PHE A 233 -1.81 -4.59 16.75
N ASN A 234 -1.13 -3.54 17.16
CA ASN A 234 -0.81 -2.36 16.32
C ASN A 234 0.64 -1.94 16.53
N ALA A 235 1.14 -1.08 15.65
CA ALA A 235 2.46 -0.45 15.73
C ALA A 235 2.30 1.05 15.66
N ILE A 236 3.36 1.74 16.09
CA ILE A 236 3.61 3.16 15.72
C ILE A 236 4.92 3.19 14.97
N ALA A 237 5.03 4.15 14.06
CA ALA A 237 6.22 4.32 13.23
C ALA A 237 6.55 5.80 13.12
N PRO A 238 6.97 6.43 14.23
CA PRO A 238 7.55 7.78 14.13
C PRO A 238 8.88 7.72 13.37
N GLY A 239 9.23 8.84 12.75
CA GLY A 239 10.56 9.07 12.19
C GLY A 239 11.45 9.72 13.24
N PRO A 240 12.15 10.81 12.93
CA PRO A 240 12.92 11.50 13.95
C PRO A 240 11.97 12.08 15.00
N VAL A 241 12.40 11.99 16.27
CA VAL A 241 11.64 12.41 17.47
C VAL A 241 12.52 13.38 18.24
N ASP A 242 12.03 14.59 18.49
CA ASP A 242 12.84 15.67 19.13
C ASP A 242 12.95 15.30 20.62
N GLY A 243 14.16 15.04 21.13
CA GLY A 243 14.42 14.89 22.59
C GLY A 243 15.91 14.71 22.84
N ASP A 244 16.30 14.30 24.05
CA ASP A 244 17.74 14.15 24.44
C ASP A 244 18.50 13.24 23.45
N ARG A 245 17.94 12.08 23.14
CA ARG A 245 18.68 11.11 22.29
C ARG A 245 19.03 11.76 20.94
N LEU A 246 18.06 12.36 20.24
CA LEU A 246 18.34 12.95 18.90
C LEU A 246 19.32 14.13 19.03
N SER A 247 19.06 15.03 19.98
CA SER A 247 19.91 16.24 20.15
C SER A 247 21.34 15.87 20.57
N GLY A 248 21.46 14.92 21.49
CA GLY A 248 22.74 14.52 22.10
C GLY A 248 22.91 15.28 23.41
N THR A 249 23.55 14.66 24.41
CA THR A 249 23.76 15.33 25.71
C THR A 249 25.13 14.96 26.28
N GLY A 250 25.67 15.81 27.16
CA GLY A 250 26.94 15.52 27.84
C GLY A 250 28.08 15.18 26.89
N GLY A 251 28.21 15.94 25.79
CA GLY A 251 29.31 15.76 24.83
C GLY A 251 29.10 14.62 23.85
N LYS A 252 27.96 13.93 23.91
CA LYS A 252 27.66 12.82 22.98
C LYS A 252 27.11 13.43 21.69
N PRO A 253 27.57 12.99 20.51
CA PRO A 253 27.07 13.55 19.26
C PRO A 253 25.57 13.32 19.07
N GLY A 254 24.89 14.27 18.41
CA GLY A 254 23.48 14.12 18.02
C GLY A 254 23.34 13.07 16.92
N LEU A 255 22.16 12.44 16.79
CA LEU A 255 22.03 11.29 15.83
C LEU A 255 22.41 11.74 14.41
N PHE A 256 22.07 12.98 14.03
CA PHE A 256 22.37 13.52 12.68
C PHE A 256 23.90 13.63 12.51
N GLU A 257 24.56 14.09 13.58
CA GLU A 257 26.04 14.20 13.65
C GLU A 257 26.69 12.82 13.59
N ARG A 258 26.10 11.85 14.28
CA ARG A 258 26.59 10.46 14.23
C ARG A 258 26.49 9.93 12.80
N ARG A 259 25.35 10.10 12.13
CA ARG A 259 25.24 9.64 10.73
C ARG A 259 26.21 10.42 9.85
N GLY A 260 26.42 11.72 10.08
CA GLY A 260 27.37 12.50 9.27
C GLY A 260 28.78 11.93 9.30
N LYS A 261 29.26 11.58 10.47
CA LYS A 261 30.64 11.06 10.60
C LYS A 261 30.74 9.70 9.87
N LEU A 262 29.73 8.88 10.06
CA LEU A 262 29.62 7.52 9.48
C LEU A 262 29.62 7.64 7.95
N ILE A 263 28.90 8.60 7.42
CA ILE A 263 28.87 8.86 5.96
C ILE A 263 30.30 9.19 5.49
N LEU A 264 31.02 10.06 6.18
CA LEU A 264 32.39 10.43 5.71
C LEU A 264 33.27 9.17 5.78
N GLU A 265 33.15 8.39 6.83
CA GLU A 265 34.00 7.17 6.96
C GLU A 265 33.70 6.22 5.79
N ASN A 266 32.42 6.00 5.48
CA ASN A 266 32.01 5.07 4.40
C ASN A 266 32.41 5.66 3.04
N LYS A 267 32.28 6.98 2.81
CA LYS A 267 32.71 7.57 1.52
C LYS A 267 34.22 7.38 1.34
N ARG A 268 35.03 7.54 2.39
CA ARG A 268 36.51 7.35 2.31
C ARG A 268 36.79 5.86 2.02
N LEU A 269 36.18 4.96 2.77
CA LEU A 269 36.37 3.50 2.54
C LEU A 269 35.94 3.16 1.13
N ASN A 270 34.79 3.65 0.69
CA ASN A 270 34.29 3.24 -0.66
C ASN A 270 35.22 3.79 -1.74
N ALA A 271 35.78 4.99 -1.55
CA ALA A 271 36.61 5.62 -2.60
C ALA A 271 37.95 4.88 -2.69
N VAL A 272 38.57 4.54 -1.54
CA VAL A 272 39.87 3.80 -1.55
C VAL A 272 39.64 2.42 -2.19
N HIS A 273 38.56 1.75 -1.76
CA HIS A 273 38.12 0.41 -2.25
C HIS A 273 37.91 0.47 -3.76
N ALA A 274 37.17 1.46 -4.25
CA ALA A 274 36.85 1.62 -5.68
C ALA A 274 38.14 1.76 -6.48
N ALA A 275 39.07 2.55 -5.99
CA ALA A 275 40.34 2.78 -6.74
C ALA A 275 41.11 1.47 -6.80
N ALA A 276 41.15 0.75 -5.69
CA ALA A 276 41.86 -0.54 -5.60
C ALA A 276 41.23 -1.51 -6.59
N ILE A 277 39.91 -1.60 -6.59
CA ILE A 277 39.22 -2.58 -7.48
C ILE A 277 39.47 -2.18 -8.93
N LYS A 278 39.36 -0.89 -9.26
CA LYS A 278 39.50 -0.47 -10.69
C LYS A 278 40.92 -0.79 -11.18
N ALA A 279 41.92 -0.64 -10.32
CA ALA A 279 43.33 -0.96 -10.64
C ALA A 279 43.45 -2.46 -10.89
N ILE A 280 42.86 -3.25 -10.01
CA ILE A 280 42.90 -4.74 -10.13
C ILE A 280 42.19 -5.15 -11.43
N ARG A 281 41.07 -4.53 -11.77
CA ARG A 281 40.32 -4.88 -13.01
C ARG A 281 41.25 -4.66 -14.23
N ARG A 282 42.02 -3.56 -14.23
CA ARG A 282 42.97 -3.22 -15.33
C ARG A 282 44.14 -4.22 -15.35
N GLY A 283 44.34 -5.02 -14.28
CA GLY A 283 45.36 -6.08 -14.19
C GLY A 283 46.54 -5.72 -13.29
N VAL A 284 46.48 -4.63 -12.55
CA VAL A 284 47.49 -4.33 -11.49
C VAL A 284 47.34 -5.38 -10.40
N ARG A 285 48.42 -5.96 -9.91
CA ARG A 285 48.37 -7.02 -8.89
C ARG A 285 47.86 -6.42 -7.58
N VAL A 286 47.00 -7.16 -6.89
CA VAL A 286 46.43 -6.70 -5.58
C VAL A 286 47.59 -6.39 -4.61
N GLU A 287 48.69 -7.17 -4.62
CA GLU A 287 49.84 -6.99 -3.67
C GLU A 287 50.50 -5.64 -3.95
N ALA A 288 50.57 -5.25 -5.23
CA ALA A 288 51.16 -3.96 -5.67
C ALA A 288 50.25 -2.80 -5.21
N VAL A 289 48.93 -2.91 -5.43
CA VAL A 289 47.95 -1.91 -4.94
C VAL A 289 48.12 -1.77 -3.43
N LEU A 290 48.16 -2.89 -2.70
CA LEU A 290 48.17 -2.81 -1.22
C LEU A 290 49.52 -2.26 -0.72
N ALA A 291 50.64 -2.62 -1.33
CA ALA A 291 51.99 -2.08 -0.96
C ALA A 291 51.99 -0.56 -1.13
N ARG A 292 51.45 -0.04 -2.24
CA ARG A 292 51.35 1.43 -2.43
C ARG A 292 50.42 2.05 -1.37
N LEU A 293 49.24 1.47 -1.10
CA LEU A 293 48.29 2.05 -0.10
C LEU A 293 48.93 2.01 1.29
N ALA A 294 49.71 0.97 1.61
CA ALA A 294 50.34 0.83 2.94
C ALA A 294 51.20 2.07 3.26
N ARG A 295 51.72 2.77 2.25
CA ARG A 295 52.60 3.95 2.46
C ARG A 295 51.75 5.06 3.08
N ASN A 296 50.48 5.15 2.67
CA ASN A 296 49.44 5.90 3.39
C ASN A 296 49.82 7.39 3.42
N ASP A 297 50.26 7.92 2.29
CA ASP A 297 50.76 9.31 2.18
C ASP A 297 50.16 9.93 0.94
N THR A 298 49.19 10.81 1.10
CA THR A 298 48.43 11.39 -0.03
C THR A 298 49.37 12.15 -0.96
N VAL A 299 50.27 12.97 -0.41
CA VAL A 299 51.07 13.90 -1.27
C VAL A 299 52.04 13.07 -2.11
N LYS A 300 52.74 12.11 -1.50
CA LYS A 300 53.71 11.24 -2.21
C LYS A 300 52.97 10.39 -3.25
N MET A 301 51.78 9.88 -2.90
CA MET A 301 51.03 8.98 -3.82
C MET A 301 50.55 9.79 -5.05
N SER A 302 50.13 11.04 -4.86
CA SER A 302 49.74 11.99 -5.94
C SER A 302 50.82 12.06 -7.03
N HIS A 303 52.09 12.12 -6.62
CA HIS A 303 53.22 12.63 -7.44
C HIS A 303 54.00 11.45 -8.03
N ASP A 304 54.10 10.35 -7.30
CA ASP A 304 54.92 9.18 -7.68
C ASP A 304 54.29 8.52 -8.93
N THR A 305 55.05 8.49 -10.03
CA THR A 305 54.70 7.89 -11.35
C THR A 305 54.62 6.36 -11.25
N ASN A 306 55.34 5.75 -10.29
CA ASN A 306 55.27 4.29 -9.97
C ASN A 306 53.81 3.86 -9.73
N ASN A 307 53.00 4.72 -9.12
CA ASN A 307 51.61 4.41 -8.66
C ASN A 307 50.65 4.27 -9.84
N PRO A 308 49.70 3.32 -9.79
CA PRO A 308 48.60 3.28 -10.77
C PRO A 308 47.81 4.58 -10.83
N ARG A 309 47.27 4.95 -12.00
CA ARG A 309 46.50 6.22 -12.20
C ARG A 309 45.39 6.30 -11.15
N GLU A 310 44.73 5.16 -10.86
CA GLU A 310 43.60 5.14 -9.88
C GLU A 310 44.10 5.63 -8.52
N LEU A 311 45.27 5.19 -8.07
CA LEU A 311 45.76 5.59 -6.73
C LEU A 311 46.23 7.06 -6.78
N ARG A 312 46.71 7.52 -7.94
CA ARG A 312 47.23 8.91 -8.07
C ARG A 312 46.02 9.84 -7.94
N GLU A 313 44.94 9.55 -8.67
CA GLU A 313 43.67 10.31 -8.65
C GLU A 313 43.02 10.27 -7.25
N LEU A 314 43.06 9.12 -6.57
CA LEU A 314 42.46 8.97 -5.23
C LEU A 314 43.23 9.91 -4.26
N ALA A 315 44.56 9.83 -4.28
CA ALA A 315 45.44 10.62 -3.39
C ALA A 315 45.19 12.13 -3.58
N LEU A 316 45.06 12.56 -4.83
CA LEU A 316 44.82 13.98 -5.20
C LEU A 316 43.50 14.40 -4.56
N ALA A 317 42.46 13.57 -4.70
CA ALA A 317 41.12 13.89 -4.20
C ALA A 317 41.17 14.00 -2.68
N CYS A 318 41.83 13.08 -2.00
CA CYS A 318 41.92 13.09 -0.51
C CYS A 318 42.68 14.33 -0.05
N ALA A 319 43.73 14.69 -0.79
CA ALA A 319 44.64 15.82 -0.48
C ALA A 319 43.85 17.13 -0.45
N ARG A 320 42.79 17.22 -1.24
CA ARG A 320 42.00 18.48 -1.41
C ARG A 320 40.92 18.60 -0.32
N GLU A 321 40.71 17.60 0.55
CA GLU A 321 39.54 17.57 1.48
C GLU A 321 39.84 17.98 2.94
N GLY A 322 41.00 18.54 3.22
CA GLY A 322 41.41 18.85 4.61
C GLY A 322 40.90 20.21 5.08
N ASP A 323 41.09 20.52 6.37
CA ASP A 323 40.64 21.80 7.00
C ASP A 323 41.76 22.45 7.84
N GLY A 324 42.99 21.92 7.81
CA GLY A 324 44.17 22.48 8.46
C GLY A 324 44.37 21.92 9.84
N THR A 325 43.38 21.17 10.36
CA THR A 325 43.44 20.47 11.66
C THR A 325 43.44 18.95 11.44
N CYS A 326 42.52 18.43 10.63
CA CYS A 326 42.29 16.97 10.50
C CYS A 326 43.38 16.35 9.61
N THR A 327 43.49 15.03 9.61
CA THR A 327 44.65 14.33 8.98
C THR A 327 44.25 13.55 7.73
N TRP A 328 42.96 13.44 7.39
CA TRP A 328 42.51 12.55 6.28
C TRP A 328 42.95 13.15 4.94
N ASP A 329 43.49 14.37 4.93
CA ASP A 329 44.08 14.96 3.69
C ASP A 329 45.54 14.56 3.55
N GLN A 330 46.15 14.00 4.60
CA GLN A 330 47.58 13.58 4.64
C GLN A 330 47.71 12.05 4.67
N TYR A 331 46.70 11.35 5.20
CA TYR A 331 46.65 9.86 5.21
C TYR A 331 45.38 9.39 4.47
N LEU A 332 45.49 8.34 3.68
CA LEU A 332 44.29 7.75 3.02
C LEU A 332 43.44 7.01 4.06
N LEU A 333 44.06 6.36 5.04
CA LEU A 333 43.41 5.30 5.86
C LEU A 333 43.78 5.47 7.33
N THR A 334 42.80 5.19 8.20
CA THR A 334 43.03 4.77 9.59
C THR A 334 43.19 3.25 9.60
N PRO A 335 43.77 2.66 10.66
CA PRO A 335 43.78 1.20 10.83
C PRO A 335 42.38 0.56 10.62
N GLN A 336 41.34 1.17 11.15
CA GLN A 336 39.95 0.64 11.11
C GLN A 336 39.41 0.59 9.66
N ILE A 337 39.59 1.64 8.88
CA ILE A 337 39.16 1.69 7.46
C ILE A 337 40.02 0.70 6.69
N ALA A 338 41.32 0.64 6.98
CA ALA A 338 42.24 -0.29 6.26
C ALA A 338 41.80 -1.74 6.51
N ALA A 339 41.43 -2.07 7.75
CA ALA A 339 40.91 -3.42 8.13
C ALA A 339 39.65 -3.75 7.30
N ALA A 340 38.71 -2.82 7.18
CA ALA A 340 37.47 -2.97 6.42
C ALA A 340 37.78 -3.14 4.92
N LEU A 341 38.79 -2.43 4.40
CA LEU A 341 39.24 -2.55 2.99
C LEU A 341 39.73 -3.98 2.70
N VAL A 342 40.69 -4.48 3.48
CA VAL A 342 41.27 -5.82 3.18
C VAL A 342 40.19 -6.89 3.38
N SER A 343 39.28 -6.74 4.36
CA SER A 343 38.17 -7.71 4.53
C SER A 343 37.32 -7.78 3.24
N ARG A 344 36.97 -6.64 2.65
CA ARG A 344 36.18 -6.63 1.38
C ARG A 344 36.99 -7.32 0.26
N LEU A 345 38.29 -7.03 0.17
CA LEU A 345 39.08 -7.64 -0.92
C LEU A 345 39.13 -9.16 -0.72
N ARG A 346 39.39 -9.60 0.50
CA ARG A 346 39.45 -11.05 0.81
C ARG A 346 38.11 -11.72 0.44
N GLN A 347 37.00 -11.12 0.86
CA GLN A 347 35.67 -11.76 0.75
C GLN A 347 35.23 -11.79 -0.72
N ALA A 348 35.83 -10.96 -1.59
CA ALA A 348 35.64 -10.94 -3.04
C ALA A 348 36.51 -12.03 -3.73
N GLY A 349 37.28 -12.79 -2.94
CA GLY A 349 38.22 -13.80 -3.45
C GLY A 349 39.43 -13.17 -4.14
N LEU A 350 39.77 -11.91 -3.85
CA LEU A 350 40.85 -11.25 -4.62
C LEU A 350 42.24 -11.56 -4.04
N PHE A 351 42.33 -12.29 -2.94
CA PHE A 351 43.62 -12.80 -2.39
C PHE A 351 43.87 -14.25 -2.83
N LEU A 352 43.02 -14.86 -3.65
CA LEU A 352 43.15 -16.33 -3.90
C LEU A 352 44.56 -16.62 -4.46
N ASP A 353 45.06 -15.74 -5.32
CA ASP A 353 46.39 -15.94 -5.95
C ASP A 353 47.44 -14.98 -5.40
N ALA A 354 47.16 -14.28 -4.30
CA ALA A 354 48.15 -13.36 -3.71
C ALA A 354 48.88 -14.11 -2.61
N PRO A 355 50.20 -14.35 -2.74
CA PRO A 355 50.87 -15.17 -1.76
C PRO A 355 50.92 -14.55 -0.36
N GLU A 356 51.34 -13.31 -0.24
CA GLU A 356 51.45 -12.76 1.14
C GLU A 356 50.06 -12.62 1.77
N TRP A 357 49.11 -12.10 1.00
CA TRP A 357 47.79 -11.74 1.55
C TRP A 357 46.90 -12.91 1.97
N SER A 358 46.80 -13.97 1.17
CA SER A 358 45.87 -15.07 1.54
C SER A 358 46.27 -15.68 2.88
N GLU A 359 47.57 -15.88 3.09
CA GLU A 359 48.08 -16.50 4.33
C GLU A 359 47.97 -15.58 5.56
N ARG A 360 48.03 -14.26 5.39
CA ARG A 360 47.99 -13.33 6.57
C ARG A 360 46.85 -13.74 7.49
N PRO A 361 47.05 -13.84 8.82
CA PRO A 361 45.93 -14.02 9.72
C PRO A 361 44.99 -12.80 9.70
N VAL A 362 43.69 -13.04 9.83
CA VAL A 362 42.61 -12.01 9.74
C VAL A 362 42.76 -11.00 10.89
N THR A 363 43.36 -11.42 12.01
CA THR A 363 43.58 -10.58 13.22
C THR A 363 44.54 -9.42 12.94
N GLU A 364 45.34 -9.48 11.86
CA GLU A 364 46.32 -8.45 11.48
C GLU A 364 45.77 -7.51 10.40
N ASP A 365 44.46 -7.52 10.16
CA ASP A 365 43.87 -6.71 9.07
C ASP A 365 44.04 -5.19 9.35
N GLY A 366 44.26 -4.82 10.59
CA GLY A 366 44.44 -3.39 10.93
C GLY A 366 45.91 -3.02 11.04
N ASP A 367 46.85 -3.93 10.77
CA ASP A 367 48.27 -3.72 11.20
C ASP A 367 49.20 -3.44 10.04
N TRP A 368 48.70 -3.35 8.80
CA TRP A 368 49.55 -3.39 7.59
C TRP A 368 49.95 -2.00 7.11
N LEU A 369 49.43 -0.91 7.67
CA LEU A 369 49.84 0.44 7.18
C LEU A 369 51.27 0.70 7.66
N LEU A 370 52.09 1.39 6.86
CA LEU A 370 53.51 1.75 7.18
C LEU A 370 53.54 2.99 8.07
N ARG A 371 52.56 3.90 7.93
CA ARG A 371 52.31 5.02 8.87
C ARG A 371 50.79 5.10 9.15
N VAL A 372 50.43 5.60 10.33
CA VAL A 372 49.02 5.79 10.79
C VAL A 372 48.81 7.23 11.25
N PRO A 373 47.61 7.80 11.06
CA PRO A 373 47.35 9.17 11.46
C PRO A 373 47.65 9.34 12.94
N PRO A 374 48.18 10.50 13.38
CA PRO A 374 48.50 10.69 14.79
C PRO A 374 47.24 10.73 15.66
N GLU A 375 47.37 10.30 16.92
CA GLU A 375 46.22 10.10 17.82
C GLU A 375 45.77 11.40 18.49
N ASP A 376 46.52 12.48 18.35
CA ASP A 376 46.22 13.75 19.09
C ASP A 376 45.30 14.63 18.22
N ALA A 377 45.21 14.37 16.91
CA ALA A 377 44.46 15.18 15.91
C ALA A 377 43.34 14.33 15.30
N PRO A 378 42.20 14.93 14.91
CA PRO A 378 41.10 14.15 14.32
C PRO A 378 41.48 13.77 12.88
N PHE A 379 41.02 12.59 12.46
CA PHE A 379 41.14 12.13 11.06
C PHE A 379 40.17 12.94 10.21
N LEU A 380 38.92 13.07 10.66
CA LEU A 380 37.83 13.68 9.86
C LEU A 380 37.70 15.17 10.20
N PRO A 381 37.35 16.01 9.21
CA PRO A 381 37.12 17.43 9.47
C PRO A 381 35.75 17.67 10.13
N ALA A 382 35.74 18.30 11.31
CA ALA A 382 34.52 18.70 12.05
C ALA A 382 33.51 19.39 11.12
N ASP A 383 33.96 20.26 10.20
CA ASP A 383 33.07 21.07 9.34
C ASP A 383 32.30 20.18 8.34
N LYS A 384 32.93 19.17 7.72
CA LYS A 384 32.25 18.27 6.77
C LYS A 384 31.28 17.35 7.55
N ILE A 385 31.54 17.04 8.82
CA ILE A 385 30.62 16.22 9.66
C ILE A 385 29.34 17.06 9.87
N ALA A 386 29.51 18.32 10.28
CA ALA A 386 28.41 19.32 10.42
C ALA A 386 27.66 19.48 9.09
N ALA A 387 28.34 19.67 7.96
CA ALA A 387 27.67 19.78 6.65
C ALA A 387 26.85 18.52 6.35
N GLU A 388 27.40 17.32 6.57
CA GLU A 388 26.66 16.04 6.26
C GLU A 388 25.46 15.95 7.19
N ALA A 389 25.65 16.27 8.47
CA ALA A 389 24.62 16.21 9.52
C ALA A 389 23.45 17.11 9.13
N LYS A 390 23.74 18.27 8.53
CA LYS A 390 22.74 19.26 8.05
C LYS A 390 22.05 18.73 6.79
N LYS A 391 22.75 18.06 5.89
CA LYS A 391 22.09 17.35 4.76
C LYS A 391 21.09 16.33 5.35
N VAL A 392 21.54 15.52 6.31
CA VAL A 392 20.68 14.45 6.90
C VAL A 392 19.45 15.08 7.56
N GLY A 393 19.65 16.03 8.48
CA GLY A 393 18.58 16.64 9.31
C GLY A 393 17.63 17.46 8.45
N GLY A 394 18.20 18.25 7.53
CA GLY A 394 17.44 19.14 6.63
C GLY A 394 16.56 18.33 5.71
N GLY A 395 17.09 17.21 5.19
CA GLY A 395 16.35 16.23 4.37
C GLY A 395 15.03 15.84 5.01
N VAL A 396 15.05 15.24 6.21
CA VAL A 396 13.81 14.68 6.84
C VAL A 396 12.96 15.85 7.30
N LEU A 397 13.55 16.91 7.83
CA LEU A 397 12.75 18.07 8.31
C LEU A 397 11.91 18.63 7.19
N SER A 398 12.48 18.78 6.01
CA SER A 398 11.80 19.30 4.81
C SER A 398 10.65 18.36 4.35
N LYS A 399 10.57 17.09 4.81
CA LYS A 399 9.52 16.15 4.36
C LYS A 399 8.39 15.98 5.39
N LEU A 400 8.36 16.83 6.42
CA LEU A 400 7.33 16.78 7.47
C LEU A 400 6.15 17.65 7.04
N TYR A 401 5.01 17.07 6.74
CA TYR A 401 3.82 17.90 6.43
C TYR A 401 3.54 18.90 7.56
N LEU A 402 3.69 18.54 8.83
CA LEU A 402 3.36 19.39 9.98
C LEU A 402 4.54 20.29 10.37
N GLY A 403 5.62 20.29 9.59
CA GLY A 403 6.65 21.35 9.59
C GLY A 403 7.68 21.12 10.68
N LYS A 404 7.28 20.50 11.78
CA LYS A 404 8.07 20.43 13.03
C LYS A 404 8.20 18.94 13.38
N MET A 405 9.36 18.53 13.85
CA MET A 405 9.58 17.14 14.30
C MET A 405 8.71 16.96 15.55
N PRO A 406 7.96 15.86 15.72
CA PRO A 406 7.21 15.65 16.95
C PRO A 406 8.22 15.48 18.08
N THR A 407 7.85 15.91 19.28
CA THR A 407 8.66 15.64 20.49
C THR A 407 8.38 14.23 20.99
N GLU A 408 9.18 13.77 21.94
CA GLU A 408 8.93 12.51 22.66
C GLU A 408 7.55 12.58 23.31
N HIS A 409 7.19 13.74 23.83
CA HIS A 409 5.90 13.92 24.55
C HIS A 409 4.77 13.80 23.53
N ASP A 410 4.90 14.45 22.39
CA ASP A 410 3.91 14.37 21.28
C ASP A 410 3.64 12.90 20.87
N VAL A 411 4.69 12.11 20.67
CA VAL A 411 4.59 10.69 20.21
C VAL A 411 3.99 9.86 21.34
N ALA A 412 4.37 10.07 22.60
CA ALA A 412 3.79 9.33 23.74
C ALA A 412 2.31 9.68 23.92
N GLN A 413 1.94 10.94 23.76
CA GLN A 413 0.54 11.40 23.86
C GLN A 413 -0.27 10.69 22.77
N ALA A 414 0.19 10.73 21.52
CA ALA A 414 -0.47 10.02 20.40
C ALA A 414 -0.69 8.55 20.79
N THR A 415 0.35 7.88 21.30
CA THR A 415 0.33 6.44 21.68
C THR A 415 -0.75 6.23 22.73
N VAL A 416 -0.79 7.08 23.74
CA VAL A 416 -1.77 6.93 24.85
C VAL A 416 -3.21 7.15 24.34
N PHE A 417 -3.40 8.04 23.38
CA PHE A 417 -4.71 8.22 22.71
C PHE A 417 -5.05 6.97 21.90
N PHE A 418 -4.08 6.47 21.10
CA PHE A 418 -4.34 5.26 20.28
C PHE A 418 -4.68 4.05 21.17
N LEU A 419 -4.05 3.94 22.34
CA LEU A 419 -4.27 2.75 23.21
C LEU A 419 -5.69 2.72 23.79
N ALA A 420 -6.42 3.84 23.76
CA ALA A 420 -7.79 3.94 24.28
C ALA A 420 -8.81 3.44 23.24
N ASP A 421 -8.46 3.43 21.97
CA ASP A 421 -9.34 2.93 20.89
C ASP A 421 -9.48 1.41 21.05
N ARG A 422 -10.68 0.88 20.78
CA ARG A 422 -11.00 -0.57 20.86
C ARG A 422 -11.36 -1.13 19.48
N ALA A 423 -11.27 -0.36 18.41
CA ALA A 423 -11.73 -0.86 17.08
C ALA A 423 -10.58 -1.13 16.07
N VAL A 424 -9.35 -0.72 16.35
CA VAL A 424 -8.22 -0.83 15.40
C VAL A 424 -7.41 -2.08 15.73
N SER A 425 -7.15 -2.91 14.75
CA SER A 425 -6.09 -3.95 14.91
C SER A 425 -5.47 -4.22 13.56
N GLY A 426 -4.19 -4.49 13.59
CA GLY A 426 -3.35 -4.84 12.43
C GLY A 426 -2.86 -3.63 11.67
N GLU A 427 -2.75 -2.48 12.32
CA GLU A 427 -2.41 -1.21 11.65
C GLU A 427 -1.15 -0.60 12.23
N THR A 428 -0.52 0.28 11.47
CA THR A 428 0.62 1.05 11.96
C THR A 428 0.20 2.52 11.94
N PHE A 429 0.11 3.09 13.11
CA PHE A 429 -0.11 4.54 13.27
C PHE A 429 1.18 5.29 12.93
N MET A 430 1.06 6.55 12.48
CA MET A 430 2.20 7.31 11.95
C MET A 430 2.31 8.66 12.67
N PRO A 431 2.60 8.69 13.99
CA PRO A 431 2.78 9.95 14.73
C PRO A 431 4.19 10.52 14.47
N SER A 432 4.41 10.97 13.25
CA SER A 432 5.76 11.27 12.70
C SER A 432 5.91 12.76 12.36
N GLY A 433 4.84 13.56 12.54
CA GLY A 433 4.80 14.94 12.03
C GLY A 433 4.45 14.98 10.57
N GLY A 434 3.79 13.93 10.06
CA GLY A 434 3.41 13.87 8.65
C GLY A 434 4.61 13.63 7.75
N LEU A 435 5.54 12.82 8.24
CA LEU A 435 6.77 12.46 7.48
C LEU A 435 6.37 11.73 6.20
N SER A 436 6.83 12.22 5.07
CA SER A 436 6.50 11.62 3.76
C SER A 436 7.80 11.54 2.94
N VAL A 437 8.44 10.37 2.91
CA VAL A 437 9.60 10.07 2.01
C VAL A 437 9.04 9.33 0.81
N GLU A 438 9.05 9.96 -0.34
CA GLU A 438 8.45 9.44 -1.61
C GLU A 438 9.38 8.35 -2.15
N ARG A 439 8.83 7.20 -2.49
CA ARG A 439 9.64 6.13 -3.12
C ARG A 439 8.70 5.20 -3.89
N SER A 440 9.23 4.37 -4.79
CA SER A 440 8.37 3.46 -5.59
C SER A 440 8.86 2.02 -5.39
N THR A 441 8.74 1.54 -4.16
CA THR A 441 9.20 0.21 -3.70
C THR A 441 8.02 -0.72 -3.37
N THR A 442 6.87 -0.60 -4.04
CA THR A 442 5.68 -1.44 -3.73
C THR A 442 5.86 -2.90 -4.18
N GLU A 443 5.36 -3.87 -3.39
CA GLU A 443 5.40 -5.32 -3.77
C GLU A 443 4.60 -5.40 -5.06
N ARG A 444 5.15 -6.06 -6.07
CA ARG A 444 4.45 -6.17 -7.39
C ARG A 444 4.13 -7.67 -7.66
N GLU A 445 3.14 -7.93 -8.50
CA GLU A 445 2.78 -9.32 -8.90
C GLU A 445 3.19 -9.44 -10.38
N LEU A 446 3.95 -10.47 -10.72
CA LEU A 446 4.58 -10.62 -12.07
C LEU A 446 3.63 -10.83 -13.24
N PHE A 447 3.86 -10.02 -14.28
CA PHE A 447 3.33 -10.07 -15.66
C PHE A 447 4.26 -9.13 -16.45
N GLY A 448 5.53 -9.53 -16.60
CA GLY A 448 6.56 -8.71 -17.29
C GLY A 448 7.58 -9.57 -18.04
N SER A 449 8.29 -9.00 -19.03
CA SER A 449 9.23 -9.83 -19.83
C SER A 449 10.43 -9.05 -20.39
N PRO A 450 11.55 -9.74 -20.69
CA PRO A 450 12.79 -9.19 -21.27
C PRO A 450 13.19 -9.83 -22.61
N LYS A 451 14.03 -9.14 -23.41
CA LYS A 451 14.45 -9.63 -24.76
C LYS A 451 15.26 -10.94 -24.61
N GLN A 452 15.02 -11.91 -25.50
CA GLN A 452 15.82 -13.17 -25.63
C GLN A 452 17.30 -12.80 -25.70
N GLU A 453 17.66 -11.68 -26.37
CA GLU A 453 19.06 -11.16 -26.45
C GLU A 453 19.66 -11.01 -25.04
N ARG A 454 18.84 -10.60 -24.09
CA ARG A 454 19.31 -10.34 -22.72
C ARG A 454 19.55 -11.68 -22.00
N LEU A 455 18.63 -12.61 -22.14
CA LEU A 455 18.75 -13.99 -21.61
C LEU A 455 19.99 -14.64 -22.21
N ASP A 456 20.31 -14.36 -23.48
CA ASP A 456 21.44 -14.99 -24.22
C ASP A 456 22.80 -14.54 -23.65
N GLN A 457 22.89 -13.44 -22.92
CA GLN A 457 24.19 -13.05 -22.31
C GLN A 457 24.54 -14.01 -21.17
N MET A 458 23.60 -14.85 -20.72
CA MET A 458 23.92 -15.91 -19.74
C MET A 458 24.79 -17.01 -20.40
N ARG A 459 24.95 -16.97 -21.72
CA ARG A 459 25.49 -18.15 -22.44
C ARG A 459 26.92 -18.33 -21.94
N GLY A 460 27.30 -19.48 -21.43
CA GLY A 460 28.71 -19.72 -21.03
C GLY A 460 29.01 -19.33 -19.59
N LYS A 461 28.06 -18.71 -18.90
CA LYS A 461 28.33 -18.15 -17.56
C LYS A 461 28.01 -19.16 -16.48
N THR A 462 28.39 -18.81 -15.24
CA THR A 462 28.16 -19.64 -14.05
C THR A 462 27.09 -18.98 -13.17
N VAL A 463 26.18 -19.79 -12.65
CA VAL A 463 25.06 -19.37 -11.75
C VAL A 463 25.22 -20.21 -10.48
N TRP A 464 24.91 -19.63 -9.33
CA TRP A 464 24.80 -20.36 -8.05
C TRP A 464 23.33 -20.38 -7.65
N ILE A 465 22.84 -21.55 -7.23
CA ILE A 465 21.49 -21.69 -6.62
C ILE A 465 21.70 -22.23 -5.22
N ILE A 466 21.25 -21.46 -4.23
CA ILE A 466 21.40 -21.88 -2.81
C ILE A 466 20.04 -22.36 -2.33
N GLY A 467 19.94 -23.59 -1.81
CA GLY A 467 18.65 -24.08 -1.32
C GLY A 467 18.69 -25.52 -0.90
N GLU A 468 17.56 -26.02 -0.43
CA GLU A 468 17.46 -27.45 0.03
C GLU A 468 16.02 -27.93 -0.19
N HIS A 469 15.08 -27.39 0.59
CA HIS A 469 13.67 -27.86 0.55
C HIS A 469 12.88 -27.54 -0.73
N LEU A 470 13.13 -26.43 -1.41
CA LEU A 470 12.29 -26.06 -2.59
C LEU A 470 12.73 -26.80 -3.87
N VAL A 471 12.59 -28.12 -3.89
CA VAL A 471 13.13 -28.97 -4.99
C VAL A 471 12.53 -28.61 -6.34
N ASP A 472 11.22 -28.45 -6.43
CA ASP A 472 10.59 -28.19 -7.76
C ASP A 472 11.10 -26.87 -8.34
N TYR A 473 11.21 -25.87 -7.48
CA TYR A 473 11.61 -24.50 -7.89
C TYR A 473 13.11 -24.50 -8.27
N LEU A 474 13.91 -25.16 -7.47
CA LEU A 474 15.39 -25.18 -7.68
C LEU A 474 15.64 -25.92 -9.02
N ALA A 475 14.92 -27.02 -9.25
CA ALA A 475 15.11 -27.81 -10.47
C ALA A 475 14.69 -27.01 -11.70
N GLU A 476 13.52 -26.37 -11.66
CA GLU A 476 13.04 -25.65 -12.86
C GLU A 476 13.99 -24.47 -13.10
N THR A 477 14.51 -23.85 -12.04
CA THR A 477 15.41 -22.67 -12.20
C THR A 477 16.76 -23.14 -12.82
N ALA A 478 17.31 -24.22 -12.32
CA ALA A 478 18.53 -24.83 -12.91
C ALA A 478 18.26 -25.16 -14.39
N ARG A 479 17.18 -25.88 -14.67
CA ARG A 479 16.79 -26.23 -16.07
C ARG A 479 16.66 -24.95 -16.91
N ALA A 480 15.99 -23.90 -16.43
CA ALA A 480 15.84 -22.66 -17.19
C ALA A 480 17.22 -22.09 -17.50
N PHE A 481 18.11 -22.00 -16.51
CA PHE A 481 19.43 -21.40 -16.73
C PHE A 481 20.23 -22.23 -17.79
N ILE A 482 20.22 -23.56 -17.67
CA ILE A 482 21.02 -24.50 -18.52
C ILE A 482 20.39 -24.57 -19.92
N GLU A 483 19.10 -24.88 -20.00
CA GLU A 483 18.44 -25.22 -21.30
C GLU A 483 18.04 -23.94 -22.01
N ASP A 484 17.42 -22.96 -21.35
CA ASP A 484 16.84 -21.77 -22.00
C ASP A 484 17.90 -20.67 -22.10
N CYS A 485 18.85 -20.56 -21.16
CA CYS A 485 19.81 -19.46 -21.23
C CYS A 485 21.24 -19.94 -21.57
N HIS A 486 21.51 -21.24 -21.56
CA HIS A 486 22.81 -21.81 -22.02
C HIS A 486 23.91 -21.43 -21.03
N ALA A 487 23.58 -21.34 -19.74
CA ALA A 487 24.60 -21.23 -18.67
C ALA A 487 25.48 -22.47 -18.79
N ALA A 488 26.79 -22.30 -18.64
CA ALA A 488 27.76 -23.43 -18.64
C ALA A 488 27.65 -24.27 -17.37
N ASN A 489 27.31 -23.63 -16.24
CA ASN A 489 27.47 -24.30 -14.92
C ASN A 489 26.46 -23.69 -13.93
N VAL A 490 25.68 -24.54 -13.29
CA VAL A 490 24.84 -24.15 -12.14
C VAL A 490 25.42 -24.88 -10.95
N VAL A 491 25.97 -24.13 -10.00
CA VAL A 491 26.47 -24.66 -8.71
C VAL A 491 25.28 -24.62 -7.75
N LEU A 492 24.79 -25.82 -7.40
CA LEU A 492 23.66 -25.98 -6.46
C LEU A 492 24.28 -26.22 -5.08
N ILE A 493 24.21 -25.19 -4.23
CA ILE A 493 24.78 -25.16 -2.87
C ILE A 493 23.68 -25.61 -1.92
N THR A 494 23.82 -26.80 -1.32
CA THR A 494 22.75 -27.41 -0.48
C THR A 494 23.23 -27.67 0.96
N ARG A 495 22.27 -27.91 1.86
CA ARG A 495 22.59 -28.35 3.24
C ARG A 495 23.02 -29.84 3.20
N THR A 496 22.48 -30.68 2.33
CA THR A 496 22.76 -32.15 2.29
C THR A 496 23.00 -32.61 0.87
N ALA A 497 23.69 -33.76 0.69
CA ALA A 497 23.83 -34.44 -0.62
C ALA A 497 22.46 -34.87 -1.14
N GLU A 498 21.59 -35.34 -0.26
CA GLU A 498 20.24 -35.82 -0.65
C GLU A 498 19.47 -34.61 -1.22
N GLY A 499 19.71 -33.41 -0.68
CA GLY A 499 19.03 -32.22 -1.24
C GLY A 499 19.44 -31.99 -2.67
N PHE A 500 20.73 -32.15 -2.96
CA PHE A 500 21.23 -32.07 -4.37
C PHE A 500 20.62 -33.16 -5.24
N ASP A 501 20.65 -34.40 -4.73
CA ASP A 501 20.21 -35.59 -5.50
C ASP A 501 18.77 -35.39 -5.95
N ALA A 502 17.93 -34.87 -5.05
CA ALA A 502 16.50 -34.67 -5.34
C ALA A 502 16.30 -33.69 -6.49
N VAL A 503 17.04 -32.57 -6.51
CA VAL A 503 16.95 -31.61 -7.64
C VAL A 503 17.47 -32.29 -8.92
N GLU A 504 18.62 -32.93 -8.83
CA GLU A 504 19.29 -33.55 -10.03
C GLU A 504 18.32 -34.57 -10.66
N ALA A 505 17.60 -35.34 -9.86
CA ALA A 505 16.65 -36.40 -10.31
C ALA A 505 15.52 -35.80 -11.13
N GLN A 506 15.23 -34.50 -11.06
CA GLN A 506 14.11 -33.90 -11.82
C GLN A 506 14.61 -33.44 -13.17
N LEU A 507 15.91 -33.52 -13.43
CA LEU A 507 16.46 -32.93 -14.66
C LEU A 507 16.71 -34.04 -15.69
N ASP A 508 16.51 -33.79 -16.98
CA ASP A 508 17.03 -34.68 -18.07
C ASP A 508 18.53 -34.85 -17.89
N GLU A 509 19.09 -36.00 -18.26
CA GLU A 509 20.52 -36.35 -18.06
C GLU A 509 21.39 -35.30 -18.79
N ASP A 510 20.97 -34.78 -19.95
CA ASP A 510 21.79 -33.84 -20.73
C ASP A 510 21.83 -32.49 -19.98
N VAL A 511 20.75 -32.07 -19.37
CA VAL A 511 20.74 -30.80 -18.56
C VAL A 511 21.58 -30.99 -17.30
N ALA A 512 21.43 -32.13 -16.63
CA ALA A 512 22.09 -32.45 -15.36
C ALA A 512 23.60 -32.45 -15.52
N GLN A 513 24.10 -32.53 -16.75
CA GLN A 513 25.55 -32.52 -17.03
C GLN A 513 26.16 -31.18 -16.61
N SER A 514 25.33 -30.15 -16.52
CA SER A 514 25.81 -28.76 -16.22
C SER A 514 25.48 -28.35 -14.78
N LEU A 515 25.09 -29.33 -13.94
CA LEU A 515 24.80 -29.15 -12.50
C LEU A 515 25.96 -29.62 -11.63
N THR A 516 26.51 -28.73 -10.80
CA THR A 516 27.59 -29.02 -9.83
C THR A 516 27.04 -28.98 -8.40
N SER A 517 27.38 -29.98 -7.59
CA SER A 517 27.08 -30.05 -6.14
C SER A 517 28.12 -29.35 -5.30
N LEU A 518 27.70 -28.49 -4.38
CA LEU A 518 28.56 -28.11 -3.24
C LEU A 518 27.68 -28.17 -2.02
N VAL A 519 27.98 -29.12 -1.12
CA VAL A 519 27.27 -29.30 0.16
C VAL A 519 27.95 -28.46 1.21
N VAL A 520 27.17 -27.67 1.94
CA VAL A 520 27.70 -26.78 3.00
C VAL A 520 28.39 -27.65 4.04
N SER A 521 29.62 -27.32 4.42
CA SER A 521 30.37 -28.11 5.41
C SER A 521 30.54 -27.31 6.71
N SER A 522 30.61 -25.98 6.60
CA SER A 522 30.68 -25.12 7.80
C SER A 522 29.52 -24.10 7.72
N ASP A 523 29.75 -22.97 7.05
CA ASP A 523 28.67 -21.96 6.91
C ASP A 523 28.52 -21.61 5.42
N ILE A 524 27.45 -20.90 5.09
CA ILE A 524 27.17 -20.52 3.68
C ILE A 524 28.30 -19.63 3.15
N GLU A 525 28.87 -18.74 3.97
CA GLU A 525 29.96 -17.83 3.51
C GLU A 525 31.15 -18.68 3.08
N ALA A 526 31.51 -19.72 3.83
CA ALA A 526 32.64 -20.60 3.47
C ALA A 526 32.29 -21.37 2.17
N ALA A 527 31.04 -21.84 2.01
CA ALA A 527 30.59 -22.56 0.81
C ALA A 527 30.70 -21.65 -0.40
N MET A 528 30.32 -20.38 -0.25
CA MET A 528 30.46 -19.37 -1.34
C MET A 528 31.95 -19.16 -1.64
N ASP A 529 32.80 -19.00 -0.62
CA ASP A 529 34.25 -18.84 -0.85
C ASP A 529 34.78 -20.04 -1.65
N GLU A 530 34.39 -21.24 -1.25
CA GLU A 530 34.77 -22.52 -1.88
C GLU A 530 34.25 -22.61 -3.32
N ALA A 531 32.97 -22.35 -3.56
CA ALA A 531 32.40 -22.33 -4.93
C ALA A 531 33.20 -21.33 -5.79
N LEU A 532 33.52 -20.14 -5.25
CA LEU A 532 34.25 -19.09 -6.02
C LEU A 532 35.66 -19.62 -6.39
N SER A 533 36.38 -20.19 -5.43
CA SER A 533 37.77 -20.71 -5.55
C SER A 533 37.80 -21.78 -6.65
N GLN A 534 36.82 -22.69 -6.64
CA GLN A 534 36.75 -23.88 -7.52
C GLN A 534 36.28 -23.48 -8.90
N TRP A 535 35.15 -22.80 -9.03
CA TRP A 535 34.47 -22.71 -10.35
C TRP A 535 34.32 -21.29 -10.86
N GLY A 536 34.78 -20.30 -10.11
CA GLY A 536 34.89 -18.91 -10.59
C GLY A 536 33.67 -18.05 -10.27
N ARG A 537 33.69 -16.83 -10.79
CA ARG A 537 32.77 -15.77 -10.37
C ARG A 537 31.42 -16.04 -11.04
N PRO A 538 30.35 -16.01 -10.22
CA PRO A 538 28.99 -16.21 -10.73
C PRO A 538 28.45 -14.91 -11.32
N THR A 539 27.55 -15.09 -12.31
CA THR A 539 26.82 -14.04 -13.01
C THR A 539 25.51 -13.81 -12.24
N THR A 540 24.98 -14.88 -11.67
CA THR A 540 23.70 -14.85 -10.94
C THR A 540 23.83 -15.69 -9.67
N ILE A 541 23.33 -15.16 -8.56
CA ILE A 541 23.19 -15.92 -7.31
C ILE A 541 21.73 -15.85 -6.87
N LEU A 542 21.10 -17.01 -6.80
CA LEU A 542 19.74 -17.14 -6.27
C LEU A 542 19.86 -17.71 -4.85
N SER A 543 19.40 -16.95 -3.87
CA SER A 543 19.32 -17.37 -2.46
C SER A 543 17.91 -17.81 -2.15
N THR A 544 17.73 -19.07 -1.74
CA THR A 544 16.47 -19.58 -1.20
C THR A 544 16.76 -20.13 0.19
N PRO A 545 15.75 -20.11 1.05
CA PRO A 545 15.90 -20.63 2.41
C PRO A 545 16.09 -22.14 2.38
N PHE A 546 16.91 -22.67 3.28
CA PHE A 546 17.17 -24.12 3.36
C PHE A 546 15.98 -24.86 4.00
N THR A 547 15.14 -24.21 4.77
CA THR A 547 14.12 -24.89 5.61
C THR A 547 12.76 -24.31 5.29
N ALA A 548 11.76 -25.16 5.46
CA ALA A 548 10.34 -24.83 5.29
C ALA A 548 9.88 -24.07 6.54
N LEU A 549 8.89 -23.22 6.42
CA LEU A 549 8.31 -22.54 7.61
C LEU A 549 7.58 -23.55 8.49
N PRO A 550 7.60 -23.34 9.81
CA PRO A 550 6.74 -24.06 10.74
C PRO A 550 5.26 -23.71 10.50
N GLY A 551 4.40 -24.62 10.91
CA GLY A 551 2.95 -24.58 10.71
C GLY A 551 2.25 -24.19 11.99
N LYS A 552 2.80 -23.22 12.72
CA LYS A 552 2.17 -22.83 14.00
C LYS A 552 2.58 -21.41 14.40
N LEU A 553 1.85 -20.82 15.35
CA LEU A 553 2.16 -19.46 15.83
C LEU A 553 1.70 -19.29 17.28
N PHE A 554 0.42 -18.93 17.52
CA PHE A 554 -0.05 -18.69 18.91
C PHE A 554 -0.99 -19.79 19.44
N GLU A 555 -1.10 -20.92 18.76
CA GLU A 555 -2.06 -21.98 19.20
C GLU A 555 -1.70 -22.35 20.66
N ALA A 556 -2.71 -22.48 21.50
CA ALA A 556 -2.50 -22.89 22.90
C ALA A 556 -1.86 -24.28 22.93
N GLN A 557 -2.19 -25.18 22.03
CA GLN A 557 -1.74 -26.60 22.14
C GLN A 557 -0.24 -26.67 21.83
N ASP A 558 0.24 -25.96 20.81
CA ASP A 558 1.63 -26.09 20.31
C ASP A 558 2.02 -24.79 19.60
N PRO A 559 2.36 -23.75 20.38
CA PRO A 559 2.70 -22.46 19.79
C PRO A 559 4.09 -22.57 19.18
N LEU A 560 4.40 -21.58 18.36
CA LEU A 560 5.77 -21.30 17.91
C LEU A 560 6.50 -20.66 19.10
N THR A 561 7.49 -21.35 19.64
CA THR A 561 8.23 -20.83 20.82
C THR A 561 9.16 -19.72 20.34
N PRO A 562 9.60 -18.82 21.27
CA PRO A 562 10.52 -17.77 20.88
C PRO A 562 11.77 -18.35 20.21
N ASP A 563 12.27 -19.49 20.70
CA ASP A 563 13.48 -20.10 20.10
C ASP A 563 13.17 -20.55 18.66
N GLU A 564 11.99 -21.12 18.43
CA GLU A 564 11.56 -21.51 17.07
C GLU A 564 11.39 -20.26 16.19
N PHE A 565 10.84 -19.21 16.72
CA PHE A 565 10.68 -17.93 15.97
C PHE A 565 12.08 -17.40 15.62
N ARG A 566 12.99 -17.47 16.58
CA ARG A 566 14.41 -17.06 16.35
C ARG A 566 15.03 -17.86 15.18
N GLU A 567 14.74 -19.16 15.08
CA GLU A 567 15.23 -19.99 13.96
C GLU A 567 14.53 -19.58 12.67
N VAL A 568 13.24 -19.21 12.70
CA VAL A 568 12.56 -18.69 11.50
C VAL A 568 13.32 -17.45 10.98
N VAL A 569 13.68 -16.57 11.90
CA VAL A 569 14.44 -15.33 11.56
C VAL A 569 15.79 -15.73 10.97
N ALA A 570 16.53 -16.62 11.64
CA ALA A 570 17.85 -17.10 11.17
C ALA A 570 17.77 -17.70 9.75
N ASP A 571 16.75 -18.50 9.48
CA ASP A 571 16.64 -19.28 8.24
C ASP A 571 16.10 -18.42 7.09
N ASN A 572 15.32 -17.38 7.39
CA ASN A 572 14.58 -16.60 6.37
C ASN A 572 14.99 -15.13 6.20
N LEU A 573 15.73 -14.59 7.16
CA LEU A 573 16.26 -13.20 7.08
C LEU A 573 17.77 -13.25 7.17
N THR A 574 18.34 -13.75 8.27
CA THR A 574 19.79 -13.78 8.46
C THR A 574 20.46 -14.55 7.32
N HIS A 575 19.90 -15.68 6.92
CA HIS A 575 20.40 -16.52 5.79
C HIS A 575 20.64 -15.67 4.54
N HIS A 576 19.71 -14.81 4.18
CA HIS A 576 19.86 -13.97 2.98
C HIS A 576 20.90 -12.90 3.21
N PHE A 577 20.97 -12.36 4.44
CA PHE A 577 21.99 -11.36 4.81
C PHE A 577 23.38 -11.97 4.61
N ARG A 578 23.57 -13.20 5.07
CA ARG A 578 24.87 -13.92 5.04
C ARG A 578 25.27 -14.21 3.59
N VAL A 579 24.34 -14.60 2.73
CA VAL A 579 24.60 -14.76 1.26
C VAL A 579 24.93 -13.38 0.68
N SER A 580 24.15 -12.35 1.02
CA SER A 580 24.24 -11.01 0.39
C SER A 580 25.58 -10.35 0.69
N ARG A 581 26.13 -10.56 1.90
CA ARG A 581 27.34 -9.84 2.31
C ARG A 581 28.54 -10.32 1.47
N ARG A 582 28.49 -11.54 0.92
CA ARG A 582 29.49 -12.05 -0.08
C ARG A 582 29.11 -11.64 -1.50
N ALA A 583 27.86 -11.84 -1.90
CA ALA A 583 27.40 -11.67 -3.30
C ALA A 583 27.60 -10.19 -3.72
N SER A 584 27.48 -9.29 -2.76
CA SER A 584 27.53 -7.84 -2.98
C SER A 584 28.94 -7.38 -3.34
N LEU A 585 29.92 -8.29 -3.25
CA LEU A 585 31.35 -8.02 -3.54
C LEU A 585 31.78 -8.60 -4.88
N TYR A 586 30.86 -9.10 -5.72
CA TYR A 586 31.20 -9.87 -6.95
C TYR A 586 30.87 -9.01 -8.19
N ASP A 587 31.90 -8.58 -8.92
CA ASP A 587 31.72 -7.84 -10.19
C ASP A 587 30.81 -8.62 -11.12
N ASP A 588 29.84 -7.92 -11.72
CA ASP A 588 29.01 -8.42 -12.85
C ASP A 588 28.07 -9.54 -12.36
N CYS A 589 27.80 -9.59 -11.06
CA CYS A 589 26.88 -10.57 -10.48
C CYS A 589 25.56 -9.86 -10.16
N GLN A 590 24.46 -10.58 -10.31
CA GLN A 590 23.10 -10.16 -9.93
C GLN A 590 22.65 -11.06 -8.78
N LEU A 591 22.11 -10.50 -7.73
CA LEU A 591 21.67 -11.22 -6.51
C LEU A 591 20.15 -11.27 -6.48
N VAL A 592 19.61 -12.47 -6.24
CA VAL A 592 18.15 -12.67 -6.18
C VAL A 592 17.84 -13.34 -4.84
N LEU A 593 16.98 -12.74 -4.04
CA LEU A 593 16.56 -13.29 -2.75
C LEU A 593 15.15 -13.85 -2.89
N THR A 594 14.92 -15.03 -2.32
CA THR A 594 13.63 -15.71 -2.41
C THR A 594 13.01 -15.77 -1.01
N SER A 595 11.76 -15.31 -0.88
CA SER A 595 11.01 -15.42 0.39
C SER A 595 10.21 -16.72 0.33
N PRO A 596 9.66 -17.14 1.49
CA PRO A 596 9.05 -18.46 1.64
C PRO A 596 7.83 -18.88 0.80
N ASP A 597 7.78 -20.19 0.56
CA ASP A 597 6.67 -20.92 -0.09
C ASP A 597 5.74 -21.48 1.01
N VAL A 598 4.51 -21.84 0.67
CA VAL A 598 3.60 -22.56 1.59
C VAL A 598 3.10 -23.81 0.86
N ALA A 599 3.24 -24.98 1.46
CA ALA A 599 2.82 -26.24 0.80
C ALA A 599 1.37 -26.07 0.31
N MET A 600 1.04 -26.61 -0.85
CA MET A 600 -0.37 -26.55 -1.34
C MET A 600 -1.32 -27.28 -0.38
N GLY A 601 -2.50 -26.73 -0.16
CA GLY A 601 -3.50 -27.28 0.76
C GLY A 601 -3.21 -26.94 2.23
N ASP A 602 -2.06 -26.37 2.57
CA ASP A 602 -1.77 -25.99 3.99
C ASP A 602 -2.79 -24.94 4.46
N LYS A 603 -3.27 -25.00 5.69
CA LYS A 603 -4.16 -23.94 6.22
C LYS A 603 -3.67 -23.42 7.59
N SER A 604 -2.39 -23.51 7.82
CA SER A 604 -1.72 -23.17 9.11
C SER A 604 -1.32 -21.71 9.09
N PRO A 605 -0.72 -21.18 10.17
CA PRO A 605 -0.16 -19.84 10.11
C PRO A 605 1.12 -19.74 9.26
N ALA A 606 1.55 -20.80 8.58
CA ALA A 606 2.70 -20.70 7.66
C ALA A 606 2.49 -19.56 6.66
N PHE A 607 1.26 -19.41 6.15
CA PHE A 607 0.90 -18.35 5.19
C PHE A 607 1.21 -16.98 5.81
N ALA A 608 0.78 -16.75 7.06
CA ALA A 608 1.05 -15.50 7.80
C ALA A 608 2.56 -15.32 7.97
N LEU A 609 3.27 -16.37 8.34
CA LEU A 609 4.74 -16.29 8.50
C LEU A 609 5.42 -15.92 7.16
N ALA A 610 4.96 -16.47 6.03
CA ALA A 610 5.54 -16.19 4.69
C ALA A 610 5.39 -14.68 4.38
N ASN A 611 4.20 -14.13 4.65
CA ASN A 611 3.90 -12.69 4.41
C ASN A 611 4.70 -11.81 5.38
N PHE A 612 4.87 -12.24 6.65
CA PHE A 612 5.75 -11.57 7.63
C PHE A 612 7.16 -11.46 7.04
N ILE A 613 7.70 -12.58 6.54
CA ILE A 613 9.07 -12.59 5.96
C ILE A 613 9.11 -11.73 4.71
N LYS A 614 8.10 -11.81 3.81
CA LYS A 614 8.12 -11.04 2.55
C LYS A 614 8.35 -9.55 2.90
N THR A 615 7.54 -9.02 3.81
CA THR A 615 7.57 -7.58 4.23
C THR A 615 8.93 -7.24 4.80
N THR A 616 9.37 -8.06 5.73
CA THR A 616 10.58 -7.84 6.54
C THR A 616 11.80 -7.92 5.61
N LEU A 617 11.85 -8.91 4.75
CA LEU A 617 13.00 -9.08 3.80
C LEU A 617 13.00 -7.94 2.78
N HIS A 618 11.84 -7.40 2.43
CA HIS A 618 11.78 -6.27 1.45
C HIS A 618 12.54 -5.07 2.02
N ALA A 619 12.52 -4.84 3.36
CA ALA A 619 13.32 -3.75 3.96
C ALA A 619 14.80 -3.99 3.62
N PHE A 620 15.26 -5.24 3.75
CA PHE A 620 16.66 -5.63 3.45
C PHE A 620 16.97 -5.42 1.97
N THR A 621 16.11 -5.97 1.10
CA THR A 621 16.24 -5.84 -0.37
C THR A 621 16.39 -4.36 -0.77
N ALA A 622 15.47 -3.51 -0.34
CA ALA A 622 15.45 -2.06 -0.71
C ALA A 622 16.74 -1.40 -0.22
N THR A 623 17.17 -1.72 1.01
CA THR A 623 18.33 -1.06 1.66
C THR A 623 19.62 -1.49 0.97
N LEU A 624 19.72 -2.78 0.68
CA LEU A 624 20.96 -3.33 0.06
C LEU A 624 21.05 -2.82 -1.39
N ALA A 625 19.96 -2.72 -2.14
CA ALA A 625 19.98 -2.22 -3.54
C ALA A 625 20.64 -0.83 -3.55
N VAL A 626 20.29 0.04 -2.61
CA VAL A 626 20.84 1.42 -2.53
C VAL A 626 22.31 1.39 -2.09
N GLU A 627 22.63 0.60 -1.08
CA GLU A 627 24.04 0.50 -0.61
C GLU A 627 24.92 0.02 -1.76
N ASN A 628 24.48 -1.01 -2.49
CA ASN A 628 25.31 -1.66 -3.52
C ASN A 628 25.62 -0.68 -4.67
N GLU A 629 24.73 0.25 -4.99
CA GLU A 629 25.01 1.27 -6.05
C GLU A 629 26.12 2.21 -5.59
N ARG A 630 26.45 2.28 -4.31
CA ARG A 630 27.51 3.15 -3.76
C ARG A 630 28.84 2.40 -3.78
N LEU A 631 28.80 1.08 -3.98
CA LEU A 631 30.00 0.23 -4.00
C LEU A 631 30.48 0.13 -5.43
N VAL A 632 31.77 -0.06 -5.60
CA VAL A 632 32.37 -0.24 -6.93
C VAL A 632 31.78 -1.48 -7.65
N HIS A 633 31.34 -2.53 -6.94
CA HIS A 633 30.82 -3.80 -7.54
C HIS A 633 29.42 -3.61 -8.13
N ASP A 634 28.64 -2.67 -7.60
CA ASP A 634 27.34 -2.23 -8.17
C ASP A 634 26.42 -3.44 -8.38
N VAL A 635 26.33 -4.32 -7.39
CA VAL A 635 25.55 -5.58 -7.50
C VAL A 635 24.06 -5.30 -7.34
N PRO A 636 23.25 -5.52 -8.38
CA PRO A 636 21.80 -5.41 -8.25
C PRO A 636 21.26 -6.50 -7.32
N VAL A 637 20.24 -6.15 -6.55
CA VAL A 637 19.53 -7.08 -5.65
C VAL A 637 18.03 -6.89 -5.88
N ASN A 638 17.33 -8.01 -6.11
CA ASN A 638 15.87 -8.08 -6.26
C ASN A 638 15.35 -9.29 -5.48
N GLN A 639 14.08 -9.23 -5.11
CA GLN A 639 13.40 -10.22 -4.25
C GLN A 639 12.25 -10.84 -5.05
N ILE A 640 12.13 -12.16 -4.96
CA ILE A 640 11.02 -12.96 -5.56
C ILE A 640 10.30 -13.68 -4.42
N ASN A 641 8.98 -13.55 -4.41
CA ASN A 641 8.12 -14.11 -3.34
C ASN A 641 7.41 -15.35 -3.89
N LEU A 642 7.48 -16.45 -3.14
CA LEU A 642 6.78 -17.70 -3.49
C LEU A 642 5.40 -17.76 -2.81
N THR A 643 5.03 -16.77 -2.00
CA THR A 643 3.69 -16.77 -1.38
C THR A 643 2.97 -15.49 -1.77
N ARG A 644 1.68 -15.62 -2.10
CA ARG A 644 0.83 -14.47 -2.50
C ARG A 644 0.29 -13.82 -1.25
N ARG A 645 -0.26 -12.61 -1.40
CA ARG A 645 -0.83 -11.82 -0.29
C ARG A 645 -2.21 -12.36 0.00
N VAL A 646 -2.92 -12.93 -0.97
CA VAL A 646 -4.35 -13.31 -0.81
C VAL A 646 -4.37 -14.86 -0.77
N GLN A 647 -4.75 -15.46 0.36
CA GLN A 647 -4.65 -16.92 0.54
C GLN A 647 -5.50 -17.71 -0.47
N SER A 648 -6.70 -17.23 -0.83
CA SER A 648 -7.54 -17.93 -1.86
C SER A 648 -6.85 -17.88 -3.24
N GLU A 649 -5.86 -17.00 -3.45
CA GLU A 649 -5.12 -16.96 -4.74
C GLU A 649 -3.92 -17.92 -4.77
N GLU A 650 -3.63 -18.60 -3.68
CA GLU A 650 -2.50 -19.57 -3.65
C GLU A 650 -2.83 -20.75 -4.57
N PRO A 651 -1.84 -21.35 -5.27
CA PRO A 651 -2.09 -22.54 -6.07
C PRO A 651 -2.88 -23.60 -5.30
N ARG A 652 -3.92 -24.14 -5.94
CA ARG A 652 -4.85 -25.05 -5.22
C ARG A 652 -4.90 -26.43 -5.88
N ASP A 653 -4.23 -26.68 -7.01
CA ASP A 653 -4.04 -28.06 -7.55
C ASP A 653 -2.64 -28.21 -8.15
N LEU A 654 -2.33 -29.42 -8.61
CA LEU A 654 -1.05 -29.74 -9.27
C LEU A 654 -0.77 -28.77 -10.42
N ASP A 655 -1.71 -28.54 -11.32
CA ASP A 655 -1.55 -27.66 -12.50
C ASP A 655 -1.15 -26.23 -12.08
N GLU A 656 -1.76 -25.70 -11.02
CA GLU A 656 -1.45 -24.33 -10.57
C GLU A 656 -0.04 -24.36 -9.94
N HIS A 657 0.32 -25.43 -9.22
CA HIS A 657 1.68 -25.62 -8.66
C HIS A 657 2.72 -25.51 -9.79
N LEU A 658 2.53 -26.22 -10.91
CA LEU A 658 3.55 -26.32 -11.97
C LEU A 658 3.62 -24.99 -12.72
N GLU A 659 2.50 -24.29 -12.86
CA GLU A 659 2.47 -22.91 -13.44
C GLU A 659 3.29 -21.97 -12.54
N GLU A 660 3.12 -22.04 -11.20
CA GLU A 660 3.90 -21.18 -10.28
C GLU A 660 5.40 -21.50 -10.38
N VAL A 661 5.78 -22.78 -10.39
CA VAL A 661 7.18 -23.27 -10.52
C VAL A 661 7.81 -22.66 -11.78
N ARG A 662 7.09 -22.71 -12.92
CA ARG A 662 7.60 -22.18 -14.22
C ARG A 662 7.73 -20.66 -14.10
N ARG A 663 6.75 -20.01 -13.47
CA ARG A 663 6.73 -18.54 -13.36
C ARG A 663 7.88 -18.11 -12.45
N PHE A 664 8.14 -18.87 -11.40
CA PHE A 664 9.27 -18.56 -10.50
C PHE A 664 10.57 -18.47 -11.31
N ALA A 665 10.86 -19.49 -12.11
CA ALA A 665 12.14 -19.57 -12.87
C ALA A 665 12.23 -18.41 -13.86
N ARG A 666 11.10 -18.04 -14.47
CA ARG A 666 11.02 -16.88 -15.40
C ARG A 666 11.31 -15.61 -14.61
N ALA A 667 10.79 -15.47 -13.38
CA ALA A 667 11.07 -14.28 -12.54
C ALA A 667 12.55 -14.25 -12.16
N VAL A 668 13.18 -15.41 -11.90
CA VAL A 668 14.62 -15.42 -11.54
C VAL A 668 15.41 -14.94 -12.76
N LEU A 669 15.05 -15.39 -13.97
CA LEU A 669 15.77 -14.96 -15.20
C LEU A 669 15.59 -13.46 -15.42
N LEU A 670 14.39 -12.93 -15.25
CA LEU A 670 14.06 -11.51 -15.43
C LEU A 670 15.00 -10.63 -14.58
N VAL A 671 15.22 -10.99 -13.31
CA VAL A 671 16.07 -10.16 -12.42
C VAL A 671 17.47 -10.75 -12.30
N GLY A 672 17.74 -11.92 -12.86
CA GLY A 672 19.04 -12.60 -12.68
C GLY A 672 20.01 -12.39 -13.85
N ALA A 673 19.48 -12.23 -15.06
CA ALA A 673 20.29 -12.03 -16.29
C ALA A 673 20.90 -10.62 -16.29
N PRO A 674 22.07 -10.38 -16.93
CA PRO A 674 22.66 -9.04 -16.99
C PRO A 674 21.65 -7.95 -17.36
N LEU A 675 21.57 -6.86 -16.58
CA LEU A 675 20.40 -5.93 -16.50
C LEU A 675 20.47 -4.80 -17.56
N PRO A 676 19.38 -3.97 -17.73
CA PRO A 676 19.40 -2.75 -18.56
C PRO A 676 20.11 -1.57 -17.90
N ASP A 677 21.05 -0.95 -18.64
CA ASP A 677 21.90 0.20 -18.19
C ASP A 677 20.98 1.37 -17.85
N ALA A 678 21.33 2.13 -16.82
CA ALA A 678 20.56 3.33 -16.39
C ALA A 678 20.56 4.31 -17.56
N GLU A 679 21.66 4.33 -18.32
CA GLU A 679 21.79 5.25 -19.47
C GLU A 679 20.68 4.96 -20.49
N ASP A 680 20.36 3.69 -20.73
CA ASP A 680 19.29 3.42 -21.74
C ASP A 680 17.96 4.00 -21.26
N SER A 681 17.59 3.78 -19.99
CA SER A 681 16.30 4.32 -19.46
C SER A 681 16.36 4.45 -17.93
N ARG A 682 16.10 5.67 -17.43
CA ARG A 682 16.07 5.97 -15.98
C ARG A 682 14.94 5.16 -15.34
N TYR A 683 13.80 5.09 -16.04
CA TYR A 683 12.58 4.35 -15.58
C TYR A 683 12.89 2.84 -15.46
N ARG A 684 13.37 2.23 -16.54
CA ARG A 684 13.69 0.76 -16.59
C ARG A 684 14.77 0.41 -15.55
N ALA A 685 15.81 1.23 -15.41
CA ALA A 685 16.96 1.00 -14.49
C ALA A 685 16.43 0.87 -13.06
N ARG A 686 15.56 1.79 -12.68
CA ARG A 686 14.97 1.81 -11.31
C ARG A 686 14.09 0.57 -11.07
N ILE A 687 13.30 0.11 -12.04
CA ILE A 687 12.44 -1.10 -11.87
C ILE A 687 13.30 -2.31 -11.38
N TYR A 688 14.53 -2.46 -11.87
CA TYR A 688 15.37 -3.70 -11.76
C TYR A 688 16.39 -3.60 -10.62
N ARG A 689 16.12 -2.77 -9.64
CA ARG A 689 16.96 -2.65 -8.43
C ARG A 689 16.01 -2.58 -7.25
N GLY A 690 16.12 -3.49 -6.31
CA GLY A 690 15.33 -3.42 -5.08
C GLY A 690 13.89 -3.82 -5.26
N MET A 691 13.52 -4.53 -6.31
CA MET A 691 12.09 -4.84 -6.51
C MET A 691 11.72 -6.05 -5.62
N SER A 692 10.45 -6.17 -5.29
CA SER A 692 9.84 -7.37 -4.68
C SER A 692 8.73 -7.87 -5.61
N MET A 693 8.91 -9.03 -6.22
CA MET A 693 7.99 -9.52 -7.25
C MET A 693 7.45 -10.84 -6.78
N THR A 694 6.13 -10.98 -6.79
CA THR A 694 5.40 -12.19 -6.35
C THR A 694 4.96 -12.96 -7.60
N VAL A 695 5.18 -14.27 -7.59
CA VAL A 695 4.78 -15.12 -8.75
C VAL A 695 3.48 -15.87 -8.40
N PHE B 34 -16.21 6.22 31.85
CA PHE B 34 -15.48 6.81 30.67
C PHE B 34 -16.02 8.21 30.34
N SER B 35 -17.33 8.32 30.07
CA SER B 35 -17.97 9.46 29.36
C SER B 35 -18.02 10.72 30.25
N GLU B 36 -17.83 10.56 31.57
CA GLU B 36 -17.82 11.72 32.50
C GLU B 36 -16.37 12.09 32.88
N ASN B 37 -15.34 11.45 32.32
CA ASN B 37 -13.94 11.56 32.85
C ASN B 37 -12.94 11.88 31.70
N ILE B 38 -13.37 12.63 30.67
CA ILE B 38 -12.49 13.01 29.51
C ILE B 38 -12.56 14.53 29.34
N THR B 39 -13.04 15.28 30.35
CA THR B 39 -13.34 16.73 30.25
C THR B 39 -12.09 17.51 29.79
N GLY B 40 -10.91 16.91 29.92
CA GLY B 40 -9.65 17.63 29.60
C GLY B 40 -9.18 17.36 28.19
N LEU B 41 -9.82 16.46 27.45
CA LEU B 41 -9.20 15.96 26.20
C LEU B 41 -9.27 17.05 25.11
N HIS B 42 -10.41 17.75 25.03
CA HIS B 42 -10.68 18.73 23.94
C HIS B 42 -11.15 20.09 24.45
N LEU B 43 -10.76 20.46 25.66
CA LEU B 43 -11.35 21.63 26.35
C LEU B 43 -11.17 22.89 25.50
N GLY B 44 -12.29 23.52 25.13
CA GLY B 44 -12.31 24.78 24.38
C GLY B 44 -12.21 24.60 22.87
N LYS B 45 -11.90 23.41 22.37
CA LYS B 45 -11.81 23.18 20.91
C LYS B 45 -13.21 23.33 20.29
N VAL B 46 -13.31 24.03 19.17
CA VAL B 46 -14.59 24.17 18.43
C VAL B 46 -14.62 23.22 17.22
N ALA B 47 -15.66 22.42 17.11
CA ALA B 47 -15.88 21.42 16.06
C ALA B 47 -17.17 21.73 15.29
N LEU B 48 -17.08 21.66 13.96
CA LEU B 48 -18.21 21.66 13.02
C LEU B 48 -18.32 20.22 12.51
N ILE B 49 -19.44 19.55 12.75
CA ILE B 49 -19.67 18.12 12.38
C ILE B 49 -20.89 18.13 11.48
N THR B 50 -20.73 17.64 10.26
CA THR B 50 -21.86 17.43 9.33
C THR B 50 -22.50 16.09 9.63
N GLY B 51 -23.77 15.96 9.31
CA GLY B 51 -24.56 14.76 9.61
C GLY B 51 -24.52 14.45 11.09
N GLY B 52 -24.61 15.48 11.94
CA GLY B 52 -24.34 15.32 13.38
C GLY B 52 -25.61 14.98 14.17
N SER B 53 -26.69 14.53 13.53
CA SER B 53 -27.97 14.25 14.23
C SER B 53 -28.04 12.81 14.70
N ALA B 54 -27.25 11.90 14.12
CA ALA B 54 -27.42 10.46 14.39
C ALA B 54 -26.13 9.71 14.02
N GLY B 55 -26.13 8.41 14.29
CA GLY B 55 -25.00 7.56 13.90
C GLY B 55 -23.70 8.06 14.50
N ILE B 56 -22.62 7.89 13.75
CA ILE B 56 -21.25 8.21 14.21
C ILE B 56 -21.16 9.70 14.50
N GLY B 57 -21.75 10.51 13.62
CA GLY B 57 -21.71 11.98 13.74
C GLY B 57 -22.31 12.43 15.07
N GLY B 58 -23.48 11.89 15.43
CA GLY B 58 -24.19 12.20 16.71
C GLY B 58 -23.34 11.82 17.90
N GLN B 59 -22.70 10.65 17.81
CA GLN B 59 -21.83 10.17 18.90
C GLN B 59 -20.57 11.04 18.99
N VAL B 60 -19.98 11.45 17.87
CA VAL B 60 -18.77 12.32 17.92
C VAL B 60 -19.14 13.67 18.53
N ALA B 61 -20.30 14.21 18.16
CA ALA B 61 -20.78 15.48 18.76
C ALA B 61 -20.86 15.34 20.28
N ARG B 62 -21.45 14.25 20.74
CA ARG B 62 -21.66 13.96 22.16
C ARG B 62 -20.31 13.87 22.85
N LEU B 63 -19.44 12.99 22.37
CA LEU B 63 -18.12 12.79 23.03
C LEU B 63 -17.24 14.02 22.95
N LEU B 64 -17.24 14.79 21.86
CA LEU B 64 -16.47 16.04 21.85
C LEU B 64 -16.96 16.98 22.95
N ALA B 65 -18.30 17.14 23.10
CA ALA B 65 -18.88 18.00 24.17
C ALA B 65 -18.45 17.48 25.56
N LEU B 66 -18.54 16.18 25.82
CA LEU B 66 -18.17 15.54 27.10
C LEU B 66 -16.68 15.76 27.40
N ALA B 67 -15.87 15.94 26.35
CA ALA B 67 -14.41 16.16 26.43
C ALA B 67 -14.12 17.66 26.47
N GLY B 68 -15.13 18.49 26.68
CA GLY B 68 -14.93 19.93 26.91
C GLY B 68 -14.94 20.76 25.63
N GLY B 69 -15.24 20.18 24.48
CA GLY B 69 -15.28 20.92 23.21
C GLY B 69 -16.61 21.62 23.02
N LYS B 70 -16.61 22.63 22.16
CA LYS B 70 -17.79 23.37 21.72
C LYS B 70 -18.14 22.81 20.35
N VAL B 71 -19.40 22.49 20.13
CA VAL B 71 -19.80 21.78 18.90
C VAL B 71 -20.90 22.54 18.17
N MET B 72 -20.72 22.71 16.88
CA MET B 72 -21.81 23.05 15.95
C MET B 72 -22.18 21.77 15.23
N MET B 73 -23.35 21.21 15.55
CA MET B 73 -23.88 19.98 14.93
C MET B 73 -24.81 20.41 13.81
N VAL B 74 -24.58 19.96 12.58
CA VAL B 74 -25.44 20.37 11.46
C VAL B 74 -25.99 19.11 10.78
N ALA B 75 -27.19 19.20 10.25
CA ALA B 75 -27.86 18.04 9.63
C ALA B 75 -29.02 18.53 8.78
N ARG B 76 -29.63 17.65 7.97
CA ARG B 76 -30.87 18.00 7.23
C ARG B 76 -32.07 18.08 8.19
N ARG B 77 -32.27 17.05 9.02
CA ARG B 77 -33.52 16.82 9.80
C ARG B 77 -33.48 17.57 11.15
N GLU B 78 -34.36 18.52 11.37
CA GLU B 78 -34.26 19.37 12.58
C GLU B 78 -34.72 18.56 13.78
N SER B 79 -35.68 17.66 13.64
CA SER B 79 -36.19 16.94 14.84
C SER B 79 -35.09 16.06 15.44
N GLU B 80 -34.46 15.24 14.63
CA GLU B 80 -33.36 14.37 15.10
C GLU B 80 -32.25 15.23 15.74
N LEU B 81 -31.90 16.34 15.09
CA LEU B 81 -30.83 17.24 15.54
C LEU B 81 -31.20 17.84 16.90
N ALA B 82 -32.43 18.33 17.02
CA ALA B 82 -32.86 18.98 18.27
C ALA B 82 -32.86 17.98 19.42
N VAL B 83 -33.32 16.76 19.20
CA VAL B 83 -33.36 15.72 20.27
C VAL B 83 -31.91 15.36 20.66
N ALA B 84 -31.05 15.18 19.67
CA ALA B 84 -29.65 14.79 19.92
C ALA B 84 -28.96 15.86 20.76
N ARG B 85 -29.09 17.14 20.40
CA ARG B 85 -28.44 18.22 21.14
C ARG B 85 -28.99 18.28 22.57
N ALA B 86 -30.31 18.14 22.71
CA ALA B 86 -31.00 18.20 24.02
C ALA B 86 -30.41 17.11 24.93
N ARG B 87 -30.18 15.92 24.39
CA ARG B 87 -29.63 14.80 25.19
C ARG B 87 -28.20 15.11 25.60
N ILE B 88 -27.41 15.72 24.70
CA ILE B 88 -25.99 16.01 25.02
C ILE B 88 -25.96 17.04 26.16
N VAL B 89 -26.76 18.09 26.04
CA VAL B 89 -26.76 19.22 27.01
C VAL B 89 -27.15 18.67 28.40
N SER B 90 -28.14 17.79 28.50
CA SER B 90 -28.55 17.14 29.78
C SER B 90 -27.38 16.38 30.39
N GLU B 91 -26.63 15.65 29.59
CA GLU B 91 -25.44 14.89 30.07
C GLU B 91 -24.35 15.83 30.56
N LEU B 92 -24.07 16.89 29.81
CA LEU B 92 -23.09 17.92 30.22
C LEU B 92 -23.49 18.46 31.62
N GLU B 93 -24.77 18.71 31.87
CA GLU B 93 -25.27 19.24 33.18
C GLU B 93 -24.93 18.25 34.30
N ASP B 94 -25.32 16.97 34.14
CA ASP B 94 -25.10 15.86 35.11
C ASP B 94 -23.62 15.68 35.45
N ILE B 95 -22.70 15.88 34.51
CA ILE B 95 -21.24 15.78 34.81
C ILE B 95 -20.72 17.14 35.28
N GLY B 96 -21.59 18.15 35.40
CA GLY B 96 -21.32 19.41 36.12
C GLY B 96 -20.59 20.45 35.27
N PHE B 97 -20.75 20.41 33.95
CA PHE B 97 -20.43 21.61 33.15
C PHE B 97 -21.41 22.71 33.59
N ALA B 98 -20.95 23.94 33.49
CA ALA B 98 -21.70 25.20 33.64
C ALA B 98 -21.85 25.75 32.24
N GLY B 99 -22.88 26.56 32.01
CA GLY B 99 -23.04 27.22 30.70
C GLY B 99 -23.16 26.18 29.61
N VAL B 100 -24.00 25.17 29.80
CA VAL B 100 -24.06 24.00 28.87
C VAL B 100 -24.80 24.37 27.58
N GLU B 101 -25.81 25.23 27.63
CA GLU B 101 -26.58 25.56 26.41
C GLU B 101 -25.66 26.19 25.34
N ARG B 102 -24.66 26.99 25.73
CA ARG B 102 -23.84 27.77 24.76
C ARG B 102 -22.75 26.85 24.17
N ARG B 103 -22.50 25.68 24.74
CA ARG B 103 -21.41 24.73 24.36
C ARG B 103 -21.82 23.87 23.15
N VAL B 104 -23.11 23.64 22.91
CA VAL B 104 -23.57 22.75 21.81
C VAL B 104 -24.68 23.48 21.06
N GLN B 105 -24.42 23.76 19.79
CA GLN B 105 -25.38 24.49 18.93
C GLN B 105 -25.64 23.65 17.67
N THR B 106 -26.73 23.97 16.98
CA THR B 106 -27.25 23.19 15.84
C THR B 106 -27.56 24.11 14.68
N LEU B 107 -27.53 23.58 13.48
CA LEU B 107 -28.07 24.21 12.26
C LEU B 107 -28.70 23.10 11.45
N ALA B 108 -30.03 23.19 11.30
CA ALA B 108 -30.85 22.24 10.54
C ALA B 108 -30.96 22.65 9.09
N ASN B 109 -31.54 21.74 8.29
CA ASN B 109 -31.78 21.90 6.83
C ASN B 109 -30.43 22.15 6.17
N VAL B 110 -29.34 21.62 6.73
CA VAL B 110 -28.03 21.76 6.03
C VAL B 110 -27.93 20.53 5.12
N ASP B 111 -28.05 20.76 3.83
CA ASP B 111 -27.98 19.73 2.75
C ASP B 111 -26.56 19.74 2.15
N VAL B 112 -25.76 18.75 2.43
CA VAL B 112 -24.34 18.72 1.95
C VAL B 112 -24.26 18.74 0.42
N SER B 113 -25.34 18.47 -0.33
CA SER B 113 -25.29 18.54 -1.83
C SER B 113 -25.44 19.98 -2.30
N ASN B 114 -25.71 20.91 -1.38
CA ASN B 114 -25.97 22.34 -1.73
C ASN B 114 -24.90 23.24 -1.10
N PHE B 115 -24.12 23.93 -1.92
CA PHE B 115 -23.00 24.81 -1.51
C PHE B 115 -23.51 25.94 -0.63
N GLU B 116 -24.60 26.62 -0.97
CA GLU B 116 -25.09 27.75 -0.14
C GLU B 116 -25.37 27.23 1.28
N SER B 117 -25.98 26.08 1.38
CA SER B 117 -26.38 25.47 2.67
C SER B 117 -25.13 25.17 3.51
N LEU B 118 -24.06 24.68 2.88
CA LEU B 118 -22.79 24.38 3.64
C LEU B 118 -22.14 25.68 4.15
N LYS B 119 -22.13 26.68 3.30
CA LYS B 119 -21.56 28.00 3.66
C LYS B 119 -22.28 28.54 4.92
N GLY B 120 -23.59 28.33 5.03
CA GLY B 120 -24.37 28.71 6.24
C GLY B 120 -23.85 28.00 7.48
N ALA B 121 -23.46 26.73 7.34
CA ALA B 121 -22.89 25.95 8.47
C ALA B 121 -21.59 26.61 8.91
N VAL B 122 -20.73 26.99 7.98
CA VAL B 122 -19.45 27.66 8.38
C VAL B 122 -19.77 29.00 9.09
N ASP B 123 -20.65 29.79 8.51
CA ASP B 123 -20.99 31.13 9.07
C ASP B 123 -21.57 30.94 10.50
N ALA B 124 -22.41 29.94 10.71
CA ALA B 124 -23.10 29.71 12.00
C ALA B 124 -22.05 29.34 13.04
N THR B 125 -21.06 28.53 12.67
CA THR B 125 -20.01 28.05 13.60
C THR B 125 -19.24 29.29 14.05
N LEU B 126 -18.84 30.13 13.11
CA LEU B 126 -18.05 31.32 13.44
C LEU B 126 -18.88 32.31 14.26
N LYS B 127 -20.15 32.48 13.93
CA LYS B 127 -21.05 33.39 14.71
C LYS B 127 -21.18 32.86 16.14
N ALA B 128 -21.42 31.56 16.34
CA ALA B 128 -21.57 30.96 17.68
C ALA B 128 -20.25 31.01 18.47
N PHE B 129 -19.08 30.68 17.85
CA PHE B 129 -17.88 30.34 18.64
C PHE B 129 -16.65 31.18 18.30
N GLY B 130 -16.63 31.97 17.25
CA GLY B 130 -15.54 32.91 16.91
C GLY B 130 -14.39 32.21 16.19
N ARG B 131 -14.46 30.89 15.98
CA ARG B 131 -13.36 30.15 15.33
C ARG B 131 -13.84 28.74 15.01
N ILE B 132 -13.03 28.04 14.25
CA ILE B 132 -13.22 26.58 13.98
C ILE B 132 -11.85 25.91 14.20
N ASP B 133 -11.81 24.92 15.08
CA ASP B 133 -10.57 24.15 15.33
C ASP B 133 -10.65 22.84 14.51
N TYR B 134 -11.80 22.12 14.59
CA TYR B 134 -11.98 20.81 13.91
C TYR B 134 -13.12 20.90 12.91
N LEU B 135 -12.90 20.38 11.74
CA LEU B 135 -13.95 20.14 10.73
C LEU B 135 -14.06 18.62 10.57
N ILE B 136 -15.21 18.08 10.89
CA ILE B 136 -15.51 16.64 10.77
C ILE B 136 -16.47 16.45 9.59
N ASN B 137 -15.96 15.96 8.46
CA ASN B 137 -16.75 15.71 7.22
C ASN B 137 -17.39 14.35 7.35
N ASN B 138 -18.51 14.27 8.05
CA ASN B 138 -19.17 13.02 8.45
C ASN B 138 -20.38 12.71 7.55
N ALA B 139 -21.11 13.71 7.06
CA ALA B 139 -22.37 13.51 6.32
C ALA B 139 -22.10 12.60 5.11
N GLY B 140 -23.02 11.70 4.85
CA GLY B 140 -22.90 10.81 3.66
C GLY B 140 -24.24 10.27 3.25
N VAL B 141 -24.38 9.95 1.97
CA VAL B 141 -25.54 9.22 1.43
C VAL B 141 -25.06 7.88 0.87
N ALA B 142 -25.99 6.93 0.81
CA ALA B 142 -25.78 5.57 0.30
C ALA B 142 -25.60 5.62 -1.23
N GLY B 143 -26.30 6.53 -1.90
CA GLY B 143 -26.22 6.71 -3.36
C GLY B 143 -27.17 5.81 -4.12
N ALA B 144 -26.83 5.50 -5.37
CA ALA B 144 -27.77 4.97 -6.36
C ALA B 144 -28.12 3.51 -6.04
N GLU B 145 -27.19 2.71 -5.51
CA GLU B 145 -27.43 1.26 -5.25
C GLU B 145 -27.91 0.60 -6.55
N ASP B 146 -27.15 0.82 -7.61
CA ASP B 146 -27.41 0.29 -8.97
C ASP B 146 -26.09 -0.15 -9.52
N MET B 147 -26.10 -1.14 -10.39
CA MET B 147 -24.98 -1.40 -11.28
C MET B 147 -24.75 -0.16 -12.15
N VAL B 148 -23.51 0.03 -12.56
CA VAL B 148 -23.09 1.18 -13.42
C VAL B 148 -23.95 1.26 -14.68
N VAL B 149 -24.21 0.12 -15.32
CA VAL B 149 -24.99 0.16 -16.59
C VAL B 149 -26.45 0.62 -16.34
N ASP B 150 -26.97 0.57 -15.12
CA ASP B 150 -28.36 0.97 -14.79
C ASP B 150 -28.38 2.33 -14.09
N MET B 151 -27.22 2.84 -13.68
CA MET B 151 -27.15 4.05 -12.80
C MET B 151 -27.37 5.33 -13.63
N GLY B 152 -28.24 6.22 -13.16
CA GLY B 152 -28.42 7.57 -13.74
C GLY B 152 -27.28 8.53 -13.44
N VAL B 153 -27.01 9.45 -14.36
CA VAL B 153 -25.93 10.45 -14.15
C VAL B 153 -26.35 11.36 -12.98
N ASP B 154 -27.63 11.74 -12.91
CA ASP B 154 -28.09 12.60 -11.80
C ASP B 154 -27.85 11.91 -10.44
N ALA B 155 -28.13 10.62 -10.31
CA ALA B 155 -27.88 9.86 -9.05
C ALA B 155 -26.36 9.82 -8.72
N TRP B 156 -25.52 9.57 -9.71
CA TRP B 156 -24.04 9.55 -9.51
C TRP B 156 -23.61 10.94 -9.00
N ASP B 157 -24.05 11.99 -9.69
CA ASP B 157 -23.62 13.37 -9.42
C ASP B 157 -24.04 13.71 -7.98
N TYR B 158 -25.24 13.32 -7.59
CA TYR B 158 -25.72 13.61 -6.23
C TYR B 158 -24.79 12.95 -5.19
N THR B 159 -24.43 11.68 -5.38
CA THR B 159 -23.56 10.96 -4.44
C THR B 159 -22.20 11.64 -4.37
N LEU B 160 -21.62 12.00 -5.52
CA LEU B 160 -20.28 12.64 -5.50
C LEU B 160 -20.40 14.03 -4.88
N ASP B 161 -21.44 14.80 -5.20
CA ASP B 161 -21.60 16.16 -4.61
C ASP B 161 -21.75 16.07 -3.08
N ALA B 162 -22.61 15.18 -2.58
CA ALA B 162 -22.93 15.06 -1.14
C ALA B 162 -21.76 14.49 -0.34
N ASN B 163 -21.07 13.48 -0.89
CA ASN B 163 -20.11 12.68 -0.12
C ASN B 163 -18.69 13.23 -0.28
N LEU B 164 -18.37 13.88 -1.42
CA LEU B 164 -16.95 14.19 -1.74
C LEU B 164 -16.78 15.67 -2.06
N VAL B 165 -17.51 16.21 -3.02
CA VAL B 165 -17.33 17.65 -3.36
C VAL B 165 -17.65 18.54 -2.16
N SER B 166 -18.65 18.20 -1.37
CA SER B 166 -19.00 18.92 -0.11
C SER B 166 -17.79 19.06 0.80
N ASN B 167 -16.97 18.02 0.87
CA ASN B 167 -15.84 17.97 1.80
C ASN B 167 -14.82 19.00 1.32
N TYR B 168 -14.61 19.08 0.02
CA TYR B 168 -13.68 20.07 -0.58
C TYR B 168 -14.24 21.48 -0.37
N PHE B 169 -15.54 21.64 -0.59
CA PHE B 169 -16.19 22.97 -0.34
C PHE B 169 -15.84 23.45 1.06
N LEU B 170 -16.08 22.62 2.08
CA LEU B 170 -15.82 23.04 3.48
C LEU B 170 -14.31 23.25 3.72
N MET B 171 -13.45 22.37 3.22
CA MET B 171 -11.99 22.56 3.34
C MET B 171 -11.56 23.93 2.76
N HIS B 172 -12.05 24.28 1.59
CA HIS B 172 -11.76 25.56 0.88
C HIS B 172 -12.06 26.75 1.82
N HIS B 173 -13.16 26.71 2.55
CA HIS B 173 -13.63 27.85 3.38
C HIS B 173 -12.92 27.82 4.73
N VAL B 174 -12.63 26.64 5.29
CA VAL B 174 -12.15 26.59 6.70
C VAL B 174 -10.63 26.56 6.72
N ALA B 175 -9.99 25.97 5.72
CA ALA B 175 -8.52 25.83 5.79
C ALA B 175 -7.85 27.19 6.00
N PRO B 176 -8.18 28.24 5.22
CA PRO B 176 -7.55 29.55 5.44
C PRO B 176 -7.70 30.11 6.86
N LEU B 177 -8.87 29.87 7.49
CA LEU B 177 -9.13 30.30 8.87
C LEU B 177 -8.18 29.54 9.81
N MET B 178 -8.02 28.23 9.57
CA MET B 178 -7.19 27.41 10.46
C MET B 178 -5.73 27.81 10.26
N LYS B 179 -5.31 28.03 9.01
CA LYS B 179 -3.90 28.43 8.75
C LYS B 179 -3.63 29.79 9.43
N ALA B 180 -4.57 30.73 9.33
CA ALA B 180 -4.35 32.10 9.87
C ALA B 180 -4.20 32.00 11.40
N GLN B 181 -4.94 31.11 12.10
CA GLN B 181 -4.87 30.99 13.58
C GLN B 181 -3.70 30.08 14.02
N GLY B 182 -3.08 29.37 13.09
CA GLY B 182 -1.87 28.58 13.31
C GLY B 182 -2.14 27.11 13.60
N SER B 183 -3.38 26.64 13.54
CA SER B 183 -3.72 25.22 13.86
C SER B 183 -5.13 24.88 13.36
N GLY B 184 -5.33 23.60 13.04
CA GLY B 184 -6.64 23.03 12.75
C GLY B 184 -6.53 21.55 12.49
N TYR B 185 -7.67 20.92 12.40
CA TYR B 185 -7.77 19.47 12.13
C TYR B 185 -8.99 19.31 11.22
N ILE B 186 -8.76 18.70 10.07
CA ILE B 186 -9.83 18.23 9.17
C ILE B 186 -9.82 16.70 9.18
N LEU B 187 -10.98 16.11 9.43
CA LEU B 187 -11.11 14.63 9.42
C LEU B 187 -12.23 14.24 8.47
N ASN B 188 -11.94 13.36 7.54
CA ASN B 188 -12.95 12.88 6.58
C ASN B 188 -13.42 11.50 7.03
N VAL B 189 -14.74 11.34 7.13
CA VAL B 189 -15.30 10.02 7.49
C VAL B 189 -15.53 9.28 6.18
N SER B 190 -14.52 8.51 5.80
CA SER B 190 -14.53 7.63 4.61
C SER B 190 -15.10 6.27 5.04
N SER B 191 -14.83 5.25 4.25
CA SER B 191 -15.32 3.90 4.56
C SER B 191 -14.23 2.91 4.19
N TYR B 192 -14.24 1.74 4.81
CA TYR B 192 -13.28 0.65 4.50
C TYR B 192 -13.51 0.24 3.03
N PHE B 193 -14.73 0.46 2.54
CA PHE B 193 -15.13 0.07 1.15
C PHE B 193 -14.68 1.10 0.11
N GLY B 194 -14.09 2.21 0.55
CA GLY B 194 -13.47 3.21 -0.32
C GLY B 194 -12.03 2.81 -0.63
N GLY B 195 -11.58 1.69 -0.05
CA GLY B 195 -10.22 1.14 -0.24
C GLY B 195 -9.21 1.70 0.74
N GLU B 196 -7.94 1.33 0.56
CA GLU B 196 -6.84 1.83 1.38
C GLU B 196 -5.67 2.13 0.43
N LYS B 197 -4.65 2.79 0.94
CA LYS B 197 -3.57 3.32 0.09
C LYS B 197 -2.97 2.12 -0.63
N TYR B 198 -2.78 2.24 -1.93
CA TYR B 198 -2.18 1.17 -2.79
C TYR B 198 -3.13 0.01 -2.97
N LEU B 199 -4.35 -0.03 -2.38
CA LEU B 199 -5.16 -1.26 -2.51
C LEU B 199 -6.64 -0.91 -2.66
N ALA B 200 -7.10 -0.94 -3.89
CA ALA B 200 -8.49 -0.65 -4.26
C ALA B 200 -9.36 -1.80 -3.78
N VAL B 201 -10.64 -1.54 -3.64
CA VAL B 201 -11.58 -2.64 -3.32
C VAL B 201 -12.81 -2.45 -4.21
N ALA B 202 -13.28 -3.55 -4.81
CA ALA B 202 -14.56 -3.58 -5.54
C ALA B 202 -15.72 -3.45 -4.56
N TYR B 203 -16.69 -2.60 -4.89
CA TYR B 203 -17.96 -2.49 -4.13
C TYR B 203 -19.12 -2.60 -5.11
N PRO B 204 -19.45 -3.81 -5.60
CA PRO B 204 -20.46 -3.92 -6.67
C PRO B 204 -21.80 -3.36 -6.21
N ASN B 205 -22.47 -2.70 -7.12
CA ASN B 205 -23.81 -2.10 -7.00
C ASN B 205 -23.66 -0.73 -6.32
N ARG B 206 -22.45 -0.30 -5.99
CA ARG B 206 -22.24 0.91 -5.15
C ARG B 206 -21.08 1.76 -5.71
N ALA B 207 -20.88 1.80 -7.02
CA ALA B 207 -19.65 2.42 -7.60
C ALA B 207 -19.59 3.91 -7.28
N ASP B 208 -20.72 4.60 -7.27
CA ASP B 208 -20.80 6.04 -6.97
C ASP B 208 -20.34 6.23 -5.52
N TYR B 209 -20.87 5.44 -4.60
CA TYR B 209 -20.50 5.51 -3.17
C TYR B 209 -19.01 5.20 -2.98
N ALA B 210 -18.53 4.12 -3.59
CA ALA B 210 -17.11 3.65 -3.47
C ALA B 210 -16.17 4.78 -3.94
N VAL B 211 -16.49 5.40 -5.08
CA VAL B 211 -15.69 6.52 -5.66
C VAL B 211 -15.71 7.68 -4.68
N SER B 212 -16.88 8.00 -4.12
CA SER B 212 -16.99 9.15 -3.19
C SER B 212 -16.12 8.91 -1.92
N LYS B 213 -16.11 7.67 -1.43
CA LYS B 213 -15.39 7.29 -0.18
C LYS B 213 -13.89 7.17 -0.49
N ALA B 214 -13.53 6.59 -1.62
CA ALA B 214 -12.11 6.51 -2.05
C ALA B 214 -11.60 7.95 -2.18
N GLY B 215 -12.42 8.83 -2.72
CA GLY B 215 -12.11 10.25 -2.92
C GLY B 215 -11.78 10.97 -1.62
N GLN B 216 -12.57 10.74 -0.58
CA GLN B 216 -12.35 11.35 0.76
C GLN B 216 -10.95 10.98 1.27
N ARG B 217 -10.58 9.73 1.09
CA ARG B 217 -9.28 9.23 1.52
C ARG B 217 -8.20 9.81 0.60
N ALA B 218 -8.43 9.79 -0.71
CA ALA B 218 -7.44 10.22 -1.71
C ALA B 218 -7.10 11.69 -1.47
N MET B 219 -8.08 12.46 -0.98
CA MET B 219 -7.81 13.89 -0.64
C MET B 219 -6.78 13.96 0.50
N VAL B 220 -6.94 13.13 1.53
CA VAL B 220 -6.00 13.07 2.68
C VAL B 220 -4.61 12.67 2.19
N GLU B 221 -4.54 11.68 1.30
CA GLU B 221 -3.23 11.17 0.84
C GLU B 221 -2.50 12.24 0.01
N SER B 222 -3.22 12.95 -0.85
CA SER B 222 -2.59 13.82 -1.87
C SER B 222 -2.53 15.28 -1.45
N MET B 223 -3.40 15.73 -0.54
CA MET B 223 -3.54 17.17 -0.23
C MET B 223 -3.02 17.51 1.16
N ALA B 224 -2.77 16.55 2.05
CA ALA B 224 -2.32 16.89 3.42
C ALA B 224 -1.04 17.74 3.36
N ARG B 225 -0.16 17.47 2.41
CA ARG B 225 1.07 18.29 2.26
C ARG B 225 0.74 19.79 2.21
N TYR B 226 -0.30 20.17 1.49
CA TYR B 226 -0.65 21.59 1.23
C TYR B 226 -1.45 22.18 2.39
N LEU B 227 -2.02 21.36 3.28
CA LEU B 227 -2.78 21.87 4.44
C LEU B 227 -1.83 22.05 5.59
N GLY B 228 -0.72 21.32 5.58
CA GLY B 228 0.35 21.55 6.55
C GLY B 228 1.04 22.89 6.29
N PRO B 229 1.83 23.44 7.21
CA PRO B 229 2.11 22.84 8.50
C PRO B 229 1.08 23.02 9.62
N GLU B 230 0.07 23.84 9.39
CA GLU B 230 -0.88 24.21 10.49
C GLU B 230 -1.95 23.15 10.70
N VAL B 231 -2.46 22.60 9.62
CA VAL B 231 -3.66 21.74 9.62
C VAL B 231 -3.29 20.26 9.44
N GLN B 232 -3.77 19.46 10.38
CA GLN B 232 -3.71 17.99 10.28
C GLN B 232 -4.88 17.61 9.39
N PHE B 233 -4.67 16.64 8.49
CA PHE B 233 -5.73 16.16 7.58
C PHE B 233 -5.62 14.65 7.49
N ASN B 234 -6.60 13.98 8.08
CA ASN B 234 -6.68 12.52 8.16
C ASN B 234 -8.07 12.06 7.77
N ALA B 235 -8.21 10.73 7.67
CA ALA B 235 -9.50 10.09 7.42
C ALA B 235 -9.70 8.95 8.42
N ILE B 236 -10.95 8.50 8.54
CA ILE B 236 -11.25 7.21 9.17
C ILE B 236 -11.96 6.37 8.14
N ALA B 237 -11.82 5.06 8.23
CA ALA B 237 -12.43 4.17 7.23
C ALA B 237 -13.00 2.97 7.98
N PRO B 238 -14.07 3.15 8.78
CA PRO B 238 -14.77 2.00 9.37
C PRO B 238 -15.46 1.21 8.24
N GLY B 239 -15.71 -0.08 8.46
CA GLY B 239 -16.59 -0.83 7.57
C GLY B 239 -18.02 -0.77 8.11
N PRO B 240 -18.68 -1.92 8.27
CA PRO B 240 -19.99 -1.94 8.92
C PRO B 240 -19.87 -1.52 10.37
N VAL B 241 -20.84 -0.72 10.80
CA VAL B 241 -20.90 -0.14 12.17
C VAL B 241 -22.25 -0.46 12.80
N ASP B 242 -22.21 -1.04 14.00
CA ASP B 242 -23.39 -1.58 14.72
C ASP B 242 -24.16 -0.40 15.34
N GLY B 243 -25.39 -0.23 14.92
CA GLY B 243 -26.32 0.80 15.41
C GLY B 243 -27.62 0.67 14.65
N ASP B 244 -28.50 1.66 14.82
CA ASP B 244 -29.92 1.64 14.40
C ASP B 244 -30.00 1.52 12.87
N ARG B 245 -29.22 2.31 12.14
CA ARG B 245 -29.20 2.30 10.64
C ARG B 245 -28.80 0.91 10.12
N LEU B 246 -27.75 0.30 10.68
CA LEU B 246 -27.34 -1.04 10.20
C LEU B 246 -28.36 -2.11 10.60
N SER B 247 -28.81 -2.09 11.86
CA SER B 247 -29.75 -3.11 12.40
C SER B 247 -31.12 -3.01 11.72
N GLY B 248 -31.58 -1.78 11.51
CA GLY B 248 -32.92 -1.51 10.97
C GLY B 248 -33.82 -1.11 12.13
N THR B 249 -34.40 0.08 12.07
CA THR B 249 -35.28 0.60 13.14
C THR B 249 -36.42 1.40 12.51
N GLY B 250 -37.48 1.68 13.27
CA GLY B 250 -38.62 2.45 12.73
C GLY B 250 -39.24 1.77 11.52
N GLY B 251 -39.42 0.44 11.59
CA GLY B 251 -40.00 -0.36 10.50
C GLY B 251 -39.21 -0.29 9.21
N LYS B 252 -37.88 -0.28 9.33
CA LYS B 252 -37.00 -0.20 8.14
C LYS B 252 -36.10 -1.43 8.10
N PRO B 253 -35.82 -2.03 6.92
CA PRO B 253 -34.96 -3.21 6.83
C PRO B 253 -33.50 -2.84 7.15
N GLY B 254 -32.73 -3.82 7.61
CA GLY B 254 -31.29 -3.70 7.91
C GLY B 254 -30.46 -3.57 6.63
N LEU B 255 -29.22 -3.07 6.74
CA LEU B 255 -28.47 -2.77 5.50
C LEU B 255 -28.07 -4.06 4.77
N PHE B 256 -27.88 -5.16 5.50
CA PHE B 256 -27.60 -6.49 4.92
C PHE B 256 -28.84 -6.96 4.18
N GLU B 257 -30.01 -6.79 4.78
CA GLU B 257 -31.31 -7.14 4.16
C GLU B 257 -31.52 -6.30 2.90
N ARG B 258 -31.28 -4.99 2.97
CA ARG B 258 -31.41 -4.08 1.81
C ARG B 258 -30.50 -4.54 0.66
N ARG B 259 -29.24 -4.89 0.94
CA ARG B 259 -28.34 -5.41 -0.13
C ARG B 259 -28.84 -6.78 -0.63
N GLY B 260 -29.36 -7.61 0.27
CA GLY B 260 -29.91 -8.90 -0.16
C GLY B 260 -31.01 -8.71 -1.20
N LYS B 261 -31.92 -7.79 -0.93
CA LYS B 261 -33.04 -7.51 -1.84
C LYS B 261 -32.47 -7.00 -3.17
N LEU B 262 -31.58 -6.02 -3.10
CA LEU B 262 -30.85 -5.43 -4.27
C LEU B 262 -30.25 -6.58 -5.10
N ILE B 263 -29.49 -7.48 -4.46
CA ILE B 263 -28.84 -8.64 -5.12
C ILE B 263 -29.88 -9.47 -5.87
N LEU B 264 -31.01 -9.80 -5.26
CA LEU B 264 -31.97 -10.69 -5.97
C LEU B 264 -32.53 -9.94 -7.19
N GLU B 265 -32.88 -8.66 -7.05
CA GLU B 265 -33.42 -7.87 -8.19
C GLU B 265 -32.40 -7.86 -9.33
N ASN B 266 -31.14 -7.57 -9.03
CA ASN B 266 -30.07 -7.56 -10.07
C ASN B 266 -29.86 -8.95 -10.64
N LYS B 267 -29.92 -10.02 -9.81
CA LYS B 267 -29.80 -11.39 -10.39
C LYS B 267 -30.93 -11.62 -11.41
N ARG B 268 -32.17 -11.21 -11.11
CA ARG B 268 -33.32 -11.42 -12.04
C ARG B 268 -33.14 -10.58 -13.32
N LEU B 269 -32.82 -9.29 -13.18
CA LEU B 269 -32.53 -8.40 -14.34
C LEU B 269 -31.45 -9.05 -15.20
N ASN B 270 -30.32 -9.43 -14.60
CA ASN B 270 -29.14 -9.92 -15.36
C ASN B 270 -29.52 -11.20 -16.10
N ALA B 271 -30.30 -12.06 -15.44
CA ALA B 271 -30.77 -13.36 -15.99
C ALA B 271 -31.68 -13.12 -17.19
N VAL B 272 -32.66 -12.23 -17.08
CA VAL B 272 -33.60 -11.94 -18.17
C VAL B 272 -32.79 -11.30 -19.30
N HIS B 273 -31.99 -10.29 -18.96
CA HIS B 273 -31.12 -9.59 -19.92
C HIS B 273 -30.22 -10.57 -20.68
N ALA B 274 -29.53 -11.48 -19.97
CA ALA B 274 -28.61 -12.45 -20.60
C ALA B 274 -29.38 -13.31 -21.62
N ALA B 275 -30.57 -13.76 -21.28
CA ALA B 275 -31.38 -14.63 -22.17
C ALA B 275 -31.73 -13.86 -23.43
N ALA B 276 -32.20 -12.62 -23.31
CA ALA B 276 -32.51 -11.74 -24.45
C ALA B 276 -31.30 -11.54 -25.36
N ILE B 277 -30.16 -11.18 -24.79
CA ILE B 277 -28.90 -10.99 -25.54
C ILE B 277 -28.51 -12.31 -26.23
N LYS B 278 -28.53 -13.43 -25.52
CA LYS B 278 -28.08 -14.71 -26.15
C LYS B 278 -28.95 -15.04 -27.38
N ALA B 279 -30.26 -14.75 -27.29
CA ALA B 279 -31.25 -14.99 -28.37
C ALA B 279 -30.93 -14.04 -29.52
N ILE B 280 -30.67 -12.76 -29.22
CA ILE B 280 -30.38 -11.76 -30.28
C ILE B 280 -29.06 -12.15 -30.95
N ARG B 281 -28.06 -12.58 -30.20
CA ARG B 281 -26.76 -12.96 -30.79
C ARG B 281 -26.99 -14.06 -31.84
N ARG B 282 -27.81 -15.06 -31.59
CA ARG B 282 -27.94 -16.16 -32.59
C ARG B 282 -29.00 -15.81 -33.64
N GLY B 283 -29.60 -14.61 -33.56
CA GLY B 283 -30.28 -13.93 -34.68
C GLY B 283 -31.78 -13.77 -34.50
N VAL B 284 -32.30 -14.09 -33.32
CA VAL B 284 -33.71 -13.76 -32.97
C VAL B 284 -33.86 -12.24 -32.97
N ARG B 285 -34.92 -11.75 -33.60
CA ARG B 285 -35.26 -10.32 -33.60
C ARG B 285 -35.51 -9.86 -32.15
N VAL B 286 -35.00 -8.68 -31.80
CA VAL B 286 -35.23 -8.12 -30.44
C VAL B 286 -36.73 -7.87 -30.27
N GLU B 287 -37.46 -7.49 -31.33
CA GLU B 287 -38.94 -7.25 -31.26
C GLU B 287 -39.61 -8.55 -30.85
N ALA B 288 -39.17 -9.69 -31.40
CA ALA B 288 -39.72 -11.02 -31.07
C ALA B 288 -39.38 -11.38 -29.61
N VAL B 289 -38.15 -11.11 -29.17
CA VAL B 289 -37.75 -11.44 -27.78
C VAL B 289 -38.65 -10.64 -26.84
N LEU B 290 -38.84 -9.35 -27.11
CA LEU B 290 -39.59 -8.48 -26.17
C LEU B 290 -41.10 -8.82 -26.24
N ALA B 291 -41.64 -9.17 -27.41
CA ALA B 291 -43.07 -9.55 -27.51
C ALA B 291 -43.30 -10.79 -26.66
N ARG B 292 -42.32 -11.71 -26.62
CA ARG B 292 -42.42 -12.95 -25.83
C ARG B 292 -42.24 -12.65 -24.34
N LEU B 293 -41.30 -11.78 -23.96
CA LEU B 293 -41.16 -11.39 -22.53
C LEU B 293 -42.39 -10.60 -22.06
N ALA B 294 -43.03 -9.84 -22.94
CA ALA B 294 -44.15 -8.94 -22.57
C ALA B 294 -45.32 -9.76 -21.97
N ARG B 295 -45.45 -11.03 -22.38
CA ARG B 295 -46.51 -11.95 -21.89
C ARG B 295 -46.24 -12.22 -20.42
N ASN B 296 -44.97 -12.20 -20.02
CA ASN B 296 -44.59 -12.10 -18.58
C ASN B 296 -45.28 -13.21 -17.79
N ASP B 297 -45.20 -14.43 -18.32
CA ASP B 297 -45.85 -15.64 -17.76
C ASP B 297 -44.86 -16.79 -17.87
N THR B 298 -44.28 -17.19 -16.74
CA THR B 298 -43.17 -18.18 -16.68
C THR B 298 -43.70 -19.57 -17.08
N VAL B 299 -44.85 -19.97 -16.53
CA VAL B 299 -45.35 -21.33 -16.85
C VAL B 299 -45.63 -21.42 -18.35
N LYS B 300 -46.31 -20.43 -18.92
CA LYS B 300 -46.64 -20.44 -20.37
C LYS B 300 -45.36 -20.38 -21.20
N MET B 301 -44.39 -19.56 -20.78
CA MET B 301 -43.12 -19.38 -21.54
C MET B 301 -42.30 -20.68 -21.59
N SER B 302 -42.17 -21.41 -20.48
CA SER B 302 -41.35 -22.65 -20.54
C SER B 302 -41.99 -23.68 -21.46
N HIS B 303 -43.32 -23.83 -21.36
CA HIS B 303 -44.10 -24.80 -22.19
C HIS B 303 -44.15 -24.41 -23.67
N ASP B 304 -44.28 -23.13 -23.98
CA ASP B 304 -44.48 -22.75 -25.40
C ASP B 304 -43.27 -23.12 -26.25
N THR B 305 -43.55 -23.90 -27.30
CA THR B 305 -42.60 -24.45 -28.29
C THR B 305 -41.93 -23.36 -29.14
N ASN B 306 -42.69 -22.33 -29.53
CA ASN B 306 -42.14 -21.29 -30.44
C ASN B 306 -41.25 -20.27 -29.72
N ASN B 307 -41.28 -20.23 -28.39
CA ASN B 307 -40.39 -19.32 -27.63
C ASN B 307 -38.95 -19.79 -27.87
N PRO B 308 -37.95 -18.88 -27.97
CA PRO B 308 -36.56 -19.27 -28.17
C PRO B 308 -36.04 -20.09 -26.98
N ARG B 309 -35.14 -21.04 -27.24
CA ARG B 309 -34.67 -21.91 -26.14
C ARG B 309 -34.24 -21.07 -24.93
N GLU B 310 -33.66 -19.88 -25.14
CA GLU B 310 -33.06 -19.13 -24.01
C GLU B 310 -34.22 -18.64 -23.13
N LEU B 311 -35.31 -18.23 -23.74
CA LEU B 311 -36.47 -17.76 -22.95
C LEU B 311 -37.14 -18.95 -22.25
N ARG B 312 -37.20 -20.10 -22.92
CA ARG B 312 -37.84 -21.29 -22.30
C ARG B 312 -37.06 -21.64 -21.04
N GLU B 313 -35.75 -21.76 -21.18
CA GLU B 313 -34.79 -22.13 -20.09
C GLU B 313 -34.86 -21.05 -19.00
N LEU B 314 -34.88 -19.77 -19.37
CA LEU B 314 -35.05 -18.65 -18.39
C LEU B 314 -36.32 -18.90 -17.56
N ALA B 315 -37.46 -19.07 -18.23
CA ALA B 315 -38.78 -19.22 -17.57
C ALA B 315 -38.79 -20.46 -16.65
N LEU B 316 -38.23 -21.58 -17.12
CA LEU B 316 -38.10 -22.83 -16.30
C LEU B 316 -37.39 -22.49 -15.00
N ALA B 317 -36.24 -21.81 -15.08
CA ALA B 317 -35.39 -21.50 -13.91
C ALA B 317 -36.16 -20.56 -12.99
N CYS B 318 -36.84 -19.56 -13.53
CA CYS B 318 -37.67 -18.64 -12.72
C CYS B 318 -38.79 -19.42 -11.98
N ALA B 319 -39.49 -20.32 -12.67
CA ALA B 319 -40.64 -21.10 -12.11
C ALA B 319 -40.21 -21.95 -10.90
N ARG B 320 -38.92 -22.28 -10.77
CA ARG B 320 -38.39 -23.07 -9.62
C ARG B 320 -37.98 -22.19 -8.43
N GLU B 321 -38.08 -20.85 -8.46
CA GLU B 321 -37.44 -19.96 -7.45
C GLU B 321 -38.44 -19.48 -6.38
N GLY B 322 -39.69 -19.93 -6.43
CA GLY B 322 -40.78 -19.36 -5.59
C GLY B 322 -40.88 -19.98 -4.19
N ASP B 323 -41.77 -19.44 -3.37
CA ASP B 323 -41.98 -19.92 -1.98
C ASP B 323 -43.48 -20.10 -1.67
N GLY B 324 -44.39 -19.91 -2.62
CA GLY B 324 -45.84 -20.06 -2.35
C GLY B 324 -46.53 -18.77 -1.98
N THR B 325 -45.79 -17.70 -1.64
CA THR B 325 -46.39 -16.36 -1.44
C THR B 325 -45.97 -15.38 -2.54
N CYS B 326 -44.68 -15.33 -2.83
CA CYS B 326 -44.07 -14.31 -3.73
C CYS B 326 -44.49 -14.62 -5.17
N THR B 327 -44.28 -13.69 -6.10
CA THR B 327 -44.80 -13.85 -7.47
C THR B 327 -43.69 -14.02 -8.52
N TRP B 328 -42.41 -13.94 -8.16
CA TRP B 328 -41.33 -13.92 -9.18
C TRP B 328 -41.17 -15.33 -9.80
N ASP B 329 -41.96 -16.30 -9.34
CA ASP B 329 -41.96 -17.66 -9.95
C ASP B 329 -43.04 -17.75 -11.03
N GLN B 330 -43.96 -16.77 -11.09
CA GLN B 330 -45.08 -16.75 -12.07
C GLN B 330 -44.92 -15.63 -13.10
N TYR B 331 -44.25 -14.54 -12.71
CA TYR B 331 -43.94 -13.36 -13.56
C TYR B 331 -42.41 -13.23 -13.72
N LEU B 332 -41.89 -13.03 -14.93
CA LEU B 332 -40.41 -12.80 -15.16
C LEU B 332 -40.03 -11.44 -14.55
N LEU B 333 -40.89 -10.44 -14.70
CA LEU B 333 -40.52 -9.01 -14.57
C LEU B 333 -41.57 -8.23 -13.80
N THR B 334 -41.08 -7.26 -13.01
CA THR B 334 -41.80 -6.07 -12.54
C THR B 334 -41.61 -4.95 -13.56
N PRO B 335 -42.53 -3.95 -13.58
CA PRO B 335 -42.36 -2.75 -14.41
C PRO B 335 -40.96 -2.16 -14.25
N GLN B 336 -40.42 -2.13 -13.03
CA GLN B 336 -39.13 -1.47 -12.72
C GLN B 336 -37.99 -2.25 -13.38
N ILE B 337 -37.98 -3.57 -13.28
CA ILE B 337 -36.90 -4.41 -13.86
C ILE B 337 -37.06 -4.38 -15.38
N ALA B 338 -38.30 -4.37 -15.86
CA ALA B 338 -38.61 -4.35 -17.31
C ALA B 338 -38.10 -3.04 -17.90
N ALA B 339 -38.22 -1.94 -17.16
CA ALA B 339 -37.68 -0.62 -17.58
C ALA B 339 -36.14 -0.69 -17.67
N ALA B 340 -35.50 -1.31 -16.69
CA ALA B 340 -34.03 -1.39 -16.66
C ALA B 340 -33.58 -2.26 -17.85
N LEU B 341 -34.33 -3.31 -18.18
CA LEU B 341 -33.97 -4.22 -19.29
C LEU B 341 -33.99 -3.46 -20.62
N VAL B 342 -35.06 -2.73 -20.91
CA VAL B 342 -35.20 -2.09 -22.24
C VAL B 342 -34.14 -0.99 -22.36
N SER B 343 -33.83 -0.30 -21.25
CA SER B 343 -32.76 0.72 -21.21
C SER B 343 -31.42 0.09 -21.64
N ARG B 344 -31.04 -1.04 -21.07
CA ARG B 344 -29.78 -1.76 -21.43
C ARG B 344 -29.81 -2.12 -22.92
N LEU B 345 -30.95 -2.57 -23.45
CA LEU B 345 -30.96 -2.98 -24.87
C LEU B 345 -30.79 -1.74 -25.73
N ARG B 346 -31.49 -0.68 -25.38
CA ARG B 346 -31.43 0.60 -26.14
C ARG B 346 -29.99 1.12 -26.15
N GLN B 347 -29.34 1.08 -25.00
CA GLN B 347 -28.02 1.76 -24.86
C GLN B 347 -26.92 0.94 -25.53
N ALA B 348 -27.19 -0.34 -25.82
CA ALA B 348 -26.31 -1.24 -26.59
C ALA B 348 -26.53 -1.06 -28.08
N GLY B 349 -27.46 -0.20 -28.48
CA GLY B 349 -27.76 0.04 -29.90
C GLY B 349 -28.62 -1.08 -30.51
N LEU B 350 -29.28 -1.87 -29.68
CA LEU B 350 -30.02 -3.07 -30.17
C LEU B 350 -31.42 -2.68 -30.72
N PHE B 351 -31.86 -1.44 -30.57
CA PHE B 351 -33.12 -0.92 -31.15
C PHE B 351 -32.87 -0.17 -32.48
N LEU B 352 -31.64 -0.03 -32.95
CA LEU B 352 -31.34 0.84 -34.10
C LEU B 352 -32.17 0.41 -35.31
N ASP B 353 -32.37 -0.90 -35.51
CA ASP B 353 -33.11 -1.38 -36.71
C ASP B 353 -34.48 -1.95 -36.35
N ALA B 354 -35.02 -1.62 -35.18
CA ALA B 354 -36.28 -2.26 -34.70
C ALA B 354 -37.40 -1.24 -34.84
N PRO B 355 -38.43 -1.51 -35.69
CA PRO B 355 -39.33 -0.45 -36.13
C PRO B 355 -39.96 0.14 -34.86
N GLU B 356 -40.67 -0.67 -34.08
CA GLU B 356 -41.45 -0.14 -32.93
C GLU B 356 -40.48 0.54 -31.95
N TRP B 357 -39.52 -0.23 -31.44
CA TRP B 357 -38.71 0.17 -30.26
C TRP B 357 -37.79 1.34 -30.60
N SER B 358 -37.26 1.41 -31.84
CA SER B 358 -36.32 2.47 -32.32
C SER B 358 -36.88 3.84 -31.98
N GLU B 359 -38.21 3.97 -31.76
CA GLU B 359 -38.93 5.27 -31.69
C GLU B 359 -39.81 5.37 -30.44
N ARG B 360 -40.03 4.29 -29.71
CA ARG B 360 -40.89 4.37 -28.50
C ARG B 360 -40.32 5.43 -27.56
N PRO B 361 -41.15 6.28 -26.93
CA PRO B 361 -40.67 7.19 -25.90
C PRO B 361 -39.99 6.46 -24.74
N VAL B 362 -38.89 6.99 -24.21
CA VAL B 362 -38.15 6.41 -23.05
C VAL B 362 -39.04 6.48 -21.81
N THR B 363 -39.93 7.48 -21.77
CA THR B 363 -40.93 7.70 -20.70
C THR B 363 -41.78 6.42 -20.53
N GLU B 364 -41.92 5.57 -21.55
CA GLU B 364 -42.82 4.39 -21.54
C GLU B 364 -42.09 3.05 -21.27
N ASP B 365 -40.84 3.09 -20.81
CA ASP B 365 -40.02 1.86 -20.61
C ASP B 365 -40.62 0.95 -19.53
N GLY B 366 -41.44 1.45 -18.61
CA GLY B 366 -42.09 0.60 -17.59
C GLY B 366 -43.38 -0.04 -18.07
N ASP B 367 -43.94 0.38 -19.21
CA ASP B 367 -45.40 0.21 -19.50
C ASP B 367 -45.69 -0.88 -20.52
N TRP B 368 -44.70 -1.64 -20.97
CA TRP B 368 -44.80 -2.56 -22.12
C TRP B 368 -45.21 -3.99 -21.70
N LEU B 369 -45.24 -4.33 -20.41
CA LEU B 369 -45.66 -5.69 -19.95
C LEU B 369 -47.19 -5.86 -20.17
N LEU B 370 -47.63 -7.04 -20.63
CA LEU B 370 -49.06 -7.34 -20.93
C LEU B 370 -49.76 -7.79 -19.65
N ARG B 371 -49.00 -8.16 -18.62
CA ARG B 371 -49.51 -8.32 -17.24
C ARG B 371 -48.35 -8.16 -16.28
N VAL B 372 -48.67 -7.67 -15.09
CA VAL B 372 -47.68 -7.23 -14.07
C VAL B 372 -48.01 -7.96 -12.78
N PRO B 373 -47.02 -8.18 -11.89
CA PRO B 373 -47.27 -8.85 -10.61
C PRO B 373 -48.30 -8.08 -9.80
N PRO B 374 -49.23 -8.75 -9.07
CA PRO B 374 -50.19 -8.03 -8.25
C PRO B 374 -49.50 -7.31 -7.10
N GLU B 375 -50.12 -6.24 -6.61
CA GLU B 375 -49.56 -5.36 -5.57
C GLU B 375 -49.88 -5.92 -4.19
N ASP B 376 -50.71 -6.97 -4.09
CA ASP B 376 -51.14 -7.57 -2.80
C ASP B 376 -50.13 -8.65 -2.36
N ALA B 377 -48.97 -8.78 -3.00
CA ALA B 377 -48.04 -9.89 -2.72
C ALA B 377 -46.64 -9.47 -3.10
N PRO B 378 -45.61 -9.92 -2.37
CA PRO B 378 -44.24 -9.57 -2.71
C PRO B 378 -43.86 -10.26 -4.02
N PHE B 379 -43.01 -9.61 -4.82
CA PHE B 379 -42.36 -10.21 -6.00
C PHE B 379 -41.32 -11.20 -5.50
N LEU B 380 -40.50 -10.78 -4.52
CA LEU B 380 -39.28 -11.51 -4.10
C LEU B 380 -39.60 -12.37 -2.89
N PRO B 381 -39.00 -13.58 -2.80
CA PRO B 381 -39.17 -14.43 -1.63
C PRO B 381 -38.35 -13.90 -0.43
N ALA B 382 -39.01 -13.61 0.69
CA ALA B 382 -38.38 -13.21 1.97
C ALA B 382 -37.29 -14.21 2.39
N ASP B 383 -37.44 -15.51 2.14
CA ASP B 383 -36.45 -16.52 2.58
C ASP B 383 -35.13 -16.27 1.83
N LYS B 384 -35.17 -16.04 0.52
CA LYS B 384 -33.92 -15.81 -0.25
C LYS B 384 -33.34 -14.41 0.12
N ILE B 385 -34.17 -13.44 0.48
CA ILE B 385 -33.68 -12.10 0.91
C ILE B 385 -32.86 -12.30 2.18
N ALA B 386 -33.41 -13.03 3.15
CA ALA B 386 -32.75 -13.28 4.45
C ALA B 386 -31.47 -14.10 4.23
N ALA B 387 -31.49 -15.06 3.31
CA ALA B 387 -30.32 -15.91 2.97
C ALA B 387 -29.18 -15.06 2.34
N GLU B 388 -29.48 -14.21 1.35
CA GLU B 388 -28.48 -13.29 0.74
C GLU B 388 -27.93 -12.32 1.81
N ALA B 389 -28.78 -11.82 2.71
CA ALA B 389 -28.35 -10.87 3.75
C ALA B 389 -27.38 -11.56 4.71
N LYS B 390 -27.55 -12.85 4.98
CA LYS B 390 -26.65 -13.59 5.91
C LYS B 390 -25.37 -13.94 5.17
N LYS B 391 -25.42 -14.21 3.88
CA LYS B 391 -24.17 -14.30 3.07
C LYS B 391 -23.42 -12.96 3.21
N VAL B 392 -24.09 -11.82 3.08
CA VAL B 392 -23.42 -10.47 3.17
C VAL B 392 -22.84 -10.27 4.59
N GLY B 393 -23.67 -10.35 5.64
CA GLY B 393 -23.31 -10.11 7.05
C GLY B 393 -22.22 -11.06 7.53
N GLY B 394 -22.41 -12.36 7.31
CA GLY B 394 -21.42 -13.40 7.69
C GLY B 394 -20.09 -13.20 7.01
N GLY B 395 -20.11 -12.76 5.74
CA GLY B 395 -18.90 -12.49 4.93
C GLY B 395 -18.02 -11.39 5.54
N VAL B 396 -18.60 -10.28 5.96
CA VAL B 396 -17.85 -9.18 6.62
C VAL B 396 -17.50 -9.61 8.07
N LEU B 397 -18.44 -10.18 8.83
CA LEU B 397 -18.25 -10.52 10.28
C LEU B 397 -17.13 -11.53 10.44
N SER B 398 -17.00 -12.47 9.52
CA SER B 398 -15.93 -13.50 9.46
C SER B 398 -14.57 -12.87 9.17
N LYS B 399 -14.47 -11.63 8.67
CA LYS B 399 -13.16 -11.05 8.29
C LYS B 399 -12.73 -9.98 9.31
N LEU B 400 -13.40 -9.90 10.45
CA LEU B 400 -13.01 -8.96 11.55
C LEU B 400 -11.99 -9.65 12.45
N TYR B 401 -10.77 -9.16 12.52
CA TYR B 401 -9.77 -9.69 13.47
C TYR B 401 -10.30 -9.61 14.87
N LEU B 402 -11.09 -8.60 15.19
CA LEU B 402 -11.51 -8.42 16.61
C LEU B 402 -12.87 -9.08 16.86
N GLY B 403 -13.39 -9.81 15.89
CA GLY B 403 -14.46 -10.79 16.14
C GLY B 403 -15.83 -10.13 16.17
N LYS B 404 -15.97 -8.83 16.39
CA LYS B 404 -17.29 -8.18 16.40
C LYS B 404 -17.21 -6.79 15.76
N MET B 405 -18.30 -6.46 15.11
CA MET B 405 -18.44 -5.17 14.42
C MET B 405 -18.31 -4.08 15.48
N PRO B 406 -17.56 -3.00 15.26
CA PRO B 406 -17.53 -1.90 16.23
C PRO B 406 -18.91 -1.24 16.22
N THR B 407 -19.30 -0.68 17.35
CA THR B 407 -20.55 0.09 17.45
C THR B 407 -20.27 1.52 16.99
N GLU B 408 -21.32 2.33 16.83
CA GLU B 408 -21.18 3.75 16.46
C GLU B 408 -20.40 4.46 17.57
N HIS B 409 -20.67 4.12 18.84
CA HIS B 409 -19.95 4.72 19.98
C HIS B 409 -18.47 4.34 19.90
N ASP B 410 -18.17 3.09 19.56
CA ASP B 410 -16.76 2.64 19.47
C ASP B 410 -16.03 3.47 18.41
N VAL B 411 -16.67 3.67 17.27
CA VAL B 411 -16.02 4.44 16.16
C VAL B 411 -15.92 5.93 16.54
N ALA B 412 -16.94 6.50 17.16
CA ALA B 412 -16.90 7.87 17.66
C ALA B 412 -15.83 8.05 18.73
N GLN B 413 -15.73 7.14 19.69
CA GLN B 413 -14.67 7.15 20.72
C GLN B 413 -13.30 7.20 20.02
N ALA B 414 -13.07 6.28 19.08
CA ALA B 414 -11.79 6.24 18.33
C ALA B 414 -11.54 7.63 17.70
N THR B 415 -12.56 8.18 17.04
CA THR B 415 -12.46 9.46 16.31
C THR B 415 -12.02 10.56 17.30
N VAL B 416 -12.66 10.59 18.49
CA VAL B 416 -12.39 11.66 19.49
C VAL B 416 -10.97 11.47 20.04
N PHE B 417 -10.50 10.23 20.16
CA PHE B 417 -9.11 9.97 20.60
C PHE B 417 -8.13 10.39 19.50
N PHE B 418 -8.40 10.05 18.23
CA PHE B 418 -7.49 10.44 17.12
C PHE B 418 -7.41 11.98 17.04
N LEU B 419 -8.53 12.68 17.24
CA LEU B 419 -8.57 14.16 17.12
C LEU B 419 -7.66 14.84 18.15
N ALA B 420 -7.31 14.15 19.24
CA ALA B 420 -6.42 14.72 20.27
C ALA B 420 -4.93 14.60 19.86
N ASP B 421 -4.60 13.69 18.94
CA ASP B 421 -3.20 13.54 18.48
C ASP B 421 -2.77 14.79 17.68
N ARG B 422 -1.49 15.14 17.77
CA ARG B 422 -0.94 16.35 17.11
C ARG B 422 0.18 15.98 16.14
N ALA B 423 0.47 14.69 15.96
CA ALA B 423 1.62 14.26 15.17
C ALA B 423 1.24 13.52 13.88
N VAL B 424 -0.04 13.15 13.67
CA VAL B 424 -0.41 12.41 12.44
C VAL B 424 -1.02 13.37 11.41
N SER B 425 -0.59 13.28 10.16
CA SER B 425 -1.29 13.93 9.01
C SER B 425 -1.10 13.10 7.75
N GLY B 426 -2.13 13.01 6.93
CA GLY B 426 -2.05 12.29 5.65
C GLY B 426 -2.33 10.81 5.82
N GLU B 427 -3.03 10.40 6.87
CA GLU B 427 -3.29 8.96 7.13
C GLU B 427 -4.78 8.66 7.16
N THR B 428 -5.15 7.39 6.95
CA THR B 428 -6.51 6.87 7.16
C THR B 428 -6.47 5.88 8.34
N PHE B 429 -7.07 6.26 9.46
CA PHE B 429 -7.23 5.35 10.63
C PHE B 429 -8.31 4.33 10.27
N MET B 430 -8.24 3.13 10.83
CA MET B 430 -9.10 1.98 10.46
C MET B 430 -9.86 1.47 11.69
N PRO B 431 -10.79 2.23 12.29
CA PRO B 431 -11.58 1.75 13.45
C PRO B 431 -12.71 0.87 12.93
N SER B 432 -12.38 -0.32 12.46
CA SER B 432 -13.29 -1.18 11.65
C SER B 432 -13.55 -2.50 12.38
N GLY B 433 -12.91 -2.71 13.52
CA GLY B 433 -12.92 -4.06 14.13
C GLY B 433 -11.85 -4.95 13.56
N GLY B 434 -10.78 -4.38 12.99
CA GLY B 434 -9.74 -5.18 12.32
C GLY B 434 -10.23 -5.82 11.04
N LEU B 435 -11.08 -5.10 10.30
CA LEU B 435 -11.69 -5.67 9.06
C LEU B 435 -10.59 -5.86 8.02
N SER B 436 -10.50 -7.08 7.50
CA SER B 436 -9.46 -7.47 6.54
C SER B 436 -10.13 -8.17 5.35
N VAL B 437 -10.44 -7.45 4.30
CA VAL B 437 -10.90 -8.08 3.02
C VAL B 437 -9.68 -8.26 2.11
N GLU B 438 -9.28 -9.49 1.80
CA GLU B 438 -8.02 -9.76 1.06
C GLU B 438 -8.34 -9.59 -0.42
N ARG B 439 -7.53 -8.83 -1.13
CA ARG B 439 -7.65 -8.66 -2.59
C ARG B 439 -6.28 -8.23 -3.12
N SER B 440 -6.03 -8.45 -4.41
CA SER B 440 -4.75 -8.12 -5.09
C SER B 440 -4.98 -7.00 -6.14
N THR B 441 -5.94 -6.11 -5.94
CA THR B 441 -6.18 -4.94 -6.85
C THR B 441 -5.31 -3.76 -6.41
N THR B 442 -4.00 -3.80 -6.70
CA THR B 442 -2.95 -2.79 -6.37
C THR B 442 -2.41 -2.11 -7.64
N GLU B 443 -2.09 -0.81 -7.56
CA GLU B 443 -1.49 -0.08 -8.70
C GLU B 443 -0.16 -0.77 -9.02
N ARG B 444 0.08 -1.07 -10.29
CA ARG B 444 1.31 -1.71 -10.83
C ARG B 444 2.07 -0.74 -11.76
N GLU B 445 3.40 -0.75 -11.76
CA GLU B 445 4.21 -0.11 -12.82
C GLU B 445 4.39 -1.12 -13.95
N LEU B 446 4.13 -0.67 -15.18
CA LEU B 446 4.22 -1.55 -16.37
C LEU B 446 5.65 -1.63 -16.92
N PHE B 447 6.06 -2.86 -17.19
CA PHE B 447 7.29 -3.25 -17.92
C PHE B 447 7.03 -4.68 -18.44
N GLY B 448 6.10 -4.87 -19.41
CA GLY B 448 5.71 -6.19 -19.97
C GLY B 448 5.00 -6.11 -21.33
N SER B 449 4.80 -7.23 -22.05
CA SER B 449 4.17 -7.19 -23.40
C SER B 449 3.40 -8.46 -23.82
N PRO B 450 2.53 -8.39 -24.85
CA PRO B 450 1.71 -9.49 -25.41
C PRO B 450 2.12 -9.95 -26.82
N LYS B 451 1.65 -11.12 -27.26
CA LYS B 451 2.11 -11.73 -28.55
C LYS B 451 1.53 -10.96 -29.76
N GLN B 452 2.27 -10.92 -30.86
CA GLN B 452 1.78 -10.22 -32.08
C GLN B 452 0.50 -10.93 -32.51
N GLU B 453 0.38 -12.22 -32.22
CA GLU B 453 -0.83 -13.00 -32.59
C GLU B 453 -2.07 -12.37 -31.92
N ARG B 454 -1.95 -11.96 -30.66
CA ARG B 454 -3.11 -11.32 -29.99
C ARG B 454 -3.42 -10.00 -30.71
N LEU B 455 -2.40 -9.24 -31.07
CA LEU B 455 -2.57 -7.94 -31.76
C LEU B 455 -3.19 -8.14 -33.15
N ASP B 456 -2.85 -9.25 -33.81
CA ASP B 456 -3.35 -9.52 -35.18
C ASP B 456 -4.88 -9.63 -35.18
N GLN B 457 -5.47 -10.05 -34.07
CA GLN B 457 -6.95 -10.16 -33.91
C GLN B 457 -7.61 -8.77 -34.03
N MET B 458 -6.88 -7.67 -33.93
CA MET B 458 -7.43 -6.30 -34.16
C MET B 458 -7.60 -6.06 -35.68
N ARG B 459 -6.96 -6.85 -36.55
CA ARG B 459 -6.99 -6.53 -38.01
C ARG B 459 -8.44 -6.38 -38.48
N GLY B 460 -8.78 -5.28 -39.17
CA GLY B 460 -10.14 -5.06 -39.71
C GLY B 460 -11.13 -4.49 -38.69
N LYS B 461 -10.74 -4.35 -37.41
CA LYS B 461 -11.68 -3.90 -36.36
C LYS B 461 -11.74 -2.37 -36.21
N THR B 462 -12.73 -1.92 -35.47
CA THR B 462 -12.95 -0.50 -35.12
C THR B 462 -12.57 -0.28 -33.64
N VAL B 463 -11.97 0.84 -33.37
CA VAL B 463 -11.59 1.22 -31.98
C VAL B 463 -12.03 2.68 -31.79
N TRP B 464 -12.37 3.03 -30.57
CA TRP B 464 -12.72 4.43 -30.27
C TRP B 464 -11.69 4.97 -29.32
N ILE B 465 -11.20 6.19 -29.61
CA ILE B 465 -10.32 6.93 -28.68
C ILE B 465 -11.05 8.22 -28.34
N ILE B 466 -11.26 8.43 -27.05
CA ILE B 466 -11.98 9.64 -26.56
C ILE B 466 -10.94 10.53 -25.90
N GLY B 467 -10.78 11.76 -26.40
CA GLY B 467 -9.77 12.65 -25.83
C GLY B 467 -9.77 14.02 -26.47
N GLU B 468 -8.89 14.89 -25.98
CA GLU B 468 -8.73 16.24 -26.55
C GLU B 468 -7.30 16.72 -26.32
N HIS B 469 -6.97 17.05 -25.08
CA HIS B 469 -5.65 17.66 -24.73
C HIS B 469 -4.44 16.73 -24.86
N LEU B 470 -4.59 15.42 -24.64
CA LEU B 470 -3.40 14.50 -24.66
C LEU B 470 -2.99 14.12 -26.09
N VAL B 471 -2.57 15.08 -26.91
CA VAL B 471 -2.34 14.86 -28.36
C VAL B 471 -1.30 13.77 -28.62
N ASP B 472 -0.17 13.82 -27.94
CA ASP B 472 0.93 12.87 -28.22
C ASP B 472 0.48 11.44 -27.92
N TYR B 473 -0.27 11.28 -26.84
CA TYR B 473 -0.72 9.95 -26.40
C TYR B 473 -1.81 9.44 -27.37
N LEU B 474 -2.77 10.28 -27.68
CA LEU B 474 -3.87 9.91 -28.60
C LEU B 474 -3.26 9.55 -29.95
N ALA B 475 -2.31 10.34 -30.43
CA ALA B 475 -1.69 10.13 -31.78
C ALA B 475 -0.98 8.80 -31.79
N GLU B 476 -0.14 8.53 -30.78
CA GLU B 476 0.69 7.31 -30.79
C GLU B 476 -0.25 6.10 -30.67
N THR B 477 -1.32 6.20 -29.89
CA THR B 477 -2.24 5.06 -29.68
C THR B 477 -2.98 4.77 -31.02
N ALA B 478 -3.44 5.80 -31.70
CA ALA B 478 -4.14 5.68 -33.00
C ALA B 478 -3.17 5.04 -33.99
N ARG B 479 -1.92 5.51 -34.03
CA ARG B 479 -0.86 4.94 -34.89
C ARG B 479 -0.67 3.46 -34.54
N ALA B 480 -0.51 3.11 -33.26
CA ALA B 480 -0.28 1.71 -32.86
C ALA B 480 -1.47 0.84 -33.33
N PHE B 481 -2.70 1.27 -33.10
CA PHE B 481 -3.87 0.48 -33.54
C PHE B 481 -3.86 0.35 -35.09
N ILE B 482 -3.59 1.42 -35.81
CA ILE B 482 -3.74 1.44 -37.31
C ILE B 482 -2.56 0.74 -37.97
N GLU B 483 -1.35 1.13 -37.60
CA GLU B 483 -0.09 0.69 -38.26
C GLU B 483 0.33 -0.66 -37.69
N ASP B 484 0.28 -0.84 -36.37
CA ASP B 484 0.89 -2.06 -35.79
C ASP B 484 -0.18 -3.14 -35.68
N CYS B 485 -1.45 -2.81 -35.43
CA CYS B 485 -2.51 -3.83 -35.19
C CYS B 485 -3.47 -3.90 -36.41
N HIS B 486 -3.38 -2.99 -37.37
CA HIS B 486 -4.10 -3.07 -38.68
C HIS B 486 -5.60 -2.90 -38.45
N ALA B 487 -5.97 -2.14 -37.42
CA ALA B 487 -7.36 -1.74 -37.22
C ALA B 487 -7.82 -1.02 -38.49
N ALA B 488 -9.06 -1.24 -38.91
CA ALA B 488 -9.66 -0.59 -40.10
C ALA B 488 -10.04 0.87 -39.79
N ASN B 489 -10.51 1.16 -38.58
CA ASN B 489 -11.05 2.49 -38.28
C ASN B 489 -10.72 2.85 -36.83
N VAL B 490 -10.11 3.99 -36.63
CA VAL B 490 -10.02 4.63 -35.28
C VAL B 490 -10.97 5.84 -35.25
N VAL B 491 -12.04 5.75 -34.47
CA VAL B 491 -12.97 6.89 -34.26
C VAL B 491 -12.40 7.72 -33.10
N LEU B 492 -11.90 8.92 -33.42
CA LEU B 492 -11.35 9.85 -32.41
C LEU B 492 -12.47 10.82 -32.02
N ILE B 493 -13.03 10.62 -30.82
CA ILE B 493 -14.20 11.37 -30.29
C ILE B 493 -13.62 12.51 -29.46
N THR B 494 -13.75 13.75 -29.94
CA THR B 494 -13.07 14.91 -29.33
C THR B 494 -14.12 15.90 -28.84
N ARG B 495 -13.68 16.90 -28.09
CA ARG B 495 -14.56 18.01 -27.67
C ARG B 495 -14.64 19.00 -28.82
N THR B 496 -13.59 19.19 -29.62
CA THR B 496 -13.53 20.22 -30.70
C THR B 496 -12.91 19.63 -31.96
N ALA B 497 -13.23 20.22 -33.13
CA ALA B 497 -12.58 19.91 -34.40
C ALA B 497 -11.07 20.15 -34.28
N GLU B 498 -10.64 21.23 -33.59
CA GLU B 498 -9.20 21.56 -33.43
C GLU B 498 -8.48 20.39 -32.72
N GLY B 499 -9.12 19.77 -31.73
CA GLY B 499 -8.55 18.60 -31.03
C GLY B 499 -8.33 17.43 -31.97
N PHE B 500 -9.29 17.16 -32.83
CA PHE B 500 -9.11 16.16 -33.92
C PHE B 500 -7.92 16.53 -34.82
N ASP B 501 -7.87 17.76 -35.32
CA ASP B 501 -6.82 18.15 -36.31
C ASP B 501 -5.44 18.01 -35.69
N ALA B 502 -5.29 18.36 -34.42
CA ALA B 502 -3.97 18.29 -33.74
C ALA B 502 -3.48 16.84 -33.71
N VAL B 503 -4.35 15.88 -33.45
CA VAL B 503 -3.89 14.45 -33.44
C VAL B 503 -3.57 14.05 -34.88
N GLU B 504 -4.50 14.35 -35.80
CA GLU B 504 -4.35 13.94 -37.22
C GLU B 504 -3.01 14.48 -37.77
N ALA B 505 -2.66 15.72 -37.43
CA ALA B 505 -1.43 16.38 -37.92
C ALA B 505 -0.20 15.58 -37.49
N GLN B 506 -0.27 14.76 -36.44
CA GLN B 506 0.90 13.96 -35.99
C GLN B 506 1.00 12.61 -36.69
N LEU B 507 0.04 12.22 -37.52
CA LEU B 507 0.12 10.90 -38.21
C LEU B 507 0.65 11.08 -39.63
N ASP B 508 1.44 10.15 -40.14
CA ASP B 508 1.67 9.96 -41.60
C ASP B 508 0.32 9.91 -42.32
N GLU B 509 0.30 10.45 -43.53
CA GLU B 509 -0.90 10.60 -44.37
C GLU B 509 -1.56 9.22 -44.55
N ASP B 510 -0.78 8.17 -44.78
CA ASP B 510 -1.34 6.82 -45.05
C ASP B 510 -2.05 6.33 -43.79
N VAL B 511 -1.49 6.55 -42.60
CA VAL B 511 -2.15 6.13 -41.33
C VAL B 511 -3.41 6.96 -41.10
N ALA B 512 -3.37 8.27 -41.34
CA ALA B 512 -4.50 9.20 -41.07
C ALA B 512 -5.72 8.81 -41.89
N GLN B 513 -5.53 8.12 -43.02
CA GLN B 513 -6.72 7.74 -43.82
C GLN B 513 -7.58 6.72 -43.04
N SER B 514 -7.11 6.11 -41.94
CA SER B 514 -7.96 5.23 -41.10
C SER B 514 -8.48 5.93 -39.82
N LEU B 515 -8.37 7.26 -39.71
CA LEU B 515 -8.81 8.09 -38.55
C LEU B 515 -10.11 8.80 -38.90
N THR B 516 -11.17 8.56 -38.13
CA THR B 516 -12.48 9.18 -38.31
C THR B 516 -12.76 10.18 -37.19
N SER B 517 -13.25 11.37 -37.50
CA SER B 517 -13.58 12.43 -36.50
C SER B 517 -15.04 12.32 -36.07
N LEU B 518 -15.29 12.32 -34.77
CA LEU B 518 -16.64 12.66 -34.24
C LEU B 518 -16.46 13.67 -33.12
N VAL B 519 -17.01 14.86 -33.31
CA VAL B 519 -16.91 15.94 -32.29
C VAL B 519 -18.17 15.89 -31.44
N VAL B 520 -18.01 15.90 -30.12
CA VAL B 520 -19.20 15.82 -29.22
C VAL B 520 -20.10 17.03 -29.49
N SER B 521 -21.40 16.80 -29.66
CA SER B 521 -22.37 17.89 -29.90
C SER B 521 -23.22 18.13 -28.65
N SER B 522 -23.65 17.07 -27.98
CA SER B 522 -24.39 17.24 -26.70
C SER B 522 -23.57 16.64 -25.56
N ASP B 523 -23.65 15.33 -25.35
CA ASP B 523 -22.88 14.65 -24.28
C ASP B 523 -22.14 13.44 -24.85
N ILE B 524 -21.20 12.92 -24.08
CA ILE B 524 -20.38 11.77 -24.56
C ILE B 524 -21.28 10.56 -24.85
N GLU B 525 -22.30 10.29 -24.02
CA GLU B 525 -23.15 9.10 -24.29
C GLU B 525 -23.81 9.28 -25.67
N ALA B 526 -24.24 10.48 -26.02
CA ALA B 526 -24.90 10.75 -27.33
C ALA B 526 -23.85 10.51 -28.42
N ALA B 527 -22.62 11.01 -28.22
CA ALA B 527 -21.51 10.87 -29.20
C ALA B 527 -21.20 9.36 -29.38
N MET B 528 -21.23 8.60 -28.30
CA MET B 528 -20.97 7.14 -28.39
C MET B 528 -22.11 6.44 -29.17
N ASP B 529 -23.39 6.76 -28.85
CA ASP B 529 -24.59 6.29 -29.61
C ASP B 529 -24.40 6.62 -31.10
N GLU B 530 -23.92 7.82 -31.41
CA GLU B 530 -23.78 8.26 -32.82
C GLU B 530 -22.64 7.47 -33.49
N ALA B 531 -21.49 7.32 -32.81
CA ALA B 531 -20.35 6.54 -33.33
C ALA B 531 -20.80 5.12 -33.63
N LEU B 532 -21.57 4.51 -32.74
CA LEU B 532 -22.03 3.12 -32.87
C LEU B 532 -22.98 3.05 -34.09
N SER B 533 -23.93 3.96 -34.16
CA SER B 533 -24.88 4.05 -35.30
C SER B 533 -24.16 4.23 -36.65
N GLN B 534 -23.12 5.07 -36.75
CA GLN B 534 -22.43 5.43 -38.01
C GLN B 534 -21.41 4.35 -38.41
N TRP B 535 -20.56 3.89 -37.50
CA TRP B 535 -19.41 3.05 -37.91
C TRP B 535 -19.34 1.68 -37.22
N GLY B 536 -20.30 1.35 -36.36
CA GLY B 536 -20.45 -0.01 -35.83
C GLY B 536 -19.77 -0.24 -34.47
N ARG B 537 -19.82 -1.49 -34.02
CA ARG B 537 -19.41 -1.92 -32.67
C ARG B 537 -17.90 -1.86 -32.56
N PRO B 538 -17.38 -1.14 -31.55
CA PRO B 538 -15.94 -1.07 -31.32
C PRO B 538 -15.44 -2.32 -30.56
N THR B 539 -14.18 -2.67 -30.80
CA THR B 539 -13.46 -3.76 -30.14
C THR B 539 -12.75 -3.21 -28.91
N THR B 540 -12.33 -1.94 -28.99
CA THR B 540 -11.57 -1.28 -27.91
C THR B 540 -12.13 0.13 -27.77
N ILE B 541 -12.40 0.56 -26.54
CA ILE B 541 -12.68 1.98 -26.19
C ILE B 541 -11.60 2.46 -25.20
N LEU B 542 -10.88 3.53 -25.58
CA LEU B 542 -9.92 4.20 -24.71
C LEU B 542 -10.56 5.53 -24.29
N SER B 543 -10.83 5.67 -23.00
CA SER B 543 -11.39 6.90 -22.41
C SER B 543 -10.24 7.71 -21.81
N THR B 544 -10.00 8.94 -22.32
CA THR B 544 -9.07 9.91 -21.72
C THR B 544 -9.88 11.15 -21.38
N PRO B 545 -9.42 11.93 -20.38
CA PRO B 545 -10.09 13.17 -20.05
C PRO B 545 -9.90 14.19 -21.16
N PHE B 546 -10.92 14.99 -21.37
CA PHE B 546 -10.90 16.05 -22.38
C PHE B 546 -10.04 17.21 -21.90
N THR B 547 -9.93 17.46 -20.60
CA THR B 547 -9.28 18.71 -20.11
C THR B 547 -8.08 18.36 -19.23
N ALA B 548 -7.07 19.20 -19.23
CA ALA B 548 -5.88 19.07 -18.36
C ALA B 548 -6.27 19.48 -16.95
N LEU B 549 -5.60 18.94 -15.96
CA LEU B 549 -5.80 19.35 -14.54
C LEU B 549 -5.35 20.79 -14.36
N PRO B 550 -6.03 21.50 -13.47
CA PRO B 550 -5.58 22.82 -12.99
C PRO B 550 -4.27 22.75 -12.20
N GLY B 551 -3.54 23.87 -12.17
CA GLY B 551 -2.21 23.98 -11.57
C GLY B 551 -2.25 24.67 -10.21
N LYS B 552 -3.24 24.35 -9.39
CA LYS B 552 -3.50 25.11 -8.15
C LYS B 552 -4.40 24.28 -7.20
N LEU B 553 -4.34 24.65 -5.93
CA LEU B 553 -5.13 23.95 -4.89
C LEU B 553 -5.51 24.94 -3.77
N PHE B 554 -4.66 25.16 -2.77
CA PHE B 554 -4.99 26.01 -1.60
C PHE B 554 -4.24 27.36 -1.65
N GLU B 555 -3.55 27.71 -2.71
CA GLU B 555 -2.74 28.99 -2.78
C GLU B 555 -3.65 30.18 -2.44
N ALA B 556 -3.27 31.04 -1.49
CA ALA B 556 -4.03 32.27 -1.12
C ALA B 556 -4.25 33.15 -2.39
N GLN B 557 -3.26 33.28 -3.26
CA GLN B 557 -3.40 34.16 -4.45
C GLN B 557 -4.49 33.69 -5.42
N ASP B 558 -4.54 32.40 -5.73
CA ASP B 558 -5.50 31.88 -6.73
C ASP B 558 -5.78 30.42 -6.37
N PRO B 559 -6.64 30.12 -5.38
CA PRO B 559 -6.90 28.74 -5.01
C PRO B 559 -7.85 28.04 -5.98
N LEU B 560 -7.90 26.71 -5.90
CA LEU B 560 -8.88 25.96 -6.71
C LEU B 560 -10.22 26.12 -5.99
N THR B 561 -11.17 26.78 -6.63
CA THR B 561 -12.48 27.05 -5.99
C THR B 561 -13.29 25.77 -5.95
N PRO B 562 -14.31 25.69 -5.09
CA PRO B 562 -15.16 24.50 -5.06
C PRO B 562 -15.80 24.21 -6.42
N ASP B 563 -16.20 25.24 -7.17
CA ASP B 563 -16.78 25.02 -8.52
C ASP B 563 -15.71 24.39 -9.42
N GLU B 564 -14.48 24.88 -9.33
CA GLU B 564 -13.37 24.33 -10.15
C GLU B 564 -13.10 22.89 -9.74
N PHE B 565 -13.12 22.60 -8.44
CA PHE B 565 -12.87 21.21 -7.99
C PHE B 565 -13.98 20.31 -8.52
N ARG B 566 -15.22 20.80 -8.48
CA ARG B 566 -16.38 20.06 -9.00
C ARG B 566 -16.15 19.71 -10.47
N GLU B 567 -15.65 20.66 -11.26
CA GLU B 567 -15.33 20.43 -12.68
C GLU B 567 -14.19 19.41 -12.82
N VAL B 568 -13.22 19.40 -11.91
CA VAL B 568 -12.13 18.39 -11.98
C VAL B 568 -12.75 17.02 -11.81
N VAL B 569 -13.68 16.90 -10.85
CA VAL B 569 -14.41 15.62 -10.59
C VAL B 569 -15.21 15.26 -11.84
N ALA B 570 -16.00 16.17 -12.40
CA ALA B 570 -16.78 15.96 -13.65
C ALA B 570 -15.88 15.47 -14.78
N ASP B 571 -14.74 16.13 -14.97
CA ASP B 571 -13.88 15.88 -16.15
C ASP B 571 -13.03 14.63 -15.98
N ASN B 572 -12.80 14.14 -14.75
CA ASN B 572 -11.78 13.11 -14.45
C ASN B 572 -12.37 11.85 -13.78
N LEU B 573 -13.63 11.90 -13.35
CA LEU B 573 -14.28 10.76 -12.68
C LEU B 573 -15.60 10.53 -13.41
N THR B 574 -16.51 11.50 -13.36
CA THR B 574 -17.84 11.38 -13.98
C THR B 574 -17.70 11.06 -15.48
N HIS B 575 -16.81 11.75 -16.17
CA HIS B 575 -16.51 11.49 -17.59
C HIS B 575 -16.31 9.98 -17.83
N HIS B 576 -15.44 9.34 -17.05
CA HIS B 576 -15.13 7.91 -17.27
C HIS B 576 -16.36 7.10 -16.96
N PHE B 577 -17.11 7.46 -15.93
CA PHE B 577 -18.38 6.75 -15.60
C PHE B 577 -19.32 6.80 -16.84
N ARG B 578 -19.45 7.97 -17.44
CA ARG B 578 -20.42 8.24 -18.54
C ARG B 578 -20.01 7.43 -19.76
N VAL B 579 -18.71 7.31 -20.05
CA VAL B 579 -18.19 6.44 -21.13
C VAL B 579 -18.44 4.96 -20.76
N SER B 580 -18.11 4.59 -19.52
CA SER B 580 -18.19 3.19 -19.02
C SER B 580 -19.62 2.66 -19.07
N ARG B 581 -20.61 3.49 -18.77
CA ARG B 581 -21.97 2.95 -18.67
C ARG B 581 -22.50 2.57 -20.07
N ARG B 582 -22.01 3.16 -21.16
CA ARG B 582 -22.29 2.63 -22.53
C ARG B 582 -21.35 1.46 -22.88
N ALA B 583 -20.04 1.64 -22.69
CA ALA B 583 -19.01 0.68 -23.14
C ALA B 583 -19.26 -0.69 -22.51
N SER B 584 -19.78 -0.74 -21.29
CA SER B 584 -20.01 -2.01 -20.55
C SER B 584 -21.16 -2.82 -21.18
N LEU B 585 -21.92 -2.24 -22.10
CA LEU B 585 -23.04 -2.91 -22.84
C LEU B 585 -22.62 -3.43 -24.22
N TYR B 586 -21.35 -3.36 -24.58
CA TYR B 586 -20.91 -3.73 -25.94
C TYR B 586 -20.21 -5.10 -25.94
N ASP B 587 -20.80 -6.05 -26.63
CA ASP B 587 -20.23 -7.39 -26.83
C ASP B 587 -18.83 -7.27 -27.45
N ASP B 588 -17.90 -8.06 -26.92
CA ASP B 588 -16.51 -8.29 -27.41
C ASP B 588 -15.72 -6.98 -27.37
N CYS B 589 -16.08 -6.04 -26.54
CA CYS B 589 -15.37 -4.75 -26.42
C CYS B 589 -14.53 -4.80 -25.13
N GLN B 590 -13.36 -4.22 -25.15
CA GLN B 590 -12.49 -3.99 -23.96
C GLN B 590 -12.49 -2.49 -23.67
N LEU B 591 -12.64 -2.10 -22.40
CA LEU B 591 -12.63 -0.69 -21.99
C LEU B 591 -11.34 -0.36 -21.22
N VAL B 592 -10.74 0.77 -21.55
CA VAL B 592 -9.48 1.27 -20.98
C VAL B 592 -9.71 2.70 -20.50
N LEU B 593 -9.54 2.92 -19.22
CA LEU B 593 -9.74 4.25 -18.59
C LEU B 593 -8.37 4.85 -18.30
N THR B 594 -8.16 6.12 -18.67
CA THR B 594 -6.87 6.78 -18.49
C THR B 594 -7.03 7.86 -17.42
N SER B 595 -6.20 7.84 -16.39
CA SER B 595 -6.13 8.91 -15.36
C SER B 595 -5.17 9.99 -15.90
N PRO B 596 -5.08 11.14 -15.21
CA PRO B 596 -4.38 12.30 -15.77
C PRO B 596 -2.87 12.25 -15.93
N ASP B 597 -2.46 13.16 -16.79
CA ASP B 597 -1.04 13.44 -17.08
C ASP B 597 -0.65 14.76 -16.39
N VAL B 598 0.63 14.98 -16.19
CA VAL B 598 1.14 16.30 -15.70
C VAL B 598 2.21 16.76 -16.70
N ALA B 599 2.13 18.00 -17.19
CA ALA B 599 3.11 18.50 -18.18
C ALA B 599 4.53 18.41 -17.61
N MET B 600 5.49 18.01 -18.43
CA MET B 600 6.88 17.92 -17.97
C MET B 600 7.35 19.27 -17.43
N GLY B 601 8.07 19.24 -16.33
CA GLY B 601 8.60 20.45 -15.66
C GLY B 601 7.59 21.12 -14.75
N ASP B 602 6.31 20.72 -14.73
CA ASP B 602 5.32 21.38 -13.85
C ASP B 602 5.70 21.15 -12.37
N LYS B 603 5.53 22.11 -11.51
CA LYS B 603 5.85 21.94 -10.07
C LYS B 603 4.65 22.36 -9.23
N SER B 604 3.45 22.32 -9.78
CA SER B 604 2.21 22.80 -9.11
C SER B 604 1.56 21.65 -8.35
N PRO B 605 0.40 21.89 -7.72
CA PRO B 605 -0.40 20.81 -7.17
C PRO B 605 -1.10 19.92 -8.21
N ALA B 606 -0.86 20.13 -9.50
CA ALA B 606 -1.42 19.21 -10.54
C ALA B 606 -0.99 17.77 -10.25
N PHE B 607 0.24 17.55 -9.83
CA PHE B 607 0.77 16.21 -9.58
C PHE B 607 -0.03 15.57 -8.43
N ALA B 608 -0.29 16.30 -7.34
CA ALA B 608 -1.18 15.85 -6.22
C ALA B 608 -2.60 15.56 -6.76
N LEU B 609 -3.15 16.43 -7.61
CA LEU B 609 -4.48 16.20 -8.21
C LEU B 609 -4.48 14.94 -9.11
N ALA B 610 -3.40 14.65 -9.83
CA ALA B 610 -3.38 13.45 -10.70
C ALA B 610 -3.43 12.20 -9.81
N ASN B 611 -2.64 12.18 -8.73
CA ASN B 611 -2.56 11.05 -7.78
C ASN B 611 -3.90 10.88 -7.03
N PHE B 612 -4.59 11.96 -6.70
CA PHE B 612 -5.97 11.98 -6.16
C PHE B 612 -6.88 11.25 -7.12
N ILE B 613 -6.85 11.65 -8.41
CA ILE B 613 -7.69 10.97 -9.43
C ILE B 613 -7.31 9.50 -9.58
N LYS B 614 -6.01 9.17 -9.60
CA LYS B 614 -5.55 7.78 -9.81
C LYS B 614 -6.22 6.89 -8.75
N THR B 615 -6.14 7.31 -7.50
CA THR B 615 -6.70 6.55 -6.36
C THR B 615 -8.22 6.43 -6.50
N THR B 616 -8.85 7.55 -6.77
CA THR B 616 -10.33 7.63 -6.73
C THR B 616 -10.89 6.85 -7.92
N LEU B 617 -10.28 6.99 -9.09
CA LEU B 617 -10.76 6.25 -10.28
C LEU B 617 -10.54 4.74 -10.11
N HIS B 618 -9.50 4.32 -9.38
CA HIS B 618 -9.20 2.89 -9.17
C HIS B 618 -10.35 2.18 -8.46
N ALA B 619 -11.07 2.86 -7.52
CA ALA B 619 -12.26 2.35 -6.84
C ALA B 619 -13.31 2.02 -7.93
N PHE B 620 -13.46 2.90 -8.91
CA PHE B 620 -14.43 2.73 -10.04
C PHE B 620 -14.06 1.53 -10.91
N THR B 621 -12.80 1.49 -11.34
CA THR B 621 -12.24 0.46 -12.23
C THR B 621 -12.42 -0.91 -11.57
N ALA B 622 -11.99 -1.05 -10.33
CA ALA B 622 -12.10 -2.30 -9.56
C ALA B 622 -13.57 -2.71 -9.45
N THR B 623 -14.44 -1.77 -9.12
CA THR B 623 -15.86 -2.11 -8.91
C THR B 623 -16.51 -2.52 -10.25
N LEU B 624 -16.30 -1.72 -11.27
CA LEU B 624 -16.90 -1.96 -12.60
C LEU B 624 -16.38 -3.29 -13.17
N ALA B 625 -15.10 -3.63 -12.95
CA ALA B 625 -14.55 -4.90 -13.50
C ALA B 625 -15.36 -6.11 -12.96
N VAL B 626 -15.70 -6.10 -11.68
CA VAL B 626 -16.48 -7.14 -10.99
C VAL B 626 -17.92 -7.10 -11.49
N GLU B 627 -18.57 -5.95 -11.59
CA GLU B 627 -19.96 -5.89 -12.12
C GLU B 627 -20.04 -6.45 -13.54
N ASN B 628 -19.08 -6.11 -14.40
CA ASN B 628 -19.13 -6.42 -15.85
C ASN B 628 -19.05 -7.96 -16.02
N GLU B 629 -18.33 -8.66 -15.14
CA GLU B 629 -18.24 -10.15 -15.22
C GLU B 629 -19.59 -10.77 -14.90
N ARG B 630 -20.48 -10.05 -14.25
CA ARG B 630 -21.83 -10.59 -13.94
C ARG B 630 -22.84 -10.23 -15.02
N LEU B 631 -22.44 -9.45 -16.02
CA LEU B 631 -23.30 -9.06 -17.17
C LEU B 631 -22.98 -10.00 -18.33
N VAL B 632 -23.97 -10.26 -19.19
CA VAL B 632 -23.78 -11.14 -20.36
C VAL B 632 -22.69 -10.55 -21.26
N HIS B 633 -22.52 -9.22 -21.31
CA HIS B 633 -21.53 -8.58 -22.20
C HIS B 633 -20.09 -8.83 -21.76
N ASP B 634 -19.85 -9.07 -20.46
CA ASP B 634 -18.53 -9.50 -19.93
C ASP B 634 -17.39 -8.55 -20.35
N VAL B 635 -17.60 -7.24 -20.27
CA VAL B 635 -16.62 -6.24 -20.82
C VAL B 635 -15.49 -6.08 -19.79
N PRO B 636 -14.24 -6.43 -20.15
CA PRO B 636 -13.09 -6.13 -19.28
C PRO B 636 -12.88 -4.61 -19.14
N VAL B 637 -12.47 -4.16 -17.97
CA VAL B 637 -12.09 -2.73 -17.78
C VAL B 637 -10.81 -2.72 -16.98
N ASN B 638 -9.88 -1.93 -17.48
CA ASN B 638 -8.57 -1.68 -16.86
C ASN B 638 -8.25 -0.20 -16.94
N GLN B 639 -7.34 0.25 -16.08
CA GLN B 639 -6.99 1.68 -15.95
C GLN B 639 -5.49 1.82 -16.22
N ILE B 640 -5.13 2.86 -16.97
CA ILE B 640 -3.73 3.21 -17.24
C ILE B 640 -3.51 4.62 -16.67
N ASN B 641 -2.40 4.80 -15.99
CA ASN B 641 -2.10 6.05 -15.26
C ASN B 641 -0.99 6.77 -16.01
N LEU B 642 -1.23 8.04 -16.37
CA LEU B 642 -0.21 8.90 -17.02
C LEU B 642 0.62 9.71 -16.01
N THR B 643 0.41 9.54 -14.72
CA THR B 643 1.29 10.16 -13.68
C THR B 643 1.85 9.09 -12.77
N ARG B 644 3.12 9.23 -12.40
CA ARG B 644 3.72 8.24 -11.47
C ARG B 644 3.50 8.73 -10.06
N ARG B 645 3.89 7.92 -9.07
CA ARG B 645 3.66 8.19 -7.64
C ARG B 645 4.70 9.16 -7.12
N VAL B 646 5.89 9.14 -7.67
CA VAL B 646 7.04 9.93 -7.16
C VAL B 646 7.34 11.03 -8.17
N GLN B 647 7.29 12.30 -7.76
CA GLN B 647 7.32 13.39 -8.78
C GLN B 647 8.71 13.40 -9.42
N SER B 648 9.79 13.07 -8.70
CA SER B 648 11.16 13.06 -9.30
C SER B 648 11.29 11.96 -10.35
N GLU B 649 10.44 10.95 -10.34
CA GLU B 649 10.48 9.88 -11.36
C GLU B 649 9.68 10.23 -12.62
N GLU B 650 9.01 11.37 -12.62
CA GLU B 650 8.26 11.78 -13.82
C GLU B 650 9.25 12.04 -14.95
N PRO B 651 8.87 11.82 -16.22
CA PRO B 651 9.71 12.18 -17.37
C PRO B 651 10.26 13.61 -17.26
N ARG B 652 11.57 13.79 -17.42
CA ARG B 652 12.13 15.14 -17.22
C ARG B 652 12.82 15.68 -18.48
N ASP B 653 12.84 14.95 -19.59
CA ASP B 653 13.38 15.45 -20.87
C ASP B 653 12.60 14.78 -21.99
N LEU B 654 12.87 15.19 -23.23
CA LEU B 654 12.06 14.77 -24.38
C LEU B 654 12.18 13.25 -24.58
N ASP B 655 13.37 12.68 -24.48
CA ASP B 655 13.61 11.22 -24.60
C ASP B 655 12.68 10.46 -23.63
N GLU B 656 12.59 10.91 -22.40
CA GLU B 656 11.73 10.22 -21.37
C GLU B 656 10.25 10.42 -21.74
N HIS B 657 9.87 11.62 -22.19
CA HIS B 657 8.51 11.88 -22.70
C HIS B 657 8.17 10.91 -23.83
N LEU B 658 9.04 10.76 -24.83
CA LEU B 658 8.72 9.91 -26.00
C LEU B 658 8.66 8.46 -25.54
N GLU B 659 9.47 8.10 -24.56
CA GLU B 659 9.49 6.75 -23.98
C GLU B 659 8.09 6.53 -23.35
N GLU B 660 7.60 7.48 -22.56
CA GLU B 660 6.31 7.34 -21.84
C GLU B 660 5.18 7.24 -22.89
N VAL B 661 5.20 8.08 -23.92
CA VAL B 661 4.14 8.08 -24.99
C VAL B 661 4.07 6.68 -25.61
N ARG B 662 5.21 6.09 -25.92
CA ARG B 662 5.27 4.77 -26.58
C ARG B 662 4.79 3.71 -25.57
N ARG B 663 5.21 3.78 -24.31
CA ARG B 663 4.81 2.84 -23.24
C ARG B 663 3.28 2.93 -23.07
N PHE B 664 2.73 4.12 -23.14
CA PHE B 664 1.27 4.30 -22.97
C PHE B 664 0.53 3.48 -24.03
N ALA B 665 0.92 3.64 -25.28
CA ALA B 665 0.27 2.91 -26.42
C ALA B 665 0.44 1.40 -26.24
N ARG B 666 1.59 0.95 -25.80
CA ARG B 666 1.80 -0.50 -25.48
C ARG B 666 0.86 -0.97 -24.37
N ALA B 667 0.66 -0.15 -23.34
CA ALA B 667 -0.27 -0.49 -22.23
C ALA B 667 -1.72 -0.54 -22.75
N VAL B 668 -2.11 0.39 -23.61
CA VAL B 668 -3.47 0.35 -24.18
C VAL B 668 -3.66 -0.97 -24.94
N LEU B 669 -2.71 -1.34 -25.78
CA LEU B 669 -2.81 -2.59 -26.59
C LEU B 669 -2.84 -3.80 -25.64
N LEU B 670 -2.02 -3.79 -24.58
CA LEU B 670 -1.98 -4.90 -23.59
C LEU B 670 -3.36 -5.17 -22.95
N VAL B 671 -4.11 -4.16 -22.54
CA VAL B 671 -5.46 -4.35 -21.92
C VAL B 671 -6.60 -4.05 -22.89
N GLY B 672 -6.32 -3.62 -24.11
CA GLY B 672 -7.36 -3.28 -25.09
C GLY B 672 -7.55 -4.33 -26.19
N ALA B 673 -6.50 -5.05 -26.55
CA ALA B 673 -6.57 -6.12 -27.57
C ALA B 673 -7.41 -7.24 -26.99
N PRO B 674 -8.17 -7.97 -27.83
CA PRO B 674 -9.02 -9.07 -27.36
C PRO B 674 -8.26 -9.99 -26.41
N LEU B 675 -8.84 -10.27 -25.24
CA LEU B 675 -8.08 -10.81 -24.09
C LEU B 675 -7.69 -12.26 -24.41
N PRO B 676 -6.46 -12.69 -24.03
CA PRO B 676 -5.91 -13.97 -24.46
C PRO B 676 -6.73 -15.14 -23.89
N ASP B 677 -6.47 -16.39 -24.31
CA ASP B 677 -7.07 -17.58 -23.66
C ASP B 677 -6.23 -17.97 -22.44
N ALA B 678 -6.28 -17.12 -21.41
CA ALA B 678 -5.84 -17.37 -20.02
C ALA B 678 -7.09 -17.64 -19.19
N GLU B 679 -8.11 -18.26 -19.80
CA GLU B 679 -9.30 -18.79 -19.10
C GLU B 679 -8.88 -20.10 -18.42
N ASP B 680 -7.82 -20.74 -18.93
CA ASP B 680 -7.17 -21.92 -18.31
C ASP B 680 -6.56 -21.52 -16.96
N SER B 681 -5.77 -20.43 -16.95
CA SER B 681 -5.07 -19.91 -15.74
C SER B 681 -5.95 -18.92 -14.95
N ARG B 682 -6.36 -19.33 -13.73
CA ARG B 682 -6.92 -18.47 -12.65
C ARG B 682 -6.03 -17.23 -12.44
N TYR B 683 -4.70 -17.42 -12.27
CA TYR B 683 -3.74 -16.31 -12.02
C TYR B 683 -3.86 -15.28 -13.16
N ARG B 684 -3.72 -15.68 -14.43
CA ARG B 684 -3.64 -14.77 -15.62
C ARG B 684 -4.99 -14.07 -15.87
N ALA B 685 -6.13 -14.79 -15.78
CA ALA B 685 -7.51 -14.25 -15.92
C ALA B 685 -7.68 -13.00 -15.05
N ARG B 686 -7.23 -13.06 -13.78
CA ARG B 686 -7.39 -11.99 -12.75
C ARG B 686 -6.64 -10.71 -13.16
N ILE B 687 -5.52 -10.83 -13.88
CA ILE B 687 -4.56 -9.70 -14.12
C ILE B 687 -4.93 -8.97 -15.43
N TYR B 688 -6.15 -9.17 -15.96
CA TYR B 688 -6.68 -8.46 -17.15
C TYR B 688 -8.07 -7.93 -16.85
N ARG B 689 -8.45 -7.85 -15.59
CA ARG B 689 -9.72 -7.20 -15.19
C ARG B 689 -9.47 -6.36 -13.92
N GLY B 690 -9.77 -5.07 -14.02
CA GLY B 690 -9.71 -4.13 -12.90
C GLY B 690 -8.30 -3.78 -12.47
N MET B 691 -7.33 -3.87 -13.37
CA MET B 691 -5.94 -3.49 -13.04
C MET B 691 -5.81 -1.95 -13.11
N SER B 692 -4.83 -1.40 -12.39
CA SER B 692 -4.40 0.00 -12.49
C SER B 692 -2.89 -0.05 -12.81
N MET B 693 -2.50 0.32 -14.02
CA MET B 693 -1.11 0.18 -14.50
C MET B 693 -0.57 1.55 -14.86
N THR B 694 0.59 1.89 -14.32
CA THR B 694 1.24 3.20 -14.48
C THR B 694 2.34 3.01 -15.51
N VAL B 695 2.50 3.97 -16.42
CA VAL B 695 3.56 3.87 -17.46
C VAL B 695 4.66 4.90 -17.17
#